data_7AOJ
# 
_entry.id   7AOJ 
# 
_audit_conform.dict_name       mmcif_pdbx.dic 
_audit_conform.dict_version    5.394 
_audit_conform.dict_location   http://mmcif.pdb.org/dictionaries/ascii/mmcif_pdbx.dic 
# 
loop_
_database_2.database_id 
_database_2.database_code 
_database_2.pdbx_database_accession 
_database_2.pdbx_DOI 
PDB   7AOJ         pdb_00007aoj 10.2210/pdb7aoj/pdb 
WWPDB D_1292111525 ?            ?                   
# 
loop_
_pdbx_audit_revision_history.ordinal 
_pdbx_audit_revision_history.data_content_type 
_pdbx_audit_revision_history.major_revision 
_pdbx_audit_revision_history.minor_revision 
_pdbx_audit_revision_history.revision_date 
1 'Structure model' 1 0 2022-04-13 
2 'Structure model' 1 1 2022-04-27 
3 'Structure model' 1 2 2024-06-19 
# 
_pdbx_audit_revision_details.ordinal             1 
_pdbx_audit_revision_details.revision_ordinal    1 
_pdbx_audit_revision_details.data_content_type   'Structure model' 
_pdbx_audit_revision_details.provider            repository 
_pdbx_audit_revision_details.type                'Initial release' 
_pdbx_audit_revision_details.description         ? 
_pdbx_audit_revision_details.details             ? 
# 
loop_
_pdbx_audit_revision_group.ordinal 
_pdbx_audit_revision_group.revision_ordinal 
_pdbx_audit_revision_group.data_content_type 
_pdbx_audit_revision_group.group 
1 2 'Structure model' 'Database references' 
2 3 'Structure model' 'Data collection'     
# 
loop_
_pdbx_audit_revision_category.ordinal 
_pdbx_audit_revision_category.revision_ordinal 
_pdbx_audit_revision_category.data_content_type 
_pdbx_audit_revision_category.category 
1 2 'Structure model' citation       
2 3 'Structure model' chem_comp_atom 
3 3 'Structure model' chem_comp_bond 
# 
loop_
_pdbx_audit_revision_item.ordinal 
_pdbx_audit_revision_item.revision_ordinal 
_pdbx_audit_revision_item.data_content_type 
_pdbx_audit_revision_item.item 
1 2 'Structure model' '_citation.journal_volume'          
2 2 'Structure model' '_citation.page_first'              
3 2 'Structure model' '_citation.page_last'               
4 2 'Structure model' '_citation.pdbx_database_id_PubMed' 
5 2 'Structure model' '_citation.title'                   
# 
_pdbx_database_status.status_code                     REL 
_pdbx_database_status.status_code_sf                  REL 
_pdbx_database_status.status_code_mr                  ? 
_pdbx_database_status.entry_id                        7AOJ 
_pdbx_database_status.recvd_initial_deposition_date   2020-10-14 
_pdbx_database_status.SG_entry                        N 
_pdbx_database_status.deposit_site                    PDBE 
_pdbx_database_status.process_site                    PDBE 
_pdbx_database_status.status_code_cs                  ? 
_pdbx_database_status.status_code_nmr_data            ? 
_pdbx_database_status.methods_development_category    ? 
_pdbx_database_status.pdb_format_compatible           Y 
# 
loop_
_audit_author.name 
_audit_author.pdbx_ordinal 
_audit_author.identifier_ORCID 
'Fritz-Wolf, K.' 1 0000-0002-4422-6795 
'Bathke, J.'     2 ?                   
'Rahlfs, S.'     3 0000-0003-4412-9925 
'Becker, K.'     4 0000-0003-4673-3675 
# 
_citation.abstract                  ? 
_citation.abstract_id_CAS           ? 
_citation.book_id_ISBN              ? 
_citation.book_publisher            ? 
_citation.book_publisher_city       ? 
_citation.book_title                ? 
_citation.coordinate_linkage        ? 
_citation.country                   UK 
_citation.database_id_Medline       ? 
_citation.details                   ? 
_citation.id                        primary 
_citation.journal_abbrev            'Curr Res Struct Biol' 
_citation.journal_id_ASTM           ? 
_citation.journal_id_CSD            ? 
_citation.journal_id_ISSN           2665-928X 
_citation.journal_full              ? 
_citation.journal_issue             ? 
_citation.journal_volume            4 
_citation.language                  ? 
_citation.page_first                87 
_citation.page_last                 95 
_citation.title                     'Crystal structure of plasmoredoxin, a redox-active protein unique for malaria parasites.' 
_citation.year                      2022 
_citation.database_id_CSD           ? 
_citation.pdbx_database_id_DOI      10.1016/j.crstbi.2022.03.004 
_citation.pdbx_database_id_PubMed   35434650 
_citation.unpublished_flag          ? 
# 
loop_
_citation_author.citation_id 
_citation_author.name 
_citation_author.ordinal 
_citation_author.identifier_ORCID 
primary 'Fritz-Wolf, K.' 1 ? 
primary 'Bathke, J.'     2 ? 
primary 'Rahlfs, S.'     3 ? 
primary 'Becker, K.'     4 ? 
# 
loop_
_entity.id 
_entity.type 
_entity.src_method 
_entity.pdbx_description 
_entity.formula_weight 
_entity.pdbx_number_of_molecules 
_entity.pdbx_ec 
_entity.pdbx_mutation 
_entity.pdbx_fragment 
_entity.details 
1 polymer     man Plasmoredoxin 21720.846 1   ? ? ? ? 
2 non-polymer syn GLYCEROL      92.094    5   ? ? ? ? 
3 water       nat water         18.015    149 ? ? ? ? 
# 
_entity_poly.entity_id                      1 
_entity_poly.type                           'polypeptide(L)' 
_entity_poly.nstd_linkage                   no 
_entity_poly.nstd_monomer                   no 
_entity_poly.pdbx_seq_one_letter_code       
;MACQVDNPPKTYPNDKTAEYEKYANYMNYLYYYQNNELKKIDSSYFKDKYLGLFFGASWCKYCVTFIDSLNIFKKNFPNV
EIIYIPFDRTYQEYQSFLKNTNFYALPFDNYLYICKKYQIKNLPSFMLITPNNNILVKDAAQLIKTDEYINNLKSLIKNY
IIHPKTFQFNNRFFDLFRN
;
_entity_poly.pdbx_seq_one_letter_code_can   
;MACQVDNPPKTYPNDKTAEYEKYANYMNYLYYYQNNELKKIDSSYFKDKYLGLFFGASWCKYCVTFIDSLNIFKKNFPNV
EIIYIPFDRTYQEYQSFLKNTNFYALPFDNYLYICKKYQIKNLPSFMLITPNNNILVKDAAQLIKTDEYINNLKSLIKNY
IIHPKTFQFNNRFFDLFRN
;
_entity_poly.pdbx_strand_id                 A 
_entity_poly.pdbx_target_identifier         ? 
# 
loop_
_pdbx_entity_nonpoly.entity_id 
_pdbx_entity_nonpoly.name 
_pdbx_entity_nonpoly.comp_id 
2 GLYCEROL GOL 
3 water    HOH 
# 
loop_
_entity_poly_seq.entity_id 
_entity_poly_seq.num 
_entity_poly_seq.mon_id 
_entity_poly_seq.hetero 
1 1   MET n 
1 2   ALA n 
1 3   CYS n 
1 4   GLN n 
1 5   VAL n 
1 6   ASP n 
1 7   ASN n 
1 8   PRO n 
1 9   PRO n 
1 10  LYS n 
1 11  THR n 
1 12  TYR n 
1 13  PRO n 
1 14  ASN n 
1 15  ASP n 
1 16  LYS n 
1 17  THR n 
1 18  ALA n 
1 19  GLU n 
1 20  TYR n 
1 21  GLU n 
1 22  LYS n 
1 23  TYR n 
1 24  ALA n 
1 25  ASN n 
1 26  TYR n 
1 27  MET n 
1 28  ASN n 
1 29  TYR n 
1 30  LEU n 
1 31  TYR n 
1 32  TYR n 
1 33  TYR n 
1 34  GLN n 
1 35  ASN n 
1 36  ASN n 
1 37  GLU n 
1 38  LEU n 
1 39  LYS n 
1 40  LYS n 
1 41  ILE n 
1 42  ASP n 
1 43  SER n 
1 44  SER n 
1 45  TYR n 
1 46  PHE n 
1 47  LYS n 
1 48  ASP n 
1 49  LYS n 
1 50  TYR n 
1 51  LEU n 
1 52  GLY n 
1 53  LEU n 
1 54  PHE n 
1 55  PHE n 
1 56  GLY n 
1 57  ALA n 
1 58  SER n 
1 59  TRP n 
1 60  CYS n 
1 61  LYS n 
1 62  TYR n 
1 63  CYS n 
1 64  VAL n 
1 65  THR n 
1 66  PHE n 
1 67  ILE n 
1 68  ASP n 
1 69  SER n 
1 70  LEU n 
1 71  ASN n 
1 72  ILE n 
1 73  PHE n 
1 74  LYS n 
1 75  LYS n 
1 76  ASN n 
1 77  PHE n 
1 78  PRO n 
1 79  ASN n 
1 80  VAL n 
1 81  GLU n 
1 82  ILE n 
1 83  ILE n 
1 84  TYR n 
1 85  ILE n 
1 86  PRO n 
1 87  PHE n 
1 88  ASP n 
1 89  ARG n 
1 90  THR n 
1 91  TYR n 
1 92  GLN n 
1 93  GLU n 
1 94  TYR n 
1 95  GLN n 
1 96  SER n 
1 97  PHE n 
1 98  LEU n 
1 99  LYS n 
1 100 ASN n 
1 101 THR n 
1 102 ASN n 
1 103 PHE n 
1 104 TYR n 
1 105 ALA n 
1 106 LEU n 
1 107 PRO n 
1 108 PHE n 
1 109 ASP n 
1 110 ASN n 
1 111 TYR n 
1 112 LEU n 
1 113 TYR n 
1 114 ILE n 
1 115 CYS n 
1 116 LYS n 
1 117 LYS n 
1 118 TYR n 
1 119 GLN n 
1 120 ILE n 
1 121 LYS n 
1 122 ASN n 
1 123 LEU n 
1 124 PRO n 
1 125 SER n 
1 126 PHE n 
1 127 MET n 
1 128 LEU n 
1 129 ILE n 
1 130 THR n 
1 131 PRO n 
1 132 ASN n 
1 133 ASN n 
1 134 ASN n 
1 135 ILE n 
1 136 LEU n 
1 137 VAL n 
1 138 LYS n 
1 139 ASP n 
1 140 ALA n 
1 141 ALA n 
1 142 GLN n 
1 143 LEU n 
1 144 ILE n 
1 145 LYS n 
1 146 THR n 
1 147 ASP n 
1 148 GLU n 
1 149 TYR n 
1 150 ILE n 
1 151 ASN n 
1 152 ASN n 
1 153 LEU n 
1 154 LYS n 
1 155 SER n 
1 156 LEU n 
1 157 ILE n 
1 158 LYS n 
1 159 ASN n 
1 160 TYR n 
1 161 ILE n 
1 162 ILE n 
1 163 HIS n 
1 164 PRO n 
1 165 LYS n 
1 166 THR n 
1 167 PHE n 
1 168 GLN n 
1 169 PHE n 
1 170 ASN n 
1 171 ASN n 
1 172 ARG n 
1 173 PHE n 
1 174 PHE n 
1 175 ASP n 
1 176 LEU n 
1 177 PHE n 
1 178 ARG n 
1 179 ASN n 
# 
_entity_src_gen.entity_id                          1 
_entity_src_gen.pdbx_src_id                        1 
_entity_src_gen.pdbx_alt_source_flag               sample 
_entity_src_gen.pdbx_seq_type                      'Biological sequence' 
_entity_src_gen.pdbx_beg_seq_num                   1 
_entity_src_gen.pdbx_end_seq_num                   179 
_entity_src_gen.gene_src_common_name               ? 
_entity_src_gen.gene_src_genus                     ? 
_entity_src_gen.pdbx_gene_src_gene                 PF3D7_0303600 
_entity_src_gen.gene_src_species                   ? 
_entity_src_gen.gene_src_strain                    'isolate 3D7' 
_entity_src_gen.gene_src_tissue                    ? 
_entity_src_gen.gene_src_tissue_fraction           ? 
_entity_src_gen.gene_src_details                   ? 
_entity_src_gen.pdbx_gene_src_fragment             ? 
_entity_src_gen.pdbx_gene_src_scientific_name      'Plasmodium falciparum (isolate 3D7)' 
_entity_src_gen.pdbx_gene_src_ncbi_taxonomy_id     36329 
_entity_src_gen.pdbx_gene_src_variant              ? 
_entity_src_gen.pdbx_gene_src_cell_line            ? 
_entity_src_gen.pdbx_gene_src_atcc                 ? 
_entity_src_gen.pdbx_gene_src_organ                ? 
_entity_src_gen.pdbx_gene_src_organelle            ? 
_entity_src_gen.pdbx_gene_src_cell                 ? 
_entity_src_gen.pdbx_gene_src_cellular_location    ? 
_entity_src_gen.host_org_common_name               ? 
_entity_src_gen.pdbx_host_org_scientific_name      'Escherichia coli BL21(DE3)' 
_entity_src_gen.pdbx_host_org_ncbi_taxonomy_id     469008 
_entity_src_gen.host_org_genus                     ? 
_entity_src_gen.pdbx_host_org_gene                 ? 
_entity_src_gen.pdbx_host_org_organ                ? 
_entity_src_gen.host_org_species                   ? 
_entity_src_gen.pdbx_host_org_tissue               ? 
_entity_src_gen.pdbx_host_org_tissue_fraction      ? 
_entity_src_gen.pdbx_host_org_strain               ? 
_entity_src_gen.pdbx_host_org_variant              ? 
_entity_src_gen.pdbx_host_org_cell_line            ? 
_entity_src_gen.pdbx_host_org_atcc                 ? 
_entity_src_gen.pdbx_host_org_culture_collection   ? 
_entity_src_gen.pdbx_host_org_cell                 ? 
_entity_src_gen.pdbx_host_org_organelle            ? 
_entity_src_gen.pdbx_host_org_cellular_location    ? 
_entity_src_gen.pdbx_host_org_vector_type          ? 
_entity_src_gen.pdbx_host_org_vector               ? 
_entity_src_gen.host_org_details                   ? 
_entity_src_gen.expression_system_id               ? 
_entity_src_gen.plasmid_name                       ? 
_entity_src_gen.plasmid_details                    ? 
_entity_src_gen.pdbx_description                   ? 
# 
loop_
_chem_comp.id 
_chem_comp.type 
_chem_comp.mon_nstd_flag 
_chem_comp.name 
_chem_comp.pdbx_synonyms 
_chem_comp.formula 
_chem_comp.formula_weight 
ALA 'L-peptide linking' y ALANINE         ?                               'C3 H7 N O2'     89.093  
ARG 'L-peptide linking' y ARGININE        ?                               'C6 H15 N4 O2 1' 175.209 
ASN 'L-peptide linking' y ASPARAGINE      ?                               'C4 H8 N2 O3'    132.118 
ASP 'L-peptide linking' y 'ASPARTIC ACID' ?                               'C4 H7 N O4'     133.103 
CYS 'L-peptide linking' y CYSTEINE        ?                               'C3 H7 N O2 S'   121.158 
GLN 'L-peptide linking' y GLUTAMINE       ?                               'C5 H10 N2 O3'   146.144 
GLU 'L-peptide linking' y 'GLUTAMIC ACID' ?                               'C5 H9 N O4'     147.129 
GLY 'peptide linking'   y GLYCINE         ?                               'C2 H5 N O2'     75.067  
GOL non-polymer         . GLYCEROL        'GLYCERIN; PROPANE-1,2,3-TRIOL' 'C3 H8 O3'       92.094  
HIS 'L-peptide linking' y HISTIDINE       ?                               'C6 H10 N3 O2 1' 156.162 
HOH non-polymer         . WATER           ?                               'H2 O'           18.015  
ILE 'L-peptide linking' y ISOLEUCINE      ?                               'C6 H13 N O2'    131.173 
LEU 'L-peptide linking' y LEUCINE         ?                               'C6 H13 N O2'    131.173 
LYS 'L-peptide linking' y LYSINE          ?                               'C6 H15 N2 O2 1' 147.195 
MET 'L-peptide linking' y METHIONINE      ?                               'C5 H11 N O2 S'  149.211 
PHE 'L-peptide linking' y PHENYLALANINE   ?                               'C9 H11 N O2'    165.189 
PRO 'L-peptide linking' y PROLINE         ?                               'C5 H9 N O2'     115.130 
SER 'L-peptide linking' y SERINE          ?                               'C3 H7 N O3'     105.093 
THR 'L-peptide linking' y THREONINE       ?                               'C4 H9 N O3'     119.119 
TRP 'L-peptide linking' y TRYPTOPHAN      ?                               'C11 H12 N2 O2'  204.225 
TYR 'L-peptide linking' y TYROSINE        ?                               'C9 H11 N O3'    181.189 
VAL 'L-peptide linking' y VALINE          ?                               'C5 H11 N O2'    117.146 
# 
loop_
_pdbx_poly_seq_scheme.asym_id 
_pdbx_poly_seq_scheme.entity_id 
_pdbx_poly_seq_scheme.seq_id 
_pdbx_poly_seq_scheme.mon_id 
_pdbx_poly_seq_scheme.ndb_seq_num 
_pdbx_poly_seq_scheme.pdb_seq_num 
_pdbx_poly_seq_scheme.auth_seq_num 
_pdbx_poly_seq_scheme.pdb_mon_id 
_pdbx_poly_seq_scheme.auth_mon_id 
_pdbx_poly_seq_scheme.pdb_strand_id 
_pdbx_poly_seq_scheme.pdb_ins_code 
_pdbx_poly_seq_scheme.hetero 
A 1 1   MET 1   1   ?   ?   ?   A . n 
A 1 2   ALA 2   2   ?   ?   ?   A . n 
A 1 3   CYS 3   3   ?   ?   ?   A . n 
A 1 4   GLN 4   4   ?   ?   ?   A . n 
A 1 5   VAL 5   5   ?   ?   ?   A . n 
A 1 6   ASP 6   6   ?   ?   ?   A . n 
A 1 7   ASN 7   7   ?   ?   ?   A . n 
A 1 8   PRO 8   8   ?   ?   ?   A . n 
A 1 9   PRO 9   9   ?   ?   ?   A . n 
A 1 10  LYS 10  10  ?   ?   ?   A . n 
A 1 11  THR 11  11  ?   ?   ?   A . n 
A 1 12  TYR 12  12  ?   ?   ?   A . n 
A 1 13  PRO 13  13  ?   ?   ?   A . n 
A 1 14  ASN 14  14  ?   ?   ?   A . n 
A 1 15  ASP 15  15  ?   ?   ?   A . n 
A 1 16  LYS 16  16  ?   ?   ?   A . n 
A 1 17  THR 17  17  ?   ?   ?   A . n 
A 1 18  ALA 18  18  ?   ?   ?   A . n 
A 1 19  GLU 19  19  ?   ?   ?   A . n 
A 1 20  TYR 20  20  ?   ?   ?   A . n 
A 1 21  GLU 21  21  ?   ?   ?   A . n 
A 1 22  LYS 22  22  22  LYS LYS A . n 
A 1 23  TYR 23  23  23  TYR TYR A . n 
A 1 24  ALA 24  24  24  ALA ALA A . n 
A 1 25  ASN 25  25  25  ASN ASN A . n 
A 1 26  TYR 26  26  26  TYR TYR A . n 
A 1 27  MET 27  27  27  MET MET A . n 
A 1 28  ASN 28  28  28  ASN ASN A . n 
A 1 29  TYR 29  29  29  TYR TYR A . n 
A 1 30  LEU 30  30  30  LEU LEU A . n 
A 1 31  TYR 31  31  31  TYR TYR A . n 
A 1 32  TYR 32  32  32  TYR TYR A . n 
A 1 33  TYR 33  33  33  TYR TYR A . n 
A 1 34  GLN 34  34  34  GLN GLN A . n 
A 1 35  ASN 35  35  35  ASN ASN A . n 
A 1 36  ASN 36  36  36  ASN ASN A . n 
A 1 37  GLU 37  37  37  GLU GLU A . n 
A 1 38  LEU 38  38  38  LEU LEU A . n 
A 1 39  LYS 39  39  39  LYS LYS A . n 
A 1 40  LYS 40  40  40  LYS LYS A . n 
A 1 41  ILE 41  41  41  ILE ILE A . n 
A 1 42  ASP 42  42  42  ASP ASP A . n 
A 1 43  SER 43  43  43  SER SER A . n 
A 1 44  SER 44  44  44  SER SER A . n 
A 1 45  TYR 45  45  45  TYR TYR A . n 
A 1 46  PHE 46  46  46  PHE PHE A . n 
A 1 47  LYS 47  47  47  LYS LYS A . n 
A 1 48  ASP 48  48  48  ASP ASP A . n 
A 1 49  LYS 49  49  49  LYS LYS A . n 
A 1 50  TYR 50  50  50  TYR TYR A . n 
A 1 51  LEU 51  51  51  LEU LEU A . n 
A 1 52  GLY 52  52  52  GLY GLY A . n 
A 1 53  LEU 53  53  53  LEU LEU A . n 
A 1 54  PHE 54  54  54  PHE PHE A . n 
A 1 55  PHE 55  55  55  PHE PHE A . n 
A 1 56  GLY 56  56  56  GLY GLY A . n 
A 1 57  ALA 57  57  57  ALA ALA A . n 
A 1 58  SER 58  58  58  SER SER A . n 
A 1 59  TRP 59  59  59  TRP TRP A . n 
A 1 60  CYS 60  60  60  CYS CYS A . n 
A 1 61  LYS 61  61  61  LYS LYS A . n 
A 1 62  TYR 62  62  62  TYR TYR A . n 
A 1 63  CYS 63  63  63  CYS CYS A . n 
A 1 64  VAL 64  64  64  VAL VAL A . n 
A 1 65  THR 65  65  65  THR THR A . n 
A 1 66  PHE 66  66  66  PHE PHE A . n 
A 1 67  ILE 67  67  67  ILE ILE A . n 
A 1 68  ASP 68  68  68  ASP ASP A . n 
A 1 69  SER 69  69  69  SER SER A . n 
A 1 70  LEU 70  70  70  LEU LEU A . n 
A 1 71  ASN 71  71  71  ASN ASN A . n 
A 1 72  ILE 72  72  72  ILE ILE A . n 
A 1 73  PHE 73  73  73  PHE PHE A . n 
A 1 74  LYS 74  74  74  LYS LYS A . n 
A 1 75  LYS 75  75  75  LYS LYS A . n 
A 1 76  ASN 76  76  76  ASN ASN A . n 
A 1 77  PHE 77  77  77  PHE PHE A . n 
A 1 78  PRO 78  78  78  PRO PRO A . n 
A 1 79  ASN 79  79  79  ASN ASN A . n 
A 1 80  VAL 80  80  80  VAL VAL A . n 
A 1 81  GLU 81  81  81  GLU GLU A . n 
A 1 82  ILE 82  82  82  ILE ILE A . n 
A 1 83  ILE 83  83  83  ILE ILE A . n 
A 1 84  TYR 84  84  84  TYR TYR A . n 
A 1 85  ILE 85  85  85  ILE ILE A . n 
A 1 86  PRO 86  86  86  PRO PRO A . n 
A 1 87  PHE 87  87  87  PHE PHE A . n 
A 1 88  ASP 88  88  88  ASP ASP A . n 
A 1 89  ARG 89  89  89  ARG ARG A . n 
A 1 90  THR 90  90  90  THR THR A . n 
A 1 91  TYR 91  91  91  TYR TYR A . n 
A 1 92  GLN 92  92  92  GLN GLN A . n 
A 1 93  GLU 93  93  93  GLU GLU A . n 
A 1 94  TYR 94  94  94  TYR TYR A . n 
A 1 95  GLN 95  95  95  GLN GLN A . n 
A 1 96  SER 96  96  96  SER SER A . n 
A 1 97  PHE 97  97  97  PHE PHE A . n 
A 1 98  LEU 98  98  98  LEU LEU A . n 
A 1 99  LYS 99  99  99  LYS LYS A . n 
A 1 100 ASN 100 100 100 ASN ASN A . n 
A 1 101 THR 101 101 101 THR THR A . n 
A 1 102 ASN 102 102 102 ASN ASN A . n 
A 1 103 PHE 103 103 103 PHE PHE A . n 
A 1 104 TYR 104 104 104 TYR TYR A . n 
A 1 105 ALA 105 105 105 ALA ALA A . n 
A 1 106 LEU 106 106 106 LEU LEU A . n 
A 1 107 PRO 107 107 107 PRO PRO A . n 
A 1 108 PHE 108 108 108 PHE PHE A . n 
A 1 109 ASP 109 109 109 ASP ASP A . n 
A 1 110 ASN 110 110 110 ASN ASN A . n 
A 1 111 TYR 111 111 111 TYR TYR A . n 
A 1 112 LEU 112 112 112 LEU LEU A . n 
A 1 113 TYR 113 113 113 TYR TYR A . n 
A 1 114 ILE 114 114 114 ILE ILE A . n 
A 1 115 CYS 115 115 115 CYS CYS A . n 
A 1 116 LYS 116 116 116 LYS LYS A . n 
A 1 117 LYS 117 117 117 LYS LYS A . n 
A 1 118 TYR 118 118 118 TYR TYR A . n 
A 1 119 GLN 119 119 119 GLN GLN A . n 
A 1 120 ILE 120 120 120 ILE ILE A . n 
A 1 121 LYS 121 121 121 LYS LYS A . n 
A 1 122 ASN 122 122 122 ASN ASN A . n 
A 1 123 LEU 123 123 123 LEU LEU A . n 
A 1 124 PRO 124 124 124 PRO PRO A . n 
A 1 125 SER 125 125 125 SER SER A . n 
A 1 126 PHE 126 126 126 PHE PHE A . n 
A 1 127 MET 127 127 127 MET MET A . n 
A 1 128 LEU 128 128 128 LEU LEU A . n 
A 1 129 ILE 129 129 129 ILE ILE A . n 
A 1 130 THR 130 130 130 THR THR A . n 
A 1 131 PRO 131 131 131 PRO PRO A . n 
A 1 132 ASN 132 132 132 ASN ASN A . n 
A 1 133 ASN 133 133 133 ASN ASN A . n 
A 1 134 ASN 134 134 134 ASN ASN A . n 
A 1 135 ILE 135 135 135 ILE ILE A . n 
A 1 136 LEU 136 136 136 LEU LEU A . n 
A 1 137 VAL 137 137 137 VAL VAL A . n 
A 1 138 LYS 138 138 138 LYS LYS A . n 
A 1 139 ASP 139 139 139 ASP ASP A . n 
A 1 140 ALA 140 140 140 ALA ALA A . n 
A 1 141 ALA 141 141 141 ALA ALA A . n 
A 1 142 GLN 142 142 142 GLN GLN A . n 
A 1 143 LEU 143 143 143 LEU LEU A . n 
A 1 144 ILE 144 144 144 ILE ILE A . n 
A 1 145 LYS 145 145 145 LYS LYS A . n 
A 1 146 THR 146 146 146 THR THR A . n 
A 1 147 ASP 147 147 147 ASP ASP A . n 
A 1 148 GLU 148 148 148 GLU GLU A . n 
A 1 149 TYR 149 149 149 TYR TYR A . n 
A 1 150 ILE 150 150 150 ILE ILE A . n 
A 1 151 ASN 151 151 151 ASN ASN A . n 
A 1 152 ASN 152 152 152 ASN ASN A . n 
A 1 153 LEU 153 153 153 LEU LEU A . n 
A 1 154 LYS 154 154 154 LYS LYS A . n 
A 1 155 SER 155 155 155 SER SER A . n 
A 1 156 LEU 156 156 156 LEU LEU A . n 
A 1 157 ILE 157 157 157 ILE ILE A . n 
A 1 158 LYS 158 158 158 LYS LYS A . n 
A 1 159 ASN 159 159 159 ASN ASN A . n 
A 1 160 TYR 160 160 160 TYR TYR A . n 
A 1 161 ILE 161 161 161 ILE ILE A . n 
A 1 162 ILE 162 162 162 ILE ILE A . n 
A 1 163 HIS 163 163 163 HIS HIS A . n 
A 1 164 PRO 164 164 164 PRO PRO A . n 
A 1 165 LYS 165 165 165 LYS LYS A . n 
A 1 166 THR 166 166 166 THR THR A . n 
A 1 167 PHE 167 167 167 PHE PHE A . n 
A 1 168 GLN 168 168 168 GLN GLN A . n 
A 1 169 PHE 169 169 169 PHE PHE A . n 
A 1 170 ASN 170 170 170 ASN ASN A . n 
A 1 171 ASN 171 171 171 ASN ASN A . n 
A 1 172 ARG 172 172 172 ARG ARG A . n 
A 1 173 PHE 173 173 173 PHE PHE A . n 
A 1 174 PHE 174 174 174 PHE PHE A . n 
A 1 175 ASP 175 175 175 ASP ASP A . n 
A 1 176 LEU 176 176 176 LEU LEU A . n 
A 1 177 PHE 177 177 177 PHE PHE A . n 
A 1 178 ARG 178 178 178 ARG ARG A . n 
A 1 179 ASN 179 179 179 ASN ASN A . n 
# 
loop_
_pdbx_nonpoly_scheme.asym_id 
_pdbx_nonpoly_scheme.entity_id 
_pdbx_nonpoly_scheme.mon_id 
_pdbx_nonpoly_scheme.ndb_seq_num 
_pdbx_nonpoly_scheme.pdb_seq_num 
_pdbx_nonpoly_scheme.auth_seq_num 
_pdbx_nonpoly_scheme.pdb_mon_id 
_pdbx_nonpoly_scheme.auth_mon_id 
_pdbx_nonpoly_scheme.pdb_strand_id 
_pdbx_nonpoly_scheme.pdb_ins_code 
B 2 GOL 1   201 1   GOL GOL A . 
C 2 GOL 1   202 2   GOL GOL A . 
D 2 GOL 1   203 3   GOL GOL A . 
E 2 GOL 1   204 4   GOL GOL A . 
F 2 GOL 1   205 5   GOL GOL A . 
G 3 HOH 1   301 137 HOH HOH A . 
G 3 HOH 2   302 17  HOH HOH A . 
G 3 HOH 3   303 14  HOH HOH A . 
G 3 HOH 4   304 103 HOH HOH A . 
G 3 HOH 5   305 151 HOH HOH A . 
G 3 HOH 6   306 143 HOH HOH A . 
G 3 HOH 7   307 98  HOH HOH A . 
G 3 HOH 8   308 90  HOH HOH A . 
G 3 HOH 9   309 26  HOH HOH A . 
G 3 HOH 10  310 36  HOH HOH A . 
G 3 HOH 11  311 149 HOH HOH A . 
G 3 HOH 12  312 21  HOH HOH A . 
G 3 HOH 13  313 30  HOH HOH A . 
G 3 HOH 14  314 75  HOH HOH A . 
G 3 HOH 15  315 131 HOH HOH A . 
G 3 HOH 16  316 12  HOH HOH A . 
G 3 HOH 17  317 37  HOH HOH A . 
G 3 HOH 18  318 76  HOH HOH A . 
G 3 HOH 19  319 93  HOH HOH A . 
G 3 HOH 20  320 9   HOH HOH A . 
G 3 HOH 21  321 20  HOH HOH A . 
G 3 HOH 22  322 48  HOH HOH A . 
G 3 HOH 23  323 49  HOH HOH A . 
G 3 HOH 24  324 132 HOH HOH A . 
G 3 HOH 25  325 4   HOH HOH A . 
G 3 HOH 26  326 53  HOH HOH A . 
G 3 HOH 27  327 134 HOH HOH A . 
G 3 HOH 28  328 56  HOH HOH A . 
G 3 HOH 29  329 108 HOH HOH A . 
G 3 HOH 30  330 25  HOH HOH A . 
G 3 HOH 31  331 39  HOH HOH A . 
G 3 HOH 32  332 65  HOH HOH A . 
G 3 HOH 33  333 42  HOH HOH A . 
G 3 HOH 34  334 70  HOH HOH A . 
G 3 HOH 35  335 47  HOH HOH A . 
G 3 HOH 36  336 100 HOH HOH A . 
G 3 HOH 37  337 61  HOH HOH A . 
G 3 HOH 38  338 62  HOH HOH A . 
G 3 HOH 39  339 128 HOH HOH A . 
G 3 HOH 40  340 112 HOH HOH A . 
G 3 HOH 41  341 130 HOH HOH A . 
G 3 HOH 42  342 15  HOH HOH A . 
G 3 HOH 43  343 74  HOH HOH A . 
G 3 HOH 44  344 58  HOH HOH A . 
G 3 HOH 45  345 24  HOH HOH A . 
G 3 HOH 46  346 7   HOH HOH A . 
G 3 HOH 47  347 2   HOH HOH A . 
G 3 HOH 48  348 31  HOH HOH A . 
G 3 HOH 49  349 8   HOH HOH A . 
G 3 HOH 50  350 109 HOH HOH A . 
G 3 HOH 51  351 59  HOH HOH A . 
G 3 HOH 52  352 19  HOH HOH A . 
G 3 HOH 53  353 5   HOH HOH A . 
G 3 HOH 54  354 60  HOH HOH A . 
G 3 HOH 55  355 22  HOH HOH A . 
G 3 HOH 56  356 28  HOH HOH A . 
G 3 HOH 57  357 3   HOH HOH A . 
G 3 HOH 58  358 10  HOH HOH A . 
G 3 HOH 59  359 32  HOH HOH A . 
G 3 HOH 60  360 101 HOH HOH A . 
G 3 HOH 61  361 43  HOH HOH A . 
G 3 HOH 62  362 82  HOH HOH A . 
G 3 HOH 63  363 73  HOH HOH A . 
G 3 HOH 64  364 125 HOH HOH A . 
G 3 HOH 65  365 80  HOH HOH A . 
G 3 HOH 66  366 38  HOH HOH A . 
G 3 HOH 67  367 141 HOH HOH A . 
G 3 HOH 68  368 117 HOH HOH A . 
G 3 HOH 69  369 54  HOH HOH A . 
G 3 HOH 70  370 135 HOH HOH A . 
G 3 HOH 71  371 85  HOH HOH A . 
G 3 HOH 72  372 95  HOH HOH A . 
G 3 HOH 73  373 94  HOH HOH A . 
G 3 HOH 74  374 57  HOH HOH A . 
G 3 HOH 75  375 67  HOH HOH A . 
G 3 HOH 76  376 124 HOH HOH A . 
G 3 HOH 77  377 121 HOH HOH A . 
G 3 HOH 78  378 66  HOH HOH A . 
G 3 HOH 79  379 34  HOH HOH A . 
G 3 HOH 80  380 156 HOH HOH A . 
G 3 HOH 81  381 18  HOH HOH A . 
G 3 HOH 82  382 45  HOH HOH A . 
G 3 HOH 83  383 148 HOH HOH A . 
G 3 HOH 84  384 44  HOH HOH A . 
G 3 HOH 85  385 29  HOH HOH A . 
G 3 HOH 86  386 1   HOH HOH A . 
G 3 HOH 87  387 13  HOH HOH A . 
G 3 HOH 88  388 92  HOH HOH A . 
G 3 HOH 89  389 114 HOH HOH A . 
G 3 HOH 90  390 126 HOH HOH A . 
G 3 HOH 91  391 97  HOH HOH A . 
G 3 HOH 92  392 63  HOH HOH A . 
G 3 HOH 93  393 154 HOH HOH A . 
G 3 HOH 94  394 6   HOH HOH A . 
G 3 HOH 95  395 41  HOH HOH A . 
G 3 HOH 96  396 46  HOH HOH A . 
G 3 HOH 97  397 81  HOH HOH A . 
G 3 HOH 98  398 40  HOH HOH A . 
G 3 HOH 99  399 77  HOH HOH A . 
G 3 HOH 100 400 27  HOH HOH A . 
G 3 HOH 101 401 23  HOH HOH A . 
G 3 HOH 102 402 71  HOH HOH A . 
G 3 HOH 103 403 79  HOH HOH A . 
G 3 HOH 104 404 11  HOH HOH A . 
G 3 HOH 105 405 86  HOH HOH A . 
G 3 HOH 106 406 153 HOH HOH A . 
G 3 HOH 107 407 133 HOH HOH A . 
G 3 HOH 108 408 83  HOH HOH A . 
G 3 HOH 109 409 113 HOH HOH A . 
G 3 HOH 110 410 146 HOH HOH A . 
G 3 HOH 111 411 84  HOH HOH A . 
G 3 HOH 112 412 78  HOH HOH A . 
G 3 HOH 113 413 123 HOH HOH A . 
G 3 HOH 114 414 89  HOH HOH A . 
G 3 HOH 115 415 145 HOH HOH A . 
G 3 HOH 116 416 116 HOH HOH A . 
G 3 HOH 117 417 110 HOH HOH A . 
G 3 HOH 118 418 68  HOH HOH A . 
G 3 HOH 119 419 139 HOH HOH A . 
G 3 HOH 120 420 152 HOH HOH A . 
G 3 HOH 121 421 107 HOH HOH A . 
G 3 HOH 122 422 69  HOH HOH A . 
G 3 HOH 123 423 136 HOH HOH A . 
G 3 HOH 124 424 52  HOH HOH A . 
G 3 HOH 125 425 115 HOH HOH A . 
G 3 HOH 126 426 64  HOH HOH A . 
G 3 HOH 127 427 150 HOH HOH A . 
G 3 HOH 128 428 119 HOH HOH A . 
G 3 HOH 129 429 96  HOH HOH A . 
G 3 HOH 130 430 127 HOH HOH A . 
G 3 HOH 131 431 16  HOH HOH A . 
G 3 HOH 132 432 87  HOH HOH A . 
G 3 HOH 133 433 104 HOH HOH A . 
G 3 HOH 134 434 140 HOH HOH A . 
G 3 HOH 135 435 51  HOH HOH A . 
G 3 HOH 136 436 155 HOH HOH A . 
G 3 HOH 137 437 142 HOH HOH A . 
G 3 HOH 138 438 91  HOH HOH A . 
G 3 HOH 139 439 55  HOH HOH A . 
G 3 HOH 140 440 105 HOH HOH A . 
G 3 HOH 141 441 72  HOH HOH A . 
G 3 HOH 142 442 111 HOH HOH A . 
G 3 HOH 143 443 106 HOH HOH A . 
G 3 HOH 144 444 118 HOH HOH A . 
G 3 HOH 145 445 144 HOH HOH A . 
G 3 HOH 146 446 99  HOH HOH A . 
G 3 HOH 147 447 138 HOH HOH A . 
G 3 HOH 148 448 35  HOH HOH A . 
G 3 HOH 149 449 50  HOH HOH A . 
# 
loop_
_software.citation_id 
_software.classification 
_software.compiler_name 
_software.compiler_version 
_software.contact_author 
_software.contact_author_email 
_software.date 
_software.description 
_software.dependencies 
_software.hardware 
_software.language 
_software.location 
_software.mods 
_software.name 
_software.os 
_software.os_version 
_software.type 
_software.version 
_software.pdbx_ordinal 
? refinement       ? ? ? ? ? ? ? ? ? ? ? PHENIX ? ? ? 1.15.2_3472 1 
? refinement       ? ? ? ? ? ? ? ? ? ? ? PHENIX ? ? ? 1.15.2_3472 2 
? 'data reduction' ? ? ? ? ? ? ? ? ? ? ? XDS    ? ? ? .           3 
? 'data scaling'   ? ? ? ? ? ? ? ? ? ? ? XSCALE ? ? ? .           4 
? phasing          ? ? ? ? ? ? ? ? ? ? ? PHENIX ? ? ? .           5 
# 
_cell.angle_alpha                  90.000 
_cell.angle_alpha_esd              ? 
_cell.angle_beta                   90.000 
_cell.angle_beta_esd               ? 
_cell.angle_gamma                  120.000 
_cell.angle_gamma_esd              ? 
_cell.entry_id                     7AOJ 
_cell.details                      ? 
_cell.formula_units_Z              ? 
_cell.length_a                     74.000 
_cell.length_a_esd                 ? 
_cell.length_b                     74.000 
_cell.length_b_esd                 ? 
_cell.length_c                     65.270 
_cell.length_c_esd                 ? 
_cell.volume                       309533.518 
_cell.volume_esd                   ? 
_cell.Z_PDB                        6 
_cell.reciprocal_angle_alpha       ? 
_cell.reciprocal_angle_beta        ? 
_cell.reciprocal_angle_gamma       ? 
_cell.reciprocal_angle_alpha_esd   ? 
_cell.reciprocal_angle_beta_esd    ? 
_cell.reciprocal_angle_gamma_esd   ? 
_cell.reciprocal_length_a          ? 
_cell.reciprocal_length_b          ? 
_cell.reciprocal_length_c          ? 
_cell.reciprocal_length_a_esd      ? 
_cell.reciprocal_length_b_esd      ? 
_cell.reciprocal_length_c_esd      ? 
_cell.pdbx_unique_axis             ? 
# 
_symmetry.entry_id                         7AOJ 
_symmetry.cell_setting                     ? 
_symmetry.Int_Tables_number                169 
_symmetry.space_group_name_Hall            'P 61' 
_symmetry.space_group_name_H-M             'P 61' 
_symmetry.pdbx_full_space_group_name_H-M   ? 
# 
_exptl.absorpt_coefficient_mu     ? 
_exptl.absorpt_correction_T_max   ? 
_exptl.absorpt_correction_T_min   ? 
_exptl.absorpt_correction_type    ? 
_exptl.absorpt_process_details    ? 
_exptl.entry_id                   7AOJ 
_exptl.crystals_number            1 
_exptl.details                    ? 
_exptl.method                     'X-RAY DIFFRACTION' 
_exptl.method_details             ? 
# 
_exptl_crystal.colour                      ? 
_exptl_crystal.density_diffrn              ? 
_exptl_crystal.density_Matthews            2.38 
_exptl_crystal.density_method              ? 
_exptl_crystal.density_percent_sol         48.21 
_exptl_crystal.description                 ? 
_exptl_crystal.F_000                       ? 
_exptl_crystal.id                          1 
_exptl_crystal.preparation                 ? 
_exptl_crystal.size_max                    ? 
_exptl_crystal.size_mid                    ? 
_exptl_crystal.size_min                    ? 
_exptl_crystal.size_rad                    ? 
_exptl_crystal.colour_lustre               ? 
_exptl_crystal.colour_modifier             ? 
_exptl_crystal.colour_primary              ? 
_exptl_crystal.density_meas                ? 
_exptl_crystal.density_meas_esd            ? 
_exptl_crystal.density_meas_gt             ? 
_exptl_crystal.density_meas_lt             ? 
_exptl_crystal.density_meas_temp           ? 
_exptl_crystal.density_meas_temp_esd       ? 
_exptl_crystal.density_meas_temp_gt        ? 
_exptl_crystal.density_meas_temp_lt        ? 
_exptl_crystal.pdbx_crystal_image_url      ? 
_exptl_crystal.pdbx_crystal_image_format   ? 
_exptl_crystal.pdbx_mosaicity              ? 
_exptl_crystal.pdbx_mosaicity_esd          ? 
# 
_exptl_crystal_grow.apparatus       ? 
_exptl_crystal_grow.atmosphere      ? 
_exptl_crystal_grow.crystal_id      1 
_exptl_crystal_grow.details         ? 
_exptl_crystal_grow.method          'VAPOR DIFFUSION, HANGING DROP' 
_exptl_crystal_grow.method_ref      ? 
_exptl_crystal_grow.pH              ? 
_exptl_crystal_grow.pressure        ? 
_exptl_crystal_grow.pressure_esd    ? 
_exptl_crystal_grow.seeding         ? 
_exptl_crystal_grow.seeding_ref     ? 
_exptl_crystal_grow.temp            293 
_exptl_crystal_grow.temp_details    ? 
_exptl_crystal_grow.temp_esd        ? 
_exptl_crystal_grow.time            ? 
_exptl_crystal_grow.pdbx_details    '1,6 ammonium sulfate,  0.5 M glycine' 
_exptl_crystal_grow.pdbx_pH_range   ? 
# 
_diffrn.ambient_environment              ? 
_diffrn.ambient_temp                     100 
_diffrn.ambient_temp_details             ? 
_diffrn.ambient_temp_esd                 ? 
_diffrn.crystal_id                       1 
_diffrn.crystal_support                  ? 
_diffrn.crystal_treatment                ? 
_diffrn.details                          ? 
_diffrn.id                               1 
_diffrn.ambient_pressure                 ? 
_diffrn.ambient_pressure_esd             ? 
_diffrn.ambient_pressure_gt              ? 
_diffrn.ambient_pressure_lt              ? 
_diffrn.ambient_temp_gt                  ? 
_diffrn.ambient_temp_lt                  ? 
_diffrn.pdbx_serial_crystal_experiment   N 
# 
_diffrn_detector.details                      ? 
_diffrn_detector.detector                     CCD 
_diffrn_detector.diffrn_id                    1 
_diffrn_detector.type                         'ADSC QUANTUM 4' 
_diffrn_detector.area_resol_mean              ? 
_diffrn_detector.dtime                        ? 
_diffrn_detector.pdbx_frames_total            ? 
_diffrn_detector.pdbx_collection_time_total   ? 
_diffrn_detector.pdbx_collection_date         2003-03-11 
_diffrn_detector.pdbx_frequency               ? 
# 
_diffrn_radiation.collimation                      ? 
_diffrn_radiation.diffrn_id                        1 
_diffrn_radiation.filter_edge                      ? 
_diffrn_radiation.inhomogeneity                    ? 
_diffrn_radiation.monochromator                    ? 
_diffrn_radiation.polarisn_norm                    ? 
_diffrn_radiation.polarisn_ratio                   ? 
_diffrn_radiation.probe                            ? 
_diffrn_radiation.type                             ? 
_diffrn_radiation.xray_symbol                      ? 
_diffrn_radiation.wavelength_id                    1 
_diffrn_radiation.pdbx_monochromatic_or_laue_m_l   M 
_diffrn_radiation.pdbx_wavelength_list             ? 
_diffrn_radiation.pdbx_wavelength                  ? 
_diffrn_radiation.pdbx_diffrn_protocol             'SINGLE WAVELENGTH' 
_diffrn_radiation.pdbx_analyzer                    ? 
_diffrn_radiation.pdbx_scattering_type             x-ray 
# 
_diffrn_radiation_wavelength.id           1 
_diffrn_radiation_wavelength.wavelength   0.9793 
_diffrn_radiation_wavelength.wt           1.0 
# 
_diffrn_source.current                     ? 
_diffrn_source.details                     ? 
_diffrn_source.diffrn_id                   1 
_diffrn_source.power                       ? 
_diffrn_source.size                        ? 
_diffrn_source.source                      SYNCHROTRON 
_diffrn_source.target                      ? 
_diffrn_source.type                        'ESRF BEAMLINE ID14-4' 
_diffrn_source.voltage                     ? 
_diffrn_source.take-off_angle              ? 
_diffrn_source.pdbx_wavelength_list        0.9793 
_diffrn_source.pdbx_wavelength             ? 
_diffrn_source.pdbx_synchrotron_beamline   ID14-4 
_diffrn_source.pdbx_synchrotron_site       ESRF 
# 
_reflns.B_iso_Wilson_estimate            19.86 
_reflns.entry_id                         7AOJ 
_reflns.data_reduction_details           ? 
_reflns.data_reduction_method            ? 
_reflns.d_resolution_high                1.63 
_reflns.d_resolution_low                 19.45 
_reflns.details                          ? 
_reflns.limit_h_max                      ? 
_reflns.limit_h_min                      ? 
_reflns.limit_k_max                      ? 
_reflns.limit_k_min                      ? 
_reflns.limit_l_max                      ? 
_reflns.limit_l_min                      ? 
_reflns.number_all                       ? 
_reflns.number_obs                       25144 
_reflns.observed_criterion               ? 
_reflns.observed_criterion_F_max         ? 
_reflns.observed_criterion_F_min         ? 
_reflns.observed_criterion_I_max         ? 
_reflns.observed_criterion_I_min         ? 
_reflns.observed_criterion_sigma_F       ? 
_reflns.observed_criterion_sigma_I       ? 
_reflns.percent_possible_obs             99.16 
_reflns.R_free_details                   ? 
_reflns.Rmerge_F_all                     ? 
_reflns.Rmerge_F_obs                     ? 
_reflns.Friedel_coverage                 ? 
_reflns.number_gt                        ? 
_reflns.threshold_expression             ? 
_reflns.pdbx_redundancy                  9.9 
_reflns.pdbx_Rmerge_I_obs                0.057 
_reflns.pdbx_Rmerge_I_all                ? 
_reflns.pdbx_Rsym_value                  0.057 
_reflns.pdbx_netI_over_av_sigmaI         ? 
_reflns.pdbx_netI_over_sigmaI            33.87 
_reflns.pdbx_res_netI_over_av_sigmaI_2   ? 
_reflns.pdbx_res_netI_over_sigmaI_2      ? 
_reflns.pdbx_chi_squared                 ? 
_reflns.pdbx_scaling_rejects             ? 
_reflns.pdbx_d_res_high_opt              ? 
_reflns.pdbx_d_res_low_opt               ? 
_reflns.pdbx_d_res_opt_method            ? 
_reflns.phase_calculation_details        ? 
_reflns.pdbx_Rrim_I_all                  0.0593 
_reflns.pdbx_Rpim_I_all                  0.0155 
_reflns.pdbx_d_opt                       ? 
_reflns.pdbx_number_measured_all         ? 
_reflns.pdbx_diffrn_id                   1 
_reflns.pdbx_ordinal                     1 
_reflns.pdbx_CC_half                     1 
_reflns.pdbx_CC_star                     1 
_reflns.pdbx_R_split                     ? 
# 
_reflns_shell.d_res_high                  1.63 
_reflns_shell.d_res_low                   1.69 
_reflns_shell.meanI_over_sigI_all         ? 
_reflns_shell.meanI_over_sigI_obs         4.0 
_reflns_shell.number_measured_all         ? 
_reflns_shell.number_measured_obs         ? 
_reflns_shell.number_possible             ? 
_reflns_shell.number_unique_all           ? 
_reflns_shell.number_unique_obs           2336 
_reflns_shell.percent_possible_all        92.23 
_reflns_shell.percent_possible_obs        ? 
_reflns_shell.Rmerge_F_all                ? 
_reflns_shell.Rmerge_F_obs                ? 
_reflns_shell.Rmerge_I_all                ? 
_reflns_shell.Rmerge_I_obs                0.3433 
_reflns_shell.meanI_over_sigI_gt          ? 
_reflns_shell.meanI_over_uI_all           ? 
_reflns_shell.meanI_over_uI_gt            ? 
_reflns_shell.number_measured_gt          ? 
_reflns_shell.number_unique_gt            ? 
_reflns_shell.percent_possible_gt         ? 
_reflns_shell.Rmerge_F_gt                 ? 
_reflns_shell.Rmerge_I_gt                 ? 
_reflns_shell.pdbx_redundancy             4.2 
_reflns_shell.pdbx_Rsym_value             0.339 
_reflns_shell.pdbx_chi_squared            ? 
_reflns_shell.pdbx_netI_over_sigmaI_all   ? 
_reflns_shell.pdbx_netI_over_sigmaI_obs   ? 
_reflns_shell.pdbx_Rrim_I_all             0.3908 
_reflns_shell.pdbx_Rpim_I_all             0.1802 
_reflns_shell.pdbx_rejects                ? 
_reflns_shell.pdbx_ordinal                1 
_reflns_shell.pdbx_diffrn_id              1 
_reflns_shell.pdbx_CC_half                0.87 
_reflns_shell.pdbx_CC_star                0.965 
_reflns_shell.pdbx_R_split                ? 
# 
_refine.aniso_B[1][1]                            ? 
_refine.aniso_B[1][2]                            ? 
_refine.aniso_B[1][3]                            ? 
_refine.aniso_B[2][2]                            ? 
_refine.aniso_B[2][3]                            ? 
_refine.aniso_B[3][3]                            ? 
_refine.B_iso_max                                ? 
_refine.B_iso_mean                               28.95 
_refine.B_iso_min                                ? 
_refine.correlation_coeff_Fo_to_Fc               ? 
_refine.correlation_coeff_Fo_to_Fc_free          ? 
_refine.details                                  ? 
_refine.diff_density_max                         ? 
_refine.diff_density_max_esd                     ? 
_refine.diff_density_min                         ? 
_refine.diff_density_min_esd                     ? 
_refine.diff_density_rms                         ? 
_refine.diff_density_rms_esd                     ? 
_refine.entry_id                                 7AOJ 
_refine.pdbx_refine_id                           'X-RAY DIFFRACTION' 
_refine.ls_abs_structure_details                 ? 
_refine.ls_abs_structure_Flack                   ? 
_refine.ls_abs_structure_Flack_esd               ? 
_refine.ls_abs_structure_Rogers                  ? 
_refine.ls_abs_structure_Rogers_esd              ? 
_refine.ls_d_res_high                            1.63 
_refine.ls_d_res_low                             19.45 
_refine.ls_extinction_coef                       ? 
_refine.ls_extinction_coef_esd                   ? 
_refine.ls_extinction_expression                 ? 
_refine.ls_extinction_method                     ? 
_refine.ls_goodness_of_fit_all                   ? 
_refine.ls_goodness_of_fit_all_esd               ? 
_refine.ls_goodness_of_fit_obs                   ? 
_refine.ls_goodness_of_fit_obs_esd               ? 
_refine.ls_hydrogen_treatment                    ? 
_refine.ls_matrix_type                           ? 
_refine.ls_number_constraints                    ? 
_refine.ls_number_parameters                     ? 
_refine.ls_number_reflns_all                     ? 
_refine.ls_number_reflns_obs                     25144 
_refine.ls_number_reflns_R_free                  1258 
_refine.ls_number_reflns_R_work                  23886 
_refine.ls_number_restraints                     ? 
_refine.ls_percent_reflns_obs                    99.22 
_refine.ls_percent_reflns_R_free                 5.00 
_refine.ls_R_factor_all                          ? 
_refine.ls_R_factor_obs                          0.1698 
_refine.ls_R_factor_R_free                       0.1997 
_refine.ls_R_factor_R_free_error                 ? 
_refine.ls_R_factor_R_free_error_details         ? 
_refine.ls_R_factor_R_work                       0.1682 
_refine.ls_R_Fsqd_factor_obs                     ? 
_refine.ls_R_I_factor_obs                        ? 
_refine.ls_redundancy_reflns_all                 ? 
_refine.ls_redundancy_reflns_obs                 ? 
_refine.ls_restrained_S_all                      ? 
_refine.ls_restrained_S_obs                      ? 
_refine.ls_shift_over_esd_max                    ? 
_refine.ls_shift_over_esd_mean                   ? 
_refine.ls_structure_factor_coef                 ? 
_refine.ls_weighting_details                     ? 
_refine.ls_weighting_scheme                      ? 
_refine.ls_wR_factor_all                         ? 
_refine.ls_wR_factor_obs                         ? 
_refine.ls_wR_factor_R_free                      ? 
_refine.ls_wR_factor_R_work                      ? 
_refine.occupancy_max                            ? 
_refine.occupancy_min                            ? 
_refine.solvent_model_details                    'FLAT BULK SOLVENT MODEL' 
_refine.solvent_model_param_bsol                 ? 
_refine.solvent_model_param_ksol                 ? 
_refine.pdbx_R_complete                          ? 
_refine.ls_R_factor_gt                           ? 
_refine.ls_goodness_of_fit_gt                    ? 
_refine.ls_goodness_of_fit_ref                   ? 
_refine.ls_shift_over_su_max                     ? 
_refine.ls_shift_over_su_max_lt                  ? 
_refine.ls_shift_over_su_mean                    ? 
_refine.ls_shift_over_su_mean_lt                 ? 
_refine.pdbx_ls_sigma_I                          ? 
_refine.pdbx_ls_sigma_F                          1.37 
_refine.pdbx_ls_sigma_Fsqd                       ? 
_refine.pdbx_data_cutoff_high_absF               ? 
_refine.pdbx_data_cutoff_high_rms_absF           ? 
_refine.pdbx_data_cutoff_low_absF                ? 
_refine.pdbx_isotropic_thermal_model             ? 
_refine.pdbx_ls_cross_valid_method               'FREE R-VALUE' 
_refine.pdbx_method_to_determine_struct          SAD 
_refine.pdbx_starting_model                      ? 
_refine.pdbx_stereochemistry_target_values       'GeoStd + Monomer Library + CDL v1.2' 
_refine.pdbx_R_Free_selection_details            'Random selection' 
_refine.pdbx_stereochem_target_val_spec_case     ? 
_refine.pdbx_overall_ESU_R                       ? 
_refine.pdbx_overall_ESU_R_Free                  ? 
_refine.pdbx_solvent_vdw_probe_radii             1.1100 
_refine.pdbx_solvent_ion_probe_radii             ? 
_refine.pdbx_solvent_shrinkage_radii             0.9000 
_refine.pdbx_real_space_R                        ? 
_refine.pdbx_density_correlation                 ? 
_refine.pdbx_pd_number_of_powder_patterns        ? 
_refine.pdbx_pd_number_of_points                 ? 
_refine.pdbx_pd_meas_number_of_points            ? 
_refine.pdbx_pd_proc_ls_prof_R_factor            ? 
_refine.pdbx_pd_proc_ls_prof_wR_factor           ? 
_refine.pdbx_pd_Marquardt_correlation_coeff      ? 
_refine.pdbx_pd_Fsqrd_R_factor                   ? 
_refine.pdbx_pd_ls_matrix_band_width             ? 
_refine.pdbx_overall_phase_error                 20.5279 
_refine.pdbx_overall_SU_R_free_Cruickshank_DPI   ? 
_refine.pdbx_overall_SU_R_free_Blow_DPI          ? 
_refine.pdbx_overall_SU_R_Blow_DPI               ? 
_refine.pdbx_TLS_residual_ADP_flag               ? 
_refine.pdbx_diffrn_id                           1 
_refine.overall_SU_B                             ? 
_refine.overall_SU_ML                            0.1597 
_refine.overall_SU_R_Cruickshank_DPI             ? 
_refine.overall_SU_R_free                        ? 
_refine.overall_FOM_free_R_set                   ? 
_refine.overall_FOM_work_R_set                   ? 
_refine.pdbx_average_fsc_overall                 ? 
_refine.pdbx_average_fsc_work                    ? 
_refine.pdbx_average_fsc_free                    ? 
# 
_refine_hist.pdbx_refine_id                   'X-RAY DIFFRACTION' 
_refine_hist.cycle_id                         LAST 
_refine_hist.details                          ? 
_refine_hist.d_res_high                       1.63 
_refine_hist.d_res_low                        19.45 
_refine_hist.number_atoms_solvent             149 
_refine_hist.number_atoms_total               1550 
_refine_hist.number_reflns_all                ? 
_refine_hist.number_reflns_obs                ? 
_refine_hist.number_reflns_R_free             ? 
_refine_hist.number_reflns_R_work             ? 
_refine_hist.R_factor_all                     ? 
_refine_hist.R_factor_obs                     ? 
_refine_hist.R_factor_R_free                  ? 
_refine_hist.R_factor_R_work                  ? 
_refine_hist.pdbx_number_residues_total       ? 
_refine_hist.pdbx_B_iso_mean_ligand           ? 
_refine_hist.pdbx_B_iso_mean_solvent          ? 
_refine_hist.pdbx_number_atoms_protein        1371 
_refine_hist.pdbx_number_atoms_nucleic_acid   0 
_refine_hist.pdbx_number_atoms_ligand         30 
_refine_hist.pdbx_number_atoms_lipid          ? 
_refine_hist.pdbx_number_atoms_carb           ? 
_refine_hist.pdbx_pseudo_atom_details         ? 
# 
loop_
_refine_ls_restr.pdbx_refine_id 
_refine_ls_restr.criterion 
_refine_ls_restr.dev_ideal 
_refine_ls_restr.dev_ideal_target 
_refine_ls_restr.number 
_refine_ls_restr.rejects 
_refine_ls_restr.type 
_refine_ls_restr.weight 
_refine_ls_restr.pdbx_restraint_function 
'X-RAY DIFFRACTION' ? 0.0171 ? 1461 ? f_bond_d           ? ? 
'X-RAY DIFFRACTION' ? 1.4848 ? 1969 ? f_angle_d          ? ? 
'X-RAY DIFFRACTION' ? 0.1000 ? 198  ? f_chiral_restr     ? ? 
'X-RAY DIFFRACTION' ? 0.0106 ? 245  ? f_plane_restr      ? ? 
'X-RAY DIFFRACTION' ? 6.4034 ? 1196 ? f_dihedral_angle_d ? ? 
# 
loop_
_refine_ls_shell.pdbx_refine_id 
_refine_ls_shell.d_res_high 
_refine_ls_shell.d_res_low 
_refine_ls_shell.number_reflns_all 
_refine_ls_shell.number_reflns_obs 
_refine_ls_shell.number_reflns_R_free 
_refine_ls_shell.number_reflns_R_work 
_refine_ls_shell.percent_reflns_obs 
_refine_ls_shell.percent_reflns_R_free 
_refine_ls_shell.R_factor_all 
_refine_ls_shell.R_factor_obs 
_refine_ls_shell.R_factor_R_free 
_refine_ls_shell.R_factor_R_free_error 
_refine_ls_shell.R_factor_R_work 
_refine_ls_shell.redundancy_reflns_all 
_refine_ls_shell.redundancy_reflns_obs 
_refine_ls_shell.wR_factor_all 
_refine_ls_shell.wR_factor_obs 
_refine_ls_shell.wR_factor_R_free 
_refine_ls_shell.wR_factor_R_work 
_refine_ls_shell.pdbx_R_complete 
_refine_ls_shell.pdbx_total_number_of_bins_used 
_refine_ls_shell.pdbx_phase_error 
_refine_ls_shell.pdbx_fsc_work 
_refine_ls_shell.pdbx_fsc_free 
'X-RAY DIFFRACTION' 1.63 1.70  . . 131 2473 92.97  . . . 0.2465 . 0.2118 . . . . . . . . . . . 
'X-RAY DIFFRACTION' 1.70 1.77  . . 140 2666 100.00 . . . 0.2338 . 0.2014 . . . . . . . . . . . 
'X-RAY DIFFRACTION' 1.77 1.87  . . 140 2660 100.00 . . . 0.2227 . 0.1940 . . . . . . . . . . . 
'X-RAY DIFFRACTION' 1.87 1.98  . . 140 2654 100.00 . . . 0.2188 . 0.1822 . . . . . . . . . . . 
'X-RAY DIFFRACTION' 1.98 2.14  . . 140 2670 100.00 . . . 0.2237 . 0.1739 . . . . . . . . . . . 
'X-RAY DIFFRACTION' 2.14 2.35  . . 141 2671 100.00 . . . 0.2182 . 0.1700 . . . . . . . . . . . 
'X-RAY DIFFRACTION' 2.35 2.69  . . 141 2680 100.00 . . . 0.2148 . 0.1763 . . . . . . . . . . . 
'X-RAY DIFFRACTION' 2.69 3.39  . . 141 2692 100.00 . . . 0.1824 . 0.1665 . . . . . . . . . . . 
'X-RAY DIFFRACTION' 3.39 19.45 . . 144 2720 99.97  . . . 0.1779 . 0.1493 . . . . . . . . . . . 
# 
_struct.entry_id                     7AOJ 
_struct.title                        'Plasmoredoxin, a redox-active protein unique for malaria parasites' 
_struct.pdbx_model_details           ? 
_struct.pdbx_formula_weight          ? 
_struct.pdbx_formula_weight_method   ? 
_struct.pdbx_model_type_details      ? 
_struct.pdbx_CASP_flag               N 
# 
_struct_keywords.entry_id        7AOJ 
_struct_keywords.text            'Malaria, Plasmodium falciparum, thioredoxin superfamily, redox metabolism, OXIDOREDUCTASE' 
_struct_keywords.pdbx_keywords   OXIDOREDUCTASE 
# 
loop_
_struct_asym.id 
_struct_asym.pdbx_blank_PDB_chainid_flag 
_struct_asym.pdbx_modified 
_struct_asym.entity_id 
_struct_asym.details 
A N N 1 ? 
B N N 2 ? 
C N N 2 ? 
D N N 2 ? 
E N N 2 ? 
F N N 2 ? 
G N N 3 ? 
# 
_struct_ref.id                         1 
_struct_ref.db_name                    UNP 
_struct_ref.db_code                    Q8I224_PLAF7 
_struct_ref.pdbx_db_accession          Q8I224 
_struct_ref.pdbx_db_isoform            ? 
_struct_ref.entity_id                  1 
_struct_ref.pdbx_seq_one_letter_code   
;MACQVDNPPKTYPNDKTAEYEKYANYMNYLYYYQNNELKKIDSSYFKDKYLGLFFGASWCKYCVTFIDSLNIFKKNFPNV
EIIYIPFDRTYQEYQSFLKNTNFYALPFDNYLYICKKYQIKNLPSFMLITPNNNILVKDAAQLIKTDEYINNLKSLIKNY
IIHPKTFQFNNRFFDLFRN
;
_struct_ref.pdbx_align_begin           1 
# 
_struct_ref_seq.align_id                      1 
_struct_ref_seq.ref_id                        1 
_struct_ref_seq.pdbx_PDB_id_code              7AOJ 
_struct_ref_seq.pdbx_strand_id                A 
_struct_ref_seq.seq_align_beg                 1 
_struct_ref_seq.pdbx_seq_align_beg_ins_code   ? 
_struct_ref_seq.seq_align_end                 179 
_struct_ref_seq.pdbx_seq_align_end_ins_code   ? 
_struct_ref_seq.pdbx_db_accession             Q8I224 
_struct_ref_seq.db_align_beg                  1 
_struct_ref_seq.pdbx_db_align_beg_ins_code    ? 
_struct_ref_seq.db_align_end                  179 
_struct_ref_seq.pdbx_db_align_end_ins_code    ? 
_struct_ref_seq.pdbx_auth_seq_align_beg       1 
_struct_ref_seq.pdbx_auth_seq_align_end       179 
# 
_pdbx_struct_assembly.id                   1 
_pdbx_struct_assembly.details              author_and_software_defined_assembly 
_pdbx_struct_assembly.method_details       PISA 
_pdbx_struct_assembly.oligomeric_details   monomeric 
_pdbx_struct_assembly.oligomeric_count     1 
# 
loop_
_pdbx_struct_assembly_prop.biol_id 
_pdbx_struct_assembly_prop.type 
_pdbx_struct_assembly_prop.value 
_pdbx_struct_assembly_prop.details 
1 'ABSA (A^2)' 1250 ? 
1 MORE         -3   ? 
1 'SSA (A^2)'  8960 ? 
# 
_pdbx_struct_assembly_gen.assembly_id       1 
_pdbx_struct_assembly_gen.oper_expression   1 
_pdbx_struct_assembly_gen.asym_id_list      A,B,C,D,E,F,G 
# 
_pdbx_struct_assembly_auth_evidence.id                     1 
_pdbx_struct_assembly_auth_evidence.assembly_id            1 
_pdbx_struct_assembly_auth_evidence.experimental_support   'gel filtration' 
_pdbx_struct_assembly_auth_evidence.details                ? 
# 
_pdbx_struct_oper_list.id                   1 
_pdbx_struct_oper_list.type                 'identity operation' 
_pdbx_struct_oper_list.name                 1_555 
_pdbx_struct_oper_list.symmetry_operation   x,y,z 
_pdbx_struct_oper_list.matrix[1][1]         1.0000000000 
_pdbx_struct_oper_list.matrix[1][2]         0.0000000000 
_pdbx_struct_oper_list.matrix[1][3]         0.0000000000 
_pdbx_struct_oper_list.vector[1]            0.0000000000 
_pdbx_struct_oper_list.matrix[2][1]         0.0000000000 
_pdbx_struct_oper_list.matrix[2][2]         1.0000000000 
_pdbx_struct_oper_list.matrix[2][3]         0.0000000000 
_pdbx_struct_oper_list.vector[2]            0.0000000000 
_pdbx_struct_oper_list.matrix[3][1]         0.0000000000 
_pdbx_struct_oper_list.matrix[3][2]         0.0000000000 
_pdbx_struct_oper_list.matrix[3][3]         1.0000000000 
_pdbx_struct_oper_list.vector[3]            0.0000000000 
# 
loop_
_struct_conf.conf_type_id 
_struct_conf.id 
_struct_conf.pdbx_PDB_helix_id 
_struct_conf.beg_label_comp_id 
_struct_conf.beg_label_asym_id 
_struct_conf.beg_label_seq_id 
_struct_conf.pdbx_beg_PDB_ins_code 
_struct_conf.end_label_comp_id 
_struct_conf.end_label_asym_id 
_struct_conf.end_label_seq_id 
_struct_conf.pdbx_end_PDB_ins_code 
_struct_conf.beg_auth_comp_id 
_struct_conf.beg_auth_asym_id 
_struct_conf.beg_auth_seq_id 
_struct_conf.end_auth_comp_id 
_struct_conf.end_auth_asym_id 
_struct_conf.end_auth_seq_id 
_struct_conf.pdbx_PDB_helix_class 
_struct_conf.details 
_struct_conf.pdbx_PDB_helix_length 
HELX_P HELX_P1 AA1 SER A 44  ? LYS A 47  ? SER A 44  LYS A 47  5 ? 4  
HELX_P HELX_P2 AA2 CYS A 60  ? PHE A 77  ? CYS A 60  PHE A 77  1 ? 18 
HELX_P HELX_P3 AA3 THR A 90  ? ASN A 102 ? THR A 90  ASN A 102 1 ? 13 
HELX_P HELX_P4 AA4 TYR A 111 ? TYR A 118 ? TYR A 111 TYR A 118 1 ? 8  
HELX_P HELX_P5 AA5 ASP A 139 ? LYS A 145 ? ASP A 139 LYS A 145 1 ? 7  
HELX_P HELX_P6 AA6 TYR A 149 ? TYR A 160 ? TYR A 149 TYR A 160 1 ? 12 
HELX_P HELX_P7 AA7 PHE A 167 ? ASN A 171 ? PHE A 167 ASN A 171 5 ? 5  
HELX_P HELX_P8 AA8 ARG A 172 ? ARG A 178 ? ARG A 172 ARG A 178 1 ? 7  
# 
_struct_conf_type.id          HELX_P 
_struct_conf_type.criteria    ? 
_struct_conf_type.reference   ? 
# 
_struct_mon_prot_cis.pdbx_id                1 
_struct_mon_prot_cis.label_comp_id          LEU 
_struct_mon_prot_cis.label_seq_id           123 
_struct_mon_prot_cis.label_asym_id          A 
_struct_mon_prot_cis.label_alt_id           . 
_struct_mon_prot_cis.pdbx_PDB_ins_code      ? 
_struct_mon_prot_cis.auth_comp_id           LEU 
_struct_mon_prot_cis.auth_seq_id            123 
_struct_mon_prot_cis.auth_asym_id           A 
_struct_mon_prot_cis.pdbx_label_comp_id_2   PRO 
_struct_mon_prot_cis.pdbx_label_seq_id_2    124 
_struct_mon_prot_cis.pdbx_label_asym_id_2   A 
_struct_mon_prot_cis.pdbx_PDB_ins_code_2    ? 
_struct_mon_prot_cis.pdbx_auth_comp_id_2    PRO 
_struct_mon_prot_cis.pdbx_auth_seq_id_2     124 
_struct_mon_prot_cis.pdbx_auth_asym_id_2    A 
_struct_mon_prot_cis.pdbx_PDB_model_num     1 
_struct_mon_prot_cis.pdbx_omega_angle       -7.04 
# 
loop_
_struct_sheet.id 
_struct_sheet.type 
_struct_sheet.number_strands 
_struct_sheet.details 
AA1 ? 2 ? 
AA2 ? 5 ? 
# 
loop_
_struct_sheet_order.sheet_id 
_struct_sheet_order.range_id_1 
_struct_sheet_order.range_id_2 
_struct_sheet_order.offset 
_struct_sheet_order.sense 
AA1 1 2 ? anti-parallel 
AA2 1 2 ? parallel      
AA2 2 3 ? parallel      
AA2 3 4 ? anti-parallel 
AA2 4 5 ? anti-parallel 
# 
loop_
_struct_sheet_range.sheet_id 
_struct_sheet_range.id 
_struct_sheet_range.beg_label_comp_id 
_struct_sheet_range.beg_label_asym_id 
_struct_sheet_range.beg_label_seq_id 
_struct_sheet_range.pdbx_beg_PDB_ins_code 
_struct_sheet_range.end_label_comp_id 
_struct_sheet_range.end_label_asym_id 
_struct_sheet_range.end_label_seq_id 
_struct_sheet_range.pdbx_end_PDB_ins_code 
_struct_sheet_range.beg_auth_comp_id 
_struct_sheet_range.beg_auth_asym_id 
_struct_sheet_range.beg_auth_seq_id 
_struct_sheet_range.end_auth_comp_id 
_struct_sheet_range.end_auth_asym_id 
_struct_sheet_range.end_auth_seq_id 
AA1 1 TYR A 29  ? GLN A 34  ? TYR A 29  GLN A 34  
AA1 2 GLU A 37  ? ASP A 42  ? GLU A 37  ASP A 42  
AA2 1 TYR A 104 ? ALA A 105 ? TYR A 104 ALA A 105 
AA2 2 GLU A 81  ? PRO A 86  ? GLU A 81  PRO A 86  
AA2 3 LEU A 51  ? GLY A 56  ? LEU A 51  GLY A 56  
AA2 4 SER A 125 ? ILE A 129 ? SER A 125 ILE A 129 
AA2 5 ILE A 135 ? VAL A 137 ? ILE A 135 VAL A 137 
# 
loop_
_pdbx_struct_sheet_hbond.sheet_id 
_pdbx_struct_sheet_hbond.range_id_1 
_pdbx_struct_sheet_hbond.range_id_2 
_pdbx_struct_sheet_hbond.range_1_label_atom_id 
_pdbx_struct_sheet_hbond.range_1_label_comp_id 
_pdbx_struct_sheet_hbond.range_1_label_asym_id 
_pdbx_struct_sheet_hbond.range_1_label_seq_id 
_pdbx_struct_sheet_hbond.range_1_PDB_ins_code 
_pdbx_struct_sheet_hbond.range_1_auth_atom_id 
_pdbx_struct_sheet_hbond.range_1_auth_comp_id 
_pdbx_struct_sheet_hbond.range_1_auth_asym_id 
_pdbx_struct_sheet_hbond.range_1_auth_seq_id 
_pdbx_struct_sheet_hbond.range_2_label_atom_id 
_pdbx_struct_sheet_hbond.range_2_label_comp_id 
_pdbx_struct_sheet_hbond.range_2_label_asym_id 
_pdbx_struct_sheet_hbond.range_2_label_seq_id 
_pdbx_struct_sheet_hbond.range_2_PDB_ins_code 
_pdbx_struct_sheet_hbond.range_2_auth_atom_id 
_pdbx_struct_sheet_hbond.range_2_auth_comp_id 
_pdbx_struct_sheet_hbond.range_2_auth_asym_id 
_pdbx_struct_sheet_hbond.range_2_auth_seq_id 
AA1 1 2 N TYR A 32  ? N TYR A 32  O LYS A 39  ? O LYS A 39  
AA2 1 2 O TYR A 104 ? O TYR A 104 N TYR A 84  ? N TYR A 84  
AA2 2 3 O ILE A 85  ? O ILE A 85  N PHE A 54  ? N PHE A 54  
AA2 3 4 N LEU A 51  ? N LEU A 51  O ILE A 129 ? O ILE A 129 
AA2 4 5 N LEU A 128 ? N LEU A 128 O VAL A 137 ? O VAL A 137 
# 
loop_
_struct_site.id 
_struct_site.pdbx_evidence_code 
_struct_site.pdbx_auth_asym_id 
_struct_site.pdbx_auth_comp_id 
_struct_site.pdbx_auth_seq_id 
_struct_site.pdbx_auth_ins_code 
_struct_site.pdbx_num_residues 
_struct_site.details 
AC1 Software A GOL 201 ? 9 'binding site for residue GOL A 201' 
AC2 Software A GOL 202 ? 3 'binding site for residue GOL A 202' 
AC3 Software A GOL 203 ? 6 'binding site for residue GOL A 203' 
AC4 Software A GOL 204 ? 8 'binding site for residue GOL A 204' 
AC5 Software A GOL 205 ? 4 'binding site for residue GOL A 205' 
# 
loop_
_struct_site_gen.id 
_struct_site_gen.site_id 
_struct_site_gen.pdbx_num_res 
_struct_site_gen.label_comp_id 
_struct_site_gen.label_asym_id 
_struct_site_gen.label_seq_id 
_struct_site_gen.pdbx_auth_ins_code 
_struct_site_gen.auth_comp_id 
_struct_site_gen.auth_asym_id 
_struct_site_gen.auth_seq_id 
_struct_site_gen.label_atom_id 
_struct_site_gen.label_alt_id 
_struct_site_gen.symmetry 
_struct_site_gen.details 
1  AC1 9 PHE A 108 ? PHE A 108 . ? 6_555 ? 
2  AC1 9 ASP A 109 ? ASP A 109 . ? 6_555 ? 
3  AC1 9 GLN A 119 ? GLN A 119 . ? 1_555 ? 
4  AC1 9 ILE A 120 ? ILE A 120 . ? 1_555 ? 
5  AC1 9 LYS A 121 ? LYS A 121 . ? 1_555 ? 
6  AC1 9 ASN A 122 ? ASN A 122 . ? 1_555 ? 
7  AC1 9 SER A 125 ? SER A 125 . ? 1_555 ? 
8  AC1 9 GOL E .   ? GOL A 204 . ? 1_555 ? 
9  AC1 9 HOH G .   ? HOH A 386 . ? 1_555 ? 
10 AC2 3 CYS A 115 ? CYS A 115 . ? 1_555 ? 
11 AC2 3 LYS A 121 ? LYS A 121 . ? 1_555 ? 
12 AC2 3 HOH G .   ? HOH A 301 . ? 1_555 ? 
13 AC3 6 TYR A 32  ? TYR A 32  . ? 1_555 ? 
14 AC3 6 ASN A 102 ? ASN A 102 . ? 1_555 ? 
15 AC3 6 TYR A 104 ? TYR A 104 . ? 1_555 ? 
16 AC3 6 HOH G .   ? HOH A 308 . ? 1_555 ? 
17 AC3 6 HOH G .   ? HOH A 313 . ? 1_555 ? 
18 AC3 6 HOH G .   ? HOH A 358 . ? 1_555 ? 
19 AC4 8 TYR A 91  ? TYR A 91  . ? 6_555 ? 
20 AC4 8 PHE A 108 ? PHE A 108 . ? 6_555 ? 
21 AC4 8 ASN A 122 ? ASN A 122 . ? 1_555 ? 
22 AC4 8 PRO A 124 ? PRO A 124 . ? 1_555 ? 
23 AC4 8 SER A 125 ? SER A 125 . ? 1_555 ? 
24 AC4 8 ALA A 141 ? ALA A 141 . ? 1_555 ? 
25 AC4 8 GOL B .   ? GOL A 201 . ? 1_555 ? 
26 AC4 8 HOH G .   ? HOH A 385 . ? 1_555 ? 
27 AC5 4 TYR A 23  ? TYR A 23  . ? 1_555 ? 
28 AC5 4 ALA A 24  ? ALA A 24  . ? 1_555 ? 
29 AC5 4 ASN A 25  ? ASN A 25  . ? 1_555 ? 
30 AC5 4 TYR A 26  ? TYR A 26  . ? 1_555 ? 
# 
loop_
_pdbx_validate_close_contact.id 
_pdbx_validate_close_contact.PDB_model_num 
_pdbx_validate_close_contact.auth_atom_id_1 
_pdbx_validate_close_contact.auth_asym_id_1 
_pdbx_validate_close_contact.auth_comp_id_1 
_pdbx_validate_close_contact.auth_seq_id_1 
_pdbx_validate_close_contact.PDB_ins_code_1 
_pdbx_validate_close_contact.label_alt_id_1 
_pdbx_validate_close_contact.auth_atom_id_2 
_pdbx_validate_close_contact.auth_asym_id_2 
_pdbx_validate_close_contact.auth_comp_id_2 
_pdbx_validate_close_contact.auth_seq_id_2 
_pdbx_validate_close_contact.PDB_ins_code_2 
_pdbx_validate_close_contact.label_alt_id_2 
_pdbx_validate_close_contact.dist 
1 1 O1 A GOL 202 ? ? O  A HOH 301 ? ? 2.16 
2 1 NZ A LYS 154 ? ? O  A HOH 302 ? ? 2.18 
3 1 SG A CYS 115 ? ? O3 A GOL 202 ? ? 2.18 
# 
loop_
_pdbx_validate_torsion.id 
_pdbx_validate_torsion.PDB_model_num 
_pdbx_validate_torsion.auth_comp_id 
_pdbx_validate_torsion.auth_asym_id 
_pdbx_validate_torsion.auth_seq_id 
_pdbx_validate_torsion.PDB_ins_code 
_pdbx_validate_torsion.label_alt_id 
_pdbx_validate_torsion.phi 
_pdbx_validate_torsion.psi 
1 1 ASN A 102 ? ? 53.31   17.20 
2 1 ASN A 133 ? ? 80.01   2.40  
3 1 ASP A 139 ? ? -89.39  41.76 
4 1 GLU A 148 ? ? -158.96 23.81 
5 1 PHE A 169 ? ? 55.93   19.63 
# 
loop_
_space_group_symop.id 
_space_group_symop.operation_xyz 
1 x,y,z         
2 x-y,x,z+1/6   
3 y,-x+y,z+5/6  
4 -y,x-y,z+1/3  
5 -x+y,-x,z+2/3 
6 -x,-y,z+1/2   
# 
_pdbx_entry_details.entry_id                 7AOJ 
_pdbx_entry_details.has_ligand_of_interest   N 
_pdbx_entry_details.compound_details         ? 
_pdbx_entry_details.source_details           ? 
_pdbx_entry_details.nonpolymer_details       ? 
_pdbx_entry_details.sequence_details         ? 
# 
loop_
_pdbx_unobs_or_zero_occ_residues.id 
_pdbx_unobs_or_zero_occ_residues.PDB_model_num 
_pdbx_unobs_or_zero_occ_residues.polymer_flag 
_pdbx_unobs_or_zero_occ_residues.occupancy_flag 
_pdbx_unobs_or_zero_occ_residues.auth_asym_id 
_pdbx_unobs_or_zero_occ_residues.auth_comp_id 
_pdbx_unobs_or_zero_occ_residues.auth_seq_id 
_pdbx_unobs_or_zero_occ_residues.PDB_ins_code 
_pdbx_unobs_or_zero_occ_residues.label_asym_id 
_pdbx_unobs_or_zero_occ_residues.label_comp_id 
_pdbx_unobs_or_zero_occ_residues.label_seq_id 
1  1 Y 1 A MET 1  ? A MET 1  
2  1 Y 1 A ALA 2  ? A ALA 2  
3  1 Y 1 A CYS 3  ? A CYS 3  
4  1 Y 1 A GLN 4  ? A GLN 4  
5  1 Y 1 A VAL 5  ? A VAL 5  
6  1 Y 1 A ASP 6  ? A ASP 6  
7  1 Y 1 A ASN 7  ? A ASN 7  
8  1 Y 1 A PRO 8  ? A PRO 8  
9  1 Y 1 A PRO 9  ? A PRO 9  
10 1 Y 1 A LYS 10 ? A LYS 10 
11 1 Y 1 A THR 11 ? A THR 11 
12 1 Y 1 A TYR 12 ? A TYR 12 
13 1 Y 1 A PRO 13 ? A PRO 13 
14 1 Y 1 A ASN 14 ? A ASN 14 
15 1 Y 1 A ASP 15 ? A ASP 15 
16 1 Y 1 A LYS 16 ? A LYS 16 
17 1 Y 1 A THR 17 ? A THR 17 
18 1 Y 1 A ALA 18 ? A ALA 18 
19 1 Y 1 A GLU 19 ? A GLU 19 
20 1 Y 1 A TYR 20 ? A TYR 20 
21 1 Y 1 A GLU 21 ? A GLU 21 
# 
loop_
_chem_comp_atom.comp_id 
_chem_comp_atom.atom_id 
_chem_comp_atom.type_symbol 
_chem_comp_atom.pdbx_aromatic_flag 
_chem_comp_atom.pdbx_stereo_config 
_chem_comp_atom.pdbx_ordinal 
ALA N    N N N 1   
ALA CA   C N S 2   
ALA C    C N N 3   
ALA O    O N N 4   
ALA CB   C N N 5   
ALA OXT  O N N 6   
ALA H    H N N 7   
ALA H2   H N N 8   
ALA HA   H N N 9   
ALA HB1  H N N 10  
ALA HB2  H N N 11  
ALA HB3  H N N 12  
ALA HXT  H N N 13  
ARG N    N N N 14  
ARG CA   C N S 15  
ARG C    C N N 16  
ARG O    O N N 17  
ARG CB   C N N 18  
ARG CG   C N N 19  
ARG CD   C N N 20  
ARG NE   N N N 21  
ARG CZ   C N N 22  
ARG NH1  N N N 23  
ARG NH2  N N N 24  
ARG OXT  O N N 25  
ARG H    H N N 26  
ARG H2   H N N 27  
ARG HA   H N N 28  
ARG HB2  H N N 29  
ARG HB3  H N N 30  
ARG HG2  H N N 31  
ARG HG3  H N N 32  
ARG HD2  H N N 33  
ARG HD3  H N N 34  
ARG HE   H N N 35  
ARG HH11 H N N 36  
ARG HH12 H N N 37  
ARG HH21 H N N 38  
ARG HH22 H N N 39  
ARG HXT  H N N 40  
ASN N    N N N 41  
ASN CA   C N S 42  
ASN C    C N N 43  
ASN O    O N N 44  
ASN CB   C N N 45  
ASN CG   C N N 46  
ASN OD1  O N N 47  
ASN ND2  N N N 48  
ASN OXT  O N N 49  
ASN H    H N N 50  
ASN H2   H N N 51  
ASN HA   H N N 52  
ASN HB2  H N N 53  
ASN HB3  H N N 54  
ASN HD21 H N N 55  
ASN HD22 H N N 56  
ASN HXT  H N N 57  
ASP N    N N N 58  
ASP CA   C N S 59  
ASP C    C N N 60  
ASP O    O N N 61  
ASP CB   C N N 62  
ASP CG   C N N 63  
ASP OD1  O N N 64  
ASP OD2  O N N 65  
ASP OXT  O N N 66  
ASP H    H N N 67  
ASP H2   H N N 68  
ASP HA   H N N 69  
ASP HB2  H N N 70  
ASP HB3  H N N 71  
ASP HD2  H N N 72  
ASP HXT  H N N 73  
CYS N    N N N 74  
CYS CA   C N R 75  
CYS C    C N N 76  
CYS O    O N N 77  
CYS CB   C N N 78  
CYS SG   S N N 79  
CYS OXT  O N N 80  
CYS H    H N N 81  
CYS H2   H N N 82  
CYS HA   H N N 83  
CYS HB2  H N N 84  
CYS HB3  H N N 85  
CYS HG   H N N 86  
CYS HXT  H N N 87  
GLN N    N N N 88  
GLN CA   C N S 89  
GLN C    C N N 90  
GLN O    O N N 91  
GLN CB   C N N 92  
GLN CG   C N N 93  
GLN CD   C N N 94  
GLN OE1  O N N 95  
GLN NE2  N N N 96  
GLN OXT  O N N 97  
GLN H    H N N 98  
GLN H2   H N N 99  
GLN HA   H N N 100 
GLN HB2  H N N 101 
GLN HB3  H N N 102 
GLN HG2  H N N 103 
GLN HG3  H N N 104 
GLN HE21 H N N 105 
GLN HE22 H N N 106 
GLN HXT  H N N 107 
GLU N    N N N 108 
GLU CA   C N S 109 
GLU C    C N N 110 
GLU O    O N N 111 
GLU CB   C N N 112 
GLU CG   C N N 113 
GLU CD   C N N 114 
GLU OE1  O N N 115 
GLU OE2  O N N 116 
GLU OXT  O N N 117 
GLU H    H N N 118 
GLU H2   H N N 119 
GLU HA   H N N 120 
GLU HB2  H N N 121 
GLU HB3  H N N 122 
GLU HG2  H N N 123 
GLU HG3  H N N 124 
GLU HE2  H N N 125 
GLU HXT  H N N 126 
GLY N    N N N 127 
GLY CA   C N N 128 
GLY C    C N N 129 
GLY O    O N N 130 
GLY OXT  O N N 131 
GLY H    H N N 132 
GLY H2   H N N 133 
GLY HA2  H N N 134 
GLY HA3  H N N 135 
GLY HXT  H N N 136 
GOL C1   C N N 137 
GOL O1   O N N 138 
GOL C2   C N N 139 
GOL O2   O N N 140 
GOL C3   C N N 141 
GOL O3   O N N 142 
GOL H11  H N N 143 
GOL H12  H N N 144 
GOL HO1  H N N 145 
GOL H2   H N N 146 
GOL HO2  H N N 147 
GOL H31  H N N 148 
GOL H32  H N N 149 
GOL HO3  H N N 150 
HIS N    N N N 151 
HIS CA   C N S 152 
HIS C    C N N 153 
HIS O    O N N 154 
HIS CB   C N N 155 
HIS CG   C Y N 156 
HIS ND1  N Y N 157 
HIS CD2  C Y N 158 
HIS CE1  C Y N 159 
HIS NE2  N Y N 160 
HIS OXT  O N N 161 
HIS H    H N N 162 
HIS H2   H N N 163 
HIS HA   H N N 164 
HIS HB2  H N N 165 
HIS HB3  H N N 166 
HIS HD1  H N N 167 
HIS HD2  H N N 168 
HIS HE1  H N N 169 
HIS HE2  H N N 170 
HIS HXT  H N N 171 
HOH O    O N N 172 
HOH H1   H N N 173 
HOH H2   H N N 174 
ILE N    N N N 175 
ILE CA   C N S 176 
ILE C    C N N 177 
ILE O    O N N 178 
ILE CB   C N S 179 
ILE CG1  C N N 180 
ILE CG2  C N N 181 
ILE CD1  C N N 182 
ILE OXT  O N N 183 
ILE H    H N N 184 
ILE H2   H N N 185 
ILE HA   H N N 186 
ILE HB   H N N 187 
ILE HG12 H N N 188 
ILE HG13 H N N 189 
ILE HG21 H N N 190 
ILE HG22 H N N 191 
ILE HG23 H N N 192 
ILE HD11 H N N 193 
ILE HD12 H N N 194 
ILE HD13 H N N 195 
ILE HXT  H N N 196 
LEU N    N N N 197 
LEU CA   C N S 198 
LEU C    C N N 199 
LEU O    O N N 200 
LEU CB   C N N 201 
LEU CG   C N N 202 
LEU CD1  C N N 203 
LEU CD2  C N N 204 
LEU OXT  O N N 205 
LEU H    H N N 206 
LEU H2   H N N 207 
LEU HA   H N N 208 
LEU HB2  H N N 209 
LEU HB3  H N N 210 
LEU HG   H N N 211 
LEU HD11 H N N 212 
LEU HD12 H N N 213 
LEU HD13 H N N 214 
LEU HD21 H N N 215 
LEU HD22 H N N 216 
LEU HD23 H N N 217 
LEU HXT  H N N 218 
LYS N    N N N 219 
LYS CA   C N S 220 
LYS C    C N N 221 
LYS O    O N N 222 
LYS CB   C N N 223 
LYS CG   C N N 224 
LYS CD   C N N 225 
LYS CE   C N N 226 
LYS NZ   N N N 227 
LYS OXT  O N N 228 
LYS H    H N N 229 
LYS H2   H N N 230 
LYS HA   H N N 231 
LYS HB2  H N N 232 
LYS HB3  H N N 233 
LYS HG2  H N N 234 
LYS HG3  H N N 235 
LYS HD2  H N N 236 
LYS HD3  H N N 237 
LYS HE2  H N N 238 
LYS HE3  H N N 239 
LYS HZ1  H N N 240 
LYS HZ2  H N N 241 
LYS HZ3  H N N 242 
LYS HXT  H N N 243 
MET N    N N N 244 
MET CA   C N S 245 
MET C    C N N 246 
MET O    O N N 247 
MET CB   C N N 248 
MET CG   C N N 249 
MET SD   S N N 250 
MET CE   C N N 251 
MET OXT  O N N 252 
MET H    H N N 253 
MET H2   H N N 254 
MET HA   H N N 255 
MET HB2  H N N 256 
MET HB3  H N N 257 
MET HG2  H N N 258 
MET HG3  H N N 259 
MET HE1  H N N 260 
MET HE2  H N N 261 
MET HE3  H N N 262 
MET HXT  H N N 263 
PHE N    N N N 264 
PHE CA   C N S 265 
PHE C    C N N 266 
PHE O    O N N 267 
PHE CB   C N N 268 
PHE CG   C Y N 269 
PHE CD1  C Y N 270 
PHE CD2  C Y N 271 
PHE CE1  C Y N 272 
PHE CE2  C Y N 273 
PHE CZ   C Y N 274 
PHE OXT  O N N 275 
PHE H    H N N 276 
PHE H2   H N N 277 
PHE HA   H N N 278 
PHE HB2  H N N 279 
PHE HB3  H N N 280 
PHE HD1  H N N 281 
PHE HD2  H N N 282 
PHE HE1  H N N 283 
PHE HE2  H N N 284 
PHE HZ   H N N 285 
PHE HXT  H N N 286 
PRO N    N N N 287 
PRO CA   C N S 288 
PRO C    C N N 289 
PRO O    O N N 290 
PRO CB   C N N 291 
PRO CG   C N N 292 
PRO CD   C N N 293 
PRO OXT  O N N 294 
PRO H    H N N 295 
PRO HA   H N N 296 
PRO HB2  H N N 297 
PRO HB3  H N N 298 
PRO HG2  H N N 299 
PRO HG3  H N N 300 
PRO HD2  H N N 301 
PRO HD3  H N N 302 
PRO HXT  H N N 303 
SER N    N N N 304 
SER CA   C N S 305 
SER C    C N N 306 
SER O    O N N 307 
SER CB   C N N 308 
SER OG   O N N 309 
SER OXT  O N N 310 
SER H    H N N 311 
SER H2   H N N 312 
SER HA   H N N 313 
SER HB2  H N N 314 
SER HB3  H N N 315 
SER HG   H N N 316 
SER HXT  H N N 317 
THR N    N N N 318 
THR CA   C N S 319 
THR C    C N N 320 
THR O    O N N 321 
THR CB   C N R 322 
THR OG1  O N N 323 
THR CG2  C N N 324 
THR OXT  O N N 325 
THR H    H N N 326 
THR H2   H N N 327 
THR HA   H N N 328 
THR HB   H N N 329 
THR HG1  H N N 330 
THR HG21 H N N 331 
THR HG22 H N N 332 
THR HG23 H N N 333 
THR HXT  H N N 334 
TRP N    N N N 335 
TRP CA   C N S 336 
TRP C    C N N 337 
TRP O    O N N 338 
TRP CB   C N N 339 
TRP CG   C Y N 340 
TRP CD1  C Y N 341 
TRP CD2  C Y N 342 
TRP NE1  N Y N 343 
TRP CE2  C Y N 344 
TRP CE3  C Y N 345 
TRP CZ2  C Y N 346 
TRP CZ3  C Y N 347 
TRP CH2  C Y N 348 
TRP OXT  O N N 349 
TRP H    H N N 350 
TRP H2   H N N 351 
TRP HA   H N N 352 
TRP HB2  H N N 353 
TRP HB3  H N N 354 
TRP HD1  H N N 355 
TRP HE1  H N N 356 
TRP HE3  H N N 357 
TRP HZ2  H N N 358 
TRP HZ3  H N N 359 
TRP HH2  H N N 360 
TRP HXT  H N N 361 
TYR N    N N N 362 
TYR CA   C N S 363 
TYR C    C N N 364 
TYR O    O N N 365 
TYR CB   C N N 366 
TYR CG   C Y N 367 
TYR CD1  C Y N 368 
TYR CD2  C Y N 369 
TYR CE1  C Y N 370 
TYR CE2  C Y N 371 
TYR CZ   C Y N 372 
TYR OH   O N N 373 
TYR OXT  O N N 374 
TYR H    H N N 375 
TYR H2   H N N 376 
TYR HA   H N N 377 
TYR HB2  H N N 378 
TYR HB3  H N N 379 
TYR HD1  H N N 380 
TYR HD2  H N N 381 
TYR HE1  H N N 382 
TYR HE2  H N N 383 
TYR HH   H N N 384 
TYR HXT  H N N 385 
VAL N    N N N 386 
VAL CA   C N S 387 
VAL C    C N N 388 
VAL O    O N N 389 
VAL CB   C N N 390 
VAL CG1  C N N 391 
VAL CG2  C N N 392 
VAL OXT  O N N 393 
VAL H    H N N 394 
VAL H2   H N N 395 
VAL HA   H N N 396 
VAL HB   H N N 397 
VAL HG11 H N N 398 
VAL HG12 H N N 399 
VAL HG13 H N N 400 
VAL HG21 H N N 401 
VAL HG22 H N N 402 
VAL HG23 H N N 403 
VAL HXT  H N N 404 
# 
loop_
_chem_comp_bond.comp_id 
_chem_comp_bond.atom_id_1 
_chem_comp_bond.atom_id_2 
_chem_comp_bond.value_order 
_chem_comp_bond.pdbx_aromatic_flag 
_chem_comp_bond.pdbx_stereo_config 
_chem_comp_bond.pdbx_ordinal 
ALA N   CA   sing N N 1   
ALA N   H    sing N N 2   
ALA N   H2   sing N N 3   
ALA CA  C    sing N N 4   
ALA CA  CB   sing N N 5   
ALA CA  HA   sing N N 6   
ALA C   O    doub N N 7   
ALA C   OXT  sing N N 8   
ALA CB  HB1  sing N N 9   
ALA CB  HB2  sing N N 10  
ALA CB  HB3  sing N N 11  
ALA OXT HXT  sing N N 12  
ARG N   CA   sing N N 13  
ARG N   H    sing N N 14  
ARG N   H2   sing N N 15  
ARG CA  C    sing N N 16  
ARG CA  CB   sing N N 17  
ARG CA  HA   sing N N 18  
ARG C   O    doub N N 19  
ARG C   OXT  sing N N 20  
ARG CB  CG   sing N N 21  
ARG CB  HB2  sing N N 22  
ARG CB  HB3  sing N N 23  
ARG CG  CD   sing N N 24  
ARG CG  HG2  sing N N 25  
ARG CG  HG3  sing N N 26  
ARG CD  NE   sing N N 27  
ARG CD  HD2  sing N N 28  
ARG CD  HD3  sing N N 29  
ARG NE  CZ   sing N N 30  
ARG NE  HE   sing N N 31  
ARG CZ  NH1  sing N N 32  
ARG CZ  NH2  doub N N 33  
ARG NH1 HH11 sing N N 34  
ARG NH1 HH12 sing N N 35  
ARG NH2 HH21 sing N N 36  
ARG NH2 HH22 sing N N 37  
ARG OXT HXT  sing N N 38  
ASN N   CA   sing N N 39  
ASN N   H    sing N N 40  
ASN N   H2   sing N N 41  
ASN CA  C    sing N N 42  
ASN CA  CB   sing N N 43  
ASN CA  HA   sing N N 44  
ASN C   O    doub N N 45  
ASN C   OXT  sing N N 46  
ASN CB  CG   sing N N 47  
ASN CB  HB2  sing N N 48  
ASN CB  HB3  sing N N 49  
ASN CG  OD1  doub N N 50  
ASN CG  ND2  sing N N 51  
ASN ND2 HD21 sing N N 52  
ASN ND2 HD22 sing N N 53  
ASN OXT HXT  sing N N 54  
ASP N   CA   sing N N 55  
ASP N   H    sing N N 56  
ASP N   H2   sing N N 57  
ASP CA  C    sing N N 58  
ASP CA  CB   sing N N 59  
ASP CA  HA   sing N N 60  
ASP C   O    doub N N 61  
ASP C   OXT  sing N N 62  
ASP CB  CG   sing N N 63  
ASP CB  HB2  sing N N 64  
ASP CB  HB3  sing N N 65  
ASP CG  OD1  doub N N 66  
ASP CG  OD2  sing N N 67  
ASP OD2 HD2  sing N N 68  
ASP OXT HXT  sing N N 69  
CYS N   CA   sing N N 70  
CYS N   H    sing N N 71  
CYS N   H2   sing N N 72  
CYS CA  C    sing N N 73  
CYS CA  CB   sing N N 74  
CYS CA  HA   sing N N 75  
CYS C   O    doub N N 76  
CYS C   OXT  sing N N 77  
CYS CB  SG   sing N N 78  
CYS CB  HB2  sing N N 79  
CYS CB  HB3  sing N N 80  
CYS SG  HG   sing N N 81  
CYS OXT HXT  sing N N 82  
GLN N   CA   sing N N 83  
GLN N   H    sing N N 84  
GLN N   H2   sing N N 85  
GLN CA  C    sing N N 86  
GLN CA  CB   sing N N 87  
GLN CA  HA   sing N N 88  
GLN C   O    doub N N 89  
GLN C   OXT  sing N N 90  
GLN CB  CG   sing N N 91  
GLN CB  HB2  sing N N 92  
GLN CB  HB3  sing N N 93  
GLN CG  CD   sing N N 94  
GLN CG  HG2  sing N N 95  
GLN CG  HG3  sing N N 96  
GLN CD  OE1  doub N N 97  
GLN CD  NE2  sing N N 98  
GLN NE2 HE21 sing N N 99  
GLN NE2 HE22 sing N N 100 
GLN OXT HXT  sing N N 101 
GLU N   CA   sing N N 102 
GLU N   H    sing N N 103 
GLU N   H2   sing N N 104 
GLU CA  C    sing N N 105 
GLU CA  CB   sing N N 106 
GLU CA  HA   sing N N 107 
GLU C   O    doub N N 108 
GLU C   OXT  sing N N 109 
GLU CB  CG   sing N N 110 
GLU CB  HB2  sing N N 111 
GLU CB  HB3  sing N N 112 
GLU CG  CD   sing N N 113 
GLU CG  HG2  sing N N 114 
GLU CG  HG3  sing N N 115 
GLU CD  OE1  doub N N 116 
GLU CD  OE2  sing N N 117 
GLU OE2 HE2  sing N N 118 
GLU OXT HXT  sing N N 119 
GLY N   CA   sing N N 120 
GLY N   H    sing N N 121 
GLY N   H2   sing N N 122 
GLY CA  C    sing N N 123 
GLY CA  HA2  sing N N 124 
GLY CA  HA3  sing N N 125 
GLY C   O    doub N N 126 
GLY C   OXT  sing N N 127 
GLY OXT HXT  sing N N 128 
GOL C1  O1   sing N N 129 
GOL C1  C2   sing N N 130 
GOL C1  H11  sing N N 131 
GOL C1  H12  sing N N 132 
GOL O1  HO1  sing N N 133 
GOL C2  O2   sing N N 134 
GOL C2  C3   sing N N 135 
GOL C2  H2   sing N N 136 
GOL O2  HO2  sing N N 137 
GOL C3  O3   sing N N 138 
GOL C3  H31  sing N N 139 
GOL C3  H32  sing N N 140 
GOL O3  HO3  sing N N 141 
HIS N   CA   sing N N 142 
HIS N   H    sing N N 143 
HIS N   H2   sing N N 144 
HIS CA  C    sing N N 145 
HIS CA  CB   sing N N 146 
HIS CA  HA   sing N N 147 
HIS C   O    doub N N 148 
HIS C   OXT  sing N N 149 
HIS CB  CG   sing N N 150 
HIS CB  HB2  sing N N 151 
HIS CB  HB3  sing N N 152 
HIS CG  ND1  sing Y N 153 
HIS CG  CD2  doub Y N 154 
HIS ND1 CE1  doub Y N 155 
HIS ND1 HD1  sing N N 156 
HIS CD2 NE2  sing Y N 157 
HIS CD2 HD2  sing N N 158 
HIS CE1 NE2  sing Y N 159 
HIS CE1 HE1  sing N N 160 
HIS NE2 HE2  sing N N 161 
HIS OXT HXT  sing N N 162 
HOH O   H1   sing N N 163 
HOH O   H2   sing N N 164 
ILE N   CA   sing N N 165 
ILE N   H    sing N N 166 
ILE N   H2   sing N N 167 
ILE CA  C    sing N N 168 
ILE CA  CB   sing N N 169 
ILE CA  HA   sing N N 170 
ILE C   O    doub N N 171 
ILE C   OXT  sing N N 172 
ILE CB  CG1  sing N N 173 
ILE CB  CG2  sing N N 174 
ILE CB  HB   sing N N 175 
ILE CG1 CD1  sing N N 176 
ILE CG1 HG12 sing N N 177 
ILE CG1 HG13 sing N N 178 
ILE CG2 HG21 sing N N 179 
ILE CG2 HG22 sing N N 180 
ILE CG2 HG23 sing N N 181 
ILE CD1 HD11 sing N N 182 
ILE CD1 HD12 sing N N 183 
ILE CD1 HD13 sing N N 184 
ILE OXT HXT  sing N N 185 
LEU N   CA   sing N N 186 
LEU N   H    sing N N 187 
LEU N   H2   sing N N 188 
LEU CA  C    sing N N 189 
LEU CA  CB   sing N N 190 
LEU CA  HA   sing N N 191 
LEU C   O    doub N N 192 
LEU C   OXT  sing N N 193 
LEU CB  CG   sing N N 194 
LEU CB  HB2  sing N N 195 
LEU CB  HB3  sing N N 196 
LEU CG  CD1  sing N N 197 
LEU CG  CD2  sing N N 198 
LEU CG  HG   sing N N 199 
LEU CD1 HD11 sing N N 200 
LEU CD1 HD12 sing N N 201 
LEU CD1 HD13 sing N N 202 
LEU CD2 HD21 sing N N 203 
LEU CD2 HD22 sing N N 204 
LEU CD2 HD23 sing N N 205 
LEU OXT HXT  sing N N 206 
LYS N   CA   sing N N 207 
LYS N   H    sing N N 208 
LYS N   H2   sing N N 209 
LYS CA  C    sing N N 210 
LYS CA  CB   sing N N 211 
LYS CA  HA   sing N N 212 
LYS C   O    doub N N 213 
LYS C   OXT  sing N N 214 
LYS CB  CG   sing N N 215 
LYS CB  HB2  sing N N 216 
LYS CB  HB3  sing N N 217 
LYS CG  CD   sing N N 218 
LYS CG  HG2  sing N N 219 
LYS CG  HG3  sing N N 220 
LYS CD  CE   sing N N 221 
LYS CD  HD2  sing N N 222 
LYS CD  HD3  sing N N 223 
LYS CE  NZ   sing N N 224 
LYS CE  HE2  sing N N 225 
LYS CE  HE3  sing N N 226 
LYS NZ  HZ1  sing N N 227 
LYS NZ  HZ2  sing N N 228 
LYS NZ  HZ3  sing N N 229 
LYS OXT HXT  sing N N 230 
MET N   CA   sing N N 231 
MET N   H    sing N N 232 
MET N   H2   sing N N 233 
MET CA  C    sing N N 234 
MET CA  CB   sing N N 235 
MET CA  HA   sing N N 236 
MET C   O    doub N N 237 
MET C   OXT  sing N N 238 
MET CB  CG   sing N N 239 
MET CB  HB2  sing N N 240 
MET CB  HB3  sing N N 241 
MET CG  SD   sing N N 242 
MET CG  HG2  sing N N 243 
MET CG  HG3  sing N N 244 
MET SD  CE   sing N N 245 
MET CE  HE1  sing N N 246 
MET CE  HE2  sing N N 247 
MET CE  HE3  sing N N 248 
MET OXT HXT  sing N N 249 
PHE N   CA   sing N N 250 
PHE N   H    sing N N 251 
PHE N   H2   sing N N 252 
PHE CA  C    sing N N 253 
PHE CA  CB   sing N N 254 
PHE CA  HA   sing N N 255 
PHE C   O    doub N N 256 
PHE C   OXT  sing N N 257 
PHE CB  CG   sing N N 258 
PHE CB  HB2  sing N N 259 
PHE CB  HB3  sing N N 260 
PHE CG  CD1  doub Y N 261 
PHE CG  CD2  sing Y N 262 
PHE CD1 CE1  sing Y N 263 
PHE CD1 HD1  sing N N 264 
PHE CD2 CE2  doub Y N 265 
PHE CD2 HD2  sing N N 266 
PHE CE1 CZ   doub Y N 267 
PHE CE1 HE1  sing N N 268 
PHE CE2 CZ   sing Y N 269 
PHE CE2 HE2  sing N N 270 
PHE CZ  HZ   sing N N 271 
PHE OXT HXT  sing N N 272 
PRO N   CA   sing N N 273 
PRO N   CD   sing N N 274 
PRO N   H    sing N N 275 
PRO CA  C    sing N N 276 
PRO CA  CB   sing N N 277 
PRO CA  HA   sing N N 278 
PRO C   O    doub N N 279 
PRO C   OXT  sing N N 280 
PRO CB  CG   sing N N 281 
PRO CB  HB2  sing N N 282 
PRO CB  HB3  sing N N 283 
PRO CG  CD   sing N N 284 
PRO CG  HG2  sing N N 285 
PRO CG  HG3  sing N N 286 
PRO CD  HD2  sing N N 287 
PRO CD  HD3  sing N N 288 
PRO OXT HXT  sing N N 289 
SER N   CA   sing N N 290 
SER N   H    sing N N 291 
SER N   H2   sing N N 292 
SER CA  C    sing N N 293 
SER CA  CB   sing N N 294 
SER CA  HA   sing N N 295 
SER C   O    doub N N 296 
SER C   OXT  sing N N 297 
SER CB  OG   sing N N 298 
SER CB  HB2  sing N N 299 
SER CB  HB3  sing N N 300 
SER OG  HG   sing N N 301 
SER OXT HXT  sing N N 302 
THR N   CA   sing N N 303 
THR N   H    sing N N 304 
THR N   H2   sing N N 305 
THR CA  C    sing N N 306 
THR CA  CB   sing N N 307 
THR CA  HA   sing N N 308 
THR C   O    doub N N 309 
THR C   OXT  sing N N 310 
THR CB  OG1  sing N N 311 
THR CB  CG2  sing N N 312 
THR CB  HB   sing N N 313 
THR OG1 HG1  sing N N 314 
THR CG2 HG21 sing N N 315 
THR CG2 HG22 sing N N 316 
THR CG2 HG23 sing N N 317 
THR OXT HXT  sing N N 318 
TRP N   CA   sing N N 319 
TRP N   H    sing N N 320 
TRP N   H2   sing N N 321 
TRP CA  C    sing N N 322 
TRP CA  CB   sing N N 323 
TRP CA  HA   sing N N 324 
TRP C   O    doub N N 325 
TRP C   OXT  sing N N 326 
TRP CB  CG   sing N N 327 
TRP CB  HB2  sing N N 328 
TRP CB  HB3  sing N N 329 
TRP CG  CD1  doub Y N 330 
TRP CG  CD2  sing Y N 331 
TRP CD1 NE1  sing Y N 332 
TRP CD1 HD1  sing N N 333 
TRP CD2 CE2  doub Y N 334 
TRP CD2 CE3  sing Y N 335 
TRP NE1 CE2  sing Y N 336 
TRP NE1 HE1  sing N N 337 
TRP CE2 CZ2  sing Y N 338 
TRP CE3 CZ3  doub Y N 339 
TRP CE3 HE3  sing N N 340 
TRP CZ2 CH2  doub Y N 341 
TRP CZ2 HZ2  sing N N 342 
TRP CZ3 CH2  sing Y N 343 
TRP CZ3 HZ3  sing N N 344 
TRP CH2 HH2  sing N N 345 
TRP OXT HXT  sing N N 346 
TYR N   CA   sing N N 347 
TYR N   H    sing N N 348 
TYR N   H2   sing N N 349 
TYR CA  C    sing N N 350 
TYR CA  CB   sing N N 351 
TYR CA  HA   sing N N 352 
TYR C   O    doub N N 353 
TYR C   OXT  sing N N 354 
TYR CB  CG   sing N N 355 
TYR CB  HB2  sing N N 356 
TYR CB  HB3  sing N N 357 
TYR CG  CD1  doub Y N 358 
TYR CG  CD2  sing Y N 359 
TYR CD1 CE1  sing Y N 360 
TYR CD1 HD1  sing N N 361 
TYR CD2 CE2  doub Y N 362 
TYR CD2 HD2  sing N N 363 
TYR CE1 CZ   doub Y N 364 
TYR CE1 HE1  sing N N 365 
TYR CE2 CZ   sing Y N 366 
TYR CE2 HE2  sing N N 367 
TYR CZ  OH   sing N N 368 
TYR OH  HH   sing N N 369 
TYR OXT HXT  sing N N 370 
VAL N   CA   sing N N 371 
VAL N   H    sing N N 372 
VAL N   H2   sing N N 373 
VAL CA  C    sing N N 374 
VAL CA  CB   sing N N 375 
VAL CA  HA   sing N N 376 
VAL C   O    doub N N 377 
VAL C   OXT  sing N N 378 
VAL CB  CG1  sing N N 379 
VAL CB  CG2  sing N N 380 
VAL CB  HB   sing N N 381 
VAL CG1 HG11 sing N N 382 
VAL CG1 HG12 sing N N 383 
VAL CG1 HG13 sing N N 384 
VAL CG2 HG21 sing N N 385 
VAL CG2 HG22 sing N N 386 
VAL CG2 HG23 sing N N 387 
VAL OXT HXT  sing N N 388 
# 
_pdbx_audit_support.country                ? 
_pdbx_audit_support.funding_organization   'Hessian Ministry of Science, Higher Education and Art (HMWK)' 
_pdbx_audit_support.grant_number           ? 
_pdbx_audit_support.ordinal                1 
# 
_space_group.name_H-M_alt     'P 61' 
_space_group.name_Hall        'P 61' 
_space_group.IT_number        169 
_space_group.crystal_system   hexagonal 
_space_group.id               1 
# 
_atom_sites.entry_id                    7AOJ 
_atom_sites.Cartn_transf_matrix[1][1]   ? 
_atom_sites.Cartn_transf_matrix[1][2]   ? 
_atom_sites.Cartn_transf_matrix[1][3]   ? 
_atom_sites.Cartn_transf_matrix[2][1]   ? 
_atom_sites.Cartn_transf_matrix[2][2]   ? 
_atom_sites.Cartn_transf_matrix[2][3]   ? 
_atom_sites.Cartn_transf_matrix[3][1]   ? 
_atom_sites.Cartn_transf_matrix[3][2]   ? 
_atom_sites.Cartn_transf_matrix[3][3]   ? 
_atom_sites.Cartn_transf_vector[1]      ? 
_atom_sites.Cartn_transf_vector[2]      ? 
_atom_sites.Cartn_transf_vector[3]      ? 
_atom_sites.fract_transf_matrix[1][1]   -0.00648062 
_atom_sites.fract_transf_matrix[1][2]   -0.01388653 
_atom_sites.fract_transf_matrix[1][3]   -0.00294367 
_atom_sites.fract_transf_matrix[2][1]   0.00896696 
_atom_sites.fract_transf_matrix[2][2]   -0.01206382 
_atom_sites.fract_transf_matrix[2][3]   -0.00418838 
_atom_sites.fract_transf_matrix[3][1]   0.00164566 
_atom_sites.fract_transf_matrix[3][2]   -0.00388990 
_atom_sites.fract_transf_matrix[3][3]   0.01472731 
_atom_sites.fract_transf_vector[1]      -0.188122 
_atom_sites.fract_transf_vector[2]      0.258382 
_atom_sites.fract_transf_vector[3]      0.126350 
_atom_sites.solution_primary            ? 
_atom_sites.solution_secondary          ? 
_atom_sites.solution_hydrogens          ? 
_atom_sites.special_details             ? 
# 
loop_
_atom_type.symbol 
_atom_type.scat_dispersion_real 
_atom_type.scat_dispersion_imag 
_atom_type.scat_Cromer_Mann_a1 
_atom_type.scat_Cromer_Mann_a2 
_atom_type.scat_Cromer_Mann_a3 
_atom_type.scat_Cromer_Mann_a4 
_atom_type.scat_Cromer_Mann_b1 
_atom_type.scat_Cromer_Mann_b2 
_atom_type.scat_Cromer_Mann_b3 
_atom_type.scat_Cromer_Mann_b4 
_atom_type.scat_Cromer_Mann_c 
_atom_type.scat_source 
_atom_type.scat_dispersion_source 
C ? ? 3.54356 2.42580 ? ? 25.62398 1.50364  ? ? 0.0 
;2-Gaussian fit: Grosse-Kunstleve RW, Sauter NK, Adams PD: Newsletter of the IUCr Commission on Crystallographic Computing 2004, 3, 22-31.
;
? 
N ? ? 4.01032 2.96436 ? ? 19.97189 1.75589  ? ? 0.0 
;2-Gaussian fit: Grosse-Kunstleve RW, Sauter NK, Adams PD: Newsletter of the IUCr Commission on Crystallographic Computing 2004, 3, 22-31.
;
? 
O ? ? 4.49882 3.47563 ? ? 15.80542 1.70748  ? ? 0.0 
;2-Gaussian fit: Grosse-Kunstleve RW, Sauter NK, Adams PD: Newsletter of the IUCr Commission on Crystallographic Computing 2004, 3, 22-31.
;
? 
S ? ? 9.55732 6.39887 ? ? 1.23737  29.19336 ? ? 0.0 
;2-Gaussian fit: Grosse-Kunstleve RW, Sauter NK, Adams PD: Newsletter of the IUCr Commission on Crystallographic Computing 2004, 3, 22-31.
;
? 
# 
loop_
_atom_site.group_PDB 
_atom_site.id 
_atom_site.type_symbol 
_atom_site.label_atom_id 
_atom_site.label_alt_id 
_atom_site.label_comp_id 
_atom_site.label_asym_id 
_atom_site.label_entity_id 
_atom_site.label_seq_id 
_atom_site.pdbx_PDB_ins_code 
_atom_site.Cartn_x 
_atom_site.Cartn_y 
_atom_site.Cartn_z 
_atom_site.occupancy 
_atom_site.B_iso_or_equiv 
_atom_site.pdbx_formal_charge 
_atom_site.auth_seq_id 
_atom_site.auth_comp_id 
_atom_site.auth_asym_id 
_atom_site.auth_atom_id 
_atom_site.pdbx_PDB_model_num 
ATOM   1    N N   . LYS A 1 22  ? -15.64647 -18.19916 2.38057   1.000 66.94560 ? 22  LYS A N   1 
ATOM   2    C CA  . LYS A 1 22  ? -15.52363 -17.70555 1.00661   1.000 63.38067 ? 22  LYS A CA  1 
ATOM   3    C C   . LYS A 1 22  ? -14.13956 -18.00239 0.38396   1.000 52.32492 ? 22  LYS A C   1 
ATOM   4    O O   . LYS A 1 22  ? -14.05758 -18.61401 -0.68748  1.000 35.57969 ? 22  LYS A O   1 
ATOM   5    C CB  . LYS A 1 22  ? -15.80776 -16.20022 0.94918   1.000 65.63385 ? 22  LYS A CB  1 
ATOM   6    C CG  . LYS A 1 22  ? -17.15605 -15.84432 0.34297   1.000 68.20729 ? 22  LYS A CG  1 
ATOM   7    C CD  . LYS A 1 22  ? -17.40653 -16.58694 -0.97347  1.000 72.58283 ? 22  LYS A CD  1 
ATOM   8    C CE  . LYS A 1 22  ? -18.47114 -15.87919 -1.80901  1.000 70.62601 ? 22  LYS A CE  1 
ATOM   9    N NZ  . LYS A 1 22  ? -18.05707 -14.48681 -2.19283  1.000 72.59469 ? 22  LYS A NZ  1 
ATOM   10   N N   . TYR A 1 23  ? -13.06540 -17.57145 1.05293   1.000 44.49126 ? 23  TYR A N   1 
ATOM   11   C CA  . TYR A 1 23  ? -11.71176 -17.73717 0.53107   1.000 41.84090 ? 23  TYR A CA  1 
ATOM   12   C C   . TYR A 1 23  ? -11.05217 -18.96012 1.14907   1.000 46.38820 ? 23  TYR A C   1 
ATOM   13   O O   . TYR A 1 23  ? -10.90997 -19.04542 2.37735   1.000 47.30741 ? 23  TYR A O   1 
ATOM   14   C CB  . TYR A 1 23  ? -10.85800 -16.50254 0.79489   1.000 37.26185 ? 23  TYR A CB  1 
ATOM   15   C CG  . TYR A 1 23  ? -11.10528 -15.41340 -0.20269  1.000 37.80782 ? 23  TYR A CG  1 
ATOM   16   C CD1 . TYR A 1 23  ? -10.47303 -15.43185 -1.43650  1.000 35.00594 ? 23  TYR A CD1 1 
ATOM   17   C CD2 . TYR A 1 23  ? -11.98007 -14.36987 0.07593   1.000 42.06551 ? 23  TYR A CD2 1 
ATOM   18   C CE1 . TYR A 1 23  ? -10.67328 -14.43262 -2.37199  1.000 43.03321 ? 23  TYR A CE1 1 
ATOM   19   C CE2 . TYR A 1 23  ? -12.19192 -13.36952 -0.85428  1.000 48.38691 ? 23  TYR A CE2 1 
ATOM   20   C CZ  . TYR A 1 23  ? -11.52419 -13.40338 -2.08174  1.000 53.40488 ? 23  TYR A CZ  1 
ATOM   21   O OH  . TYR A 1 23  ? -11.70167 -12.40819 -3.00916  1.000 48.25226 ? 23  TYR A OH  1 
ATOM   22   N N   . ALA A 1 24  ? -10.67163 -19.91092 0.29459   1.000 34.77433 ? 24  ALA A N   1 
ATOM   23   C CA  . ALA A 1 24  ? -9.76084  -20.96430 0.72826   1.000 35.88036 ? 24  ALA A CA  1 
ATOM   24   C C   . ALA A 1 24  ? -8.37471  -20.37849 0.96374   1.000 48.87023 ? 24  ALA A C   1 
ATOM   25   O O   . ALA A 1 24  ? -7.80922  -20.49039 2.05659   1.000 51.08039 ? 24  ALA A O   1 
ATOM   26   C CB  . ALA A 1 24  ? -9.71422  -22.08282 -0.31201  1.000 39.44857 ? 24  ALA A CB  1 
ATOM   27   N N   . ASN A 1 25  ? -7.82467  -19.71552 -0.05002  1.000 38.05750 ? 25  ASN A N   1 
ATOM   28   C CA  . ASN A 1 25  ? -6.58870  -18.96385 0.10849   1.000 31.23064 ? 25  ASN A CA  1 
ATOM   29   C C   . ASN A 1 25  ? -6.80650  -17.54732 -0.39837  1.000 41.12043 ? 25  ASN A C   1 
ATOM   30   O O   . ASN A 1 25  ? -7.30892  -17.34468 -1.51581  1.000 30.25273 ? 25  ASN A O   1 
ATOM   31   C CB  . ASN A 1 25  ? -5.41788  -19.60677 -0.62536  1.000 33.09654 ? 25  ASN A CB  1 
ATOM   32   C CG  . ASN A 1 25  ? -4.20162  -19.79679 0.29876   1.000 56.26083 ? 25  ASN A CG  1 
ATOM   33   O OD1 . ASN A 1 25  ? -4.16007  -19.27955 1.42070   1.000 64.79585 ? 25  ASN A OD1 1 
ATOM   34   N ND2 . ASN A 1 25  ? -3.20586  -20.49121 -0.18667  1.000 62.80786 ? 25  ASN A ND2 1 
ATOM   35   N N   . TYR A 1 26  ? -6.44902  -16.57908 0.44240   1.000 32.70311 ? 26  TYR A N   1 
ATOM   36   C CA  . TYR A 1 26  ? -6.74240  -15.18246 0.17403   1.000 27.93405 ? 26  TYR A CA  1 
ATOM   37   C C   . TYR A 1 26  ? -5.44300  -14.44739 -0.12282  1.000 22.86501 ? 26  TYR A C   1 
ATOM   38   O O   . TYR A 1 26  ? -4.46189  -14.57646 0.62123   1.000 24.67221 ? 26  TYR A O   1 
ATOM   39   C CB  . TYR A 1 26  ? -7.47319  -14.54228 1.36076   1.000 23.84391 ? 26  TYR A CB  1 
ATOM   40   C CG  . TYR A 1 26  ? -7.66223  -13.04391 1.15230   1.000 25.52047 ? 26  TYR A CG  1 
ATOM   41   C CD1 . TYR A 1 26  ? -6.89194  -12.12595 1.88266   1.000 26.18396 ? 26  TYR A CD1 1 
ATOM   42   C CD2 . TYR A 1 26  ? -8.55064  -12.55859 0.22247   1.000 23.57400 ? 26  TYR A CD2 1 
ATOM   43   C CE1 . TYR A 1 26  ? -7.02444  -10.75847 1.67484   1.000 22.54672 ? 26  TYR A CE1 1 
ATOM   44   C CE2 . TYR A 1 26  ? -8.72572  -11.16968 -0.01281  1.000 23.19508 ? 26  TYR A CE2 1 
ATOM   45   C CZ  . TYR A 1 26  ? -7.92278  -10.27148 0.73713   1.000 22.98381 ? 26  TYR A CZ  1 
ATOM   46   O OH  . TYR A 1 26  ? -8.05324  -8.91543  0.52915   1.000 20.77819 ? 26  TYR A OH  1 
ATOM   47   N N   . MET A 1 27  ? -5.42639  -13.70830 -1.24113  1.000 20.39417 ? 27  MET A N   1 
ATOM   48   C CA  . MET A 1 27  ? -4.30808  -12.84619 -1.57905  1.000 20.80888 ? 27  MET A CA  1 
ATOM   49   C C   . MET A 1 27  ? -2.94607  -13.53120 -1.46482  1.000 21.84110 ? 27  MET A C   1 
ATOM   50   O O   . MET A 1 27  ? -2.00758  -13.12248 -0.74300  1.000 21.20985 ? 27  MET A O   1 
ATOM   51   C CB  . MET A 1 27  ? -4.39717  -11.62103 -0.66656  1.000 21.97166 ? 27  MET A CB  1 
ATOM   52   C CG  . MET A 1 27  ? -3.50050  -10.46377 -1.14296  1.000 22.88349 ? 27  MET A CG  1 
ATOM   53   S SD  . MET A 1 27  ? -4.03563  -9.76346  -2.70398  1.000 23.27594 ? 27  MET A SD  1 
ATOM   54   C CE  . MET A 1 27  ? -5.66020  -9.15184  -2.28673  1.000 26.87843 ? 27  MET A CE  1 
ATOM   55   N N   . ASN A 1 28  ? -2.81336  -14.60430 -2.26445  1.000 22.00444 ? 28  ASN A N   1 
ATOM   56   C CA  . ASN A 1 28  ? -1.57737  -15.34823 -2.30828  1.000 25.67084 ? 28  ASN A CA  1 
ATOM   57   C C   . ASN A 1 28  ? -0.42903  -14.57051 -2.94312  1.000 20.44499 ? 28  ASN A C   1 
ATOM   58   O O   . ASN A 1 28  ? 0.73546   -14.86729 -2.67168  1.000 23.84669 ? 28  ASN A O   1 
ATOM   59   C CB  . ASN A 1 28  ? -1.79076  -16.64563 -3.13950  1.000 22.75618 ? 28  ASN A CB  1 
ATOM   60   C CG  . ASN A 1 28  ? -2.92300  -17.57932 -2.59376  1.000 40.59425 ? 28  ASN A CG  1 
ATOM   61   O OD1 . ASN A 1 28  ? -2.79517  -18.12724 -1.49729  1.000 37.09566 ? 28  ASN A OD1 1 
ATOM   62   N ND2 . ASN A 1 28  ? -4.00447  -17.80575 -3.40716  1.000 35.38756 ? 28  ASN A ND2 1 
ATOM   63   N N   . TYR A 1 29  ? -0.73055  -13.62798 -3.84258  1.000 23.51814 ? 29  TYR A N   1 
ATOM   64   C CA  . TYR A 1 29  ? 0.29390   -12.95770 -4.62948  1.000 24.28000 ? 29  TYR A CA  1 
ATOM   65   C C   . TYR A 1 29  ? 0.05352   -11.44368 -4.71384  1.000 17.44744 ? 29  TYR A C   1 
ATOM   66   O O   . TYR A 1 29  ? -1.10479  -10.97847 -4.77872  1.000 18.98197 ? 29  TYR A O   1 
ATOM   67   C CB  . TYR A 1 29  ? 0.31033   -13.42974 -6.08522  1.000 28.02117 ? 29  TYR A CB  1 
ATOM   68   C CG  . TYR A 1 29  ? 0.34502   -14.99037 -6.19516  1.000 33.84327 ? 29  TYR A CG  1 
ATOM   69   C CD1 . TYR A 1 29  ? -0.80017  -15.70384 -6.35162  1.000 33.88237 ? 29  TYR A CD1 1 
ATOM   70   C CD2 . TYR A 1 29  ? 1.48359   -15.66607 -6.06146  1.000 34.12766 ? 29  TYR A CD2 1 
ATOM   71   C CE1 . TYR A 1 29  ? -0.85192  -17.08555 -6.46069  1.000 37.57337 ? 29  TYR A CE1 1 
ATOM   72   C CE2 . TYR A 1 29  ? 1.49580   -17.10159 -6.16186  1.000 30.27905 ? 29  TYR A CE2 1 
ATOM   73   C CZ  . TYR A 1 29  ? 0.30751   -17.79496 -6.33805  1.000 39.95714 ? 29  TYR A CZ  1 
ATOM   74   O OH  . TYR A 1 29  ? 0.26119   -19.18276 -6.42976  1.000 43.14902 ? 29  TYR A OH  1 
ATOM   75   N N   . LEU A 1 30  ? 1.15775   -10.70463 -4.74719  1.000 18.21543 ? 30  LEU A N   1 
ATOM   76   C CA  . LEU A 1 30  ? 1.15059   -9.31602  -5.22202  1.000 18.27408 ? 30  LEU A CA  1 
ATOM   77   C C   . LEU A 1 30  ? 1.92686   -9.25323  -6.53054  1.000 18.59766 ? 30  LEU A C   1 
ATOM   78   O O   . LEU A 1 30  ? 2.55628   -10.24605 -6.97416  1.000 21.16042 ? 30  LEU A O   1 
ATOM   79   C CB  . LEU A 1 30  ? 1.71762   -8.31754  -4.16824  1.000 17.67012 ? 30  LEU A CB  1 
ATOM   80   C CG  . LEU A 1 30  ? 0.69761   -7.90283  -3.07946  1.000 17.38067 ? 30  LEU A CG  1 
ATOM   81   C CD1 . LEU A 1 30  ? 0.41936   -9.02215  -2.09482  1.000 23.79591 ? 30  LEU A CD1 1 
ATOM   82   C CD2 . LEU A 1 30  ? 1.25642   -6.66273  -2.32988  1.000 17.73113 ? 30  LEU A CD2 1 
ATOM   83   N N   . TYR A 1 31  ? 1.90337   -8.08352  -7.15720  1.000 18.53332 ? 31  TYR A N   1 
ATOM   84   C CA  . TYR A 1 31  ? 2.42441   -7.96755  -8.51627  1.000 18.15978 ? 31  TYR A CA  1 
ATOM   85   C C   . TYR A 1 31  ? 3.24994   -6.69859  -8.66735  1.000 22.92798 ? 31  TYR A C   1 
ATOM   86   O O   . TYR A 1 31  ? 3.13667   -5.74030  -7.87351  1.000 21.28343 ? 31  TYR A O   1 
ATOM   87   C CB  . TYR A 1 31  ? 1.25821   -7.98148  -9.54789  1.000 17.17021 ? 31  TYR A CB  1 
ATOM   88   C CG  . TYR A 1 31  ? 0.55044   -9.31177  -9.63656  1.000 19.36737 ? 31  TYR A CG  1 
ATOM   89   C CD1 . TYR A 1 31  ? 0.92459   -10.29868 -10.59821 1.000 25.78647 ? 31  TYR A CD1 1 
ATOM   90   C CD2 . TYR A 1 31  ? -0.44850  -9.63891  -8.75217  1.000 20.80024 ? 31  TYR A CD2 1 
ATOM   91   C CE1 . TYR A 1 31  ? 0.24636   -11.52857 -10.62342 1.000 23.73067 ? 31  TYR A CE1 1 
ATOM   92   C CE2 . TYR A 1 31  ? -1.14425  -10.86950 -8.80592  1.000 19.74951 ? 31  TYR A CE2 1 
ATOM   93   C CZ  . TYR A 1 31  ? -0.73844  -11.79677 -9.72018  1.000 24.58565 ? 31  TYR A CZ  1 
ATOM   94   O OH  . TYR A 1 31  ? -1.45184  -12.97533 -9.67214  1.000 29.08024 ? 31  TYR A OH  1 
ATOM   95   N N   . TYR A 1 32  ? 4.12806   -6.70001  -9.67272  1.000 20.75829 ? 32  TYR A N   1 
ATOM   96   C CA  . TYR A 1 32  ? 4.90093   -5.50100  -9.97028  1.000 18.26530 ? 32  TYR A CA  1 
ATOM   97   C C   . TYR A 1 32  ? 5.40083   -5.65452  -11.40025 1.000 26.69029 ? 32  TYR A C   1 
ATOM   98   O O   . TYR A 1 32  ? 5.36312   -6.75308  -11.96337 1.000 25.22640 ? 32  TYR A O   1 
ATOM   99   C CB  . TYR A 1 32  ? 6.05896   -5.30515  -8.97956  1.000 21.05679 ? 32  TYR A CB  1 
ATOM   100  C CG  . TYR A 1 32  ? 7.06379   -6.43644  -8.97844  1.000 19.32372 ? 32  TYR A CG  1 
ATOM   101  C CD1 . TYR A 1 32  ? 6.83301   -7.59011  -8.25940  1.000 20.09495 ? 32  TYR A CD1 1 
ATOM   102  C CD2 . TYR A 1 32  ? 8.25384   -6.30389  -9.68437  1.000 26.70575 ? 32  TYR A CD2 1 
ATOM   103  C CE1 . TYR A 1 32  ? 7.78144   -8.65625  -8.24591  1.000 22.65997 ? 32  TYR A CE1 1 
ATOM   104  C CE2 . TYR A 1 32  ? 9.19231   -7.33653  -9.66810  1.000 24.18033 ? 32  TYR A CE2 1 
ATOM   105  C CZ  . TYR A 1 32  ? 8.95940   -8.47186  -8.96590  1.000 24.48531 ? 32  TYR A CZ  1 
ATOM   106  O OH  . TYR A 1 32  ? 9.91395   -9.48525  -8.97305  1.000 31.28493 ? 32  TYR A OH  1 
ATOM   107  N N   . TYR A 1 33  ? 5.80085   -4.53469  -11.99273 1.000 26.12668 ? 33  TYR A N   1 
ATOM   108  C CA  . TYR A 1 33  ? 6.39174   -4.51947  -13.32682 1.000 28.32338 ? 33  TYR A CA  1 
ATOM   109  C C   . TYR A 1 33  ? 7.88873   -4.30466  -13.19384 1.000 35.10410 ? 33  TYR A C   1 
ATOM   110  O O   . TYR A 1 33  ? 8.34125   -3.44025  -12.43697 1.000 31.42656 ? 33  TYR A O   1 
ATOM   111  C CB  . TYR A 1 33  ? 5.76560   -3.42513  -14.19284 1.000 28.57035 ? 33  TYR A CB  1 
ATOM   112  C CG  . TYR A 1 33  ? 4.70900   -3.95374  -15.10100 1.000 40.91156 ? 33  TYR A CG  1 
ATOM   113  C CD1 . TYR A 1 33  ? 3.36375   -3.91520  -14.73722 1.000 45.51201 ? 33  TYR A CD1 1 
ATOM   114  C CD2 . TYR A 1 33  ? 5.03793   -4.49883  -16.33812 1.000 44.24608 ? 33  TYR A CD2 1 
ATOM   115  C CE1 . TYR A 1 33  ? 2.38413   -4.41158  -15.58944 1.000 46.15281 ? 33  TYR A CE1 1 
ATOM   116  C CE2 . TYR A 1 33  ? 4.07202   -4.99459  -17.18427 1.000 48.98446 ? 33  TYR A CE2 1 
ATOM   117  C CZ  . TYR A 1 33  ? 2.74627   -4.95335  -16.80694 1.000 53.79188 ? 33  TYR A CZ  1 
ATOM   118  O OH  . TYR A 1 33  ? 1.78695   -5.45952  -17.67056 1.000 58.64754 ? 33  TYR A OH  1 
ATOM   119  N N   . GLN A 1 34  ? 8.65991   -5.13813  -13.87606 1.000 28.17910 ? 34  GLN A N   1 
ATOM   120  C CA  . GLN A 1 34  ? 10.10267  -4.97841  -13.89134 1.000 35.36516 ? 34  GLN A CA  1 
ATOM   121  C C   . GLN A 1 34  ? 10.55494  -5.35879  -15.28930 1.000 40.51988 ? 34  GLN A C   1 
ATOM   122  O O   . GLN A 1 34  ? 10.08814  -6.36308  -15.82482 1.000 35.60864 ? 34  GLN A O   1 
ATOM   123  C CB  . GLN A 1 34  ? 10.75193  -5.88051  -12.84401 1.000 35.87684 ? 34  GLN A CB  1 
ATOM   124  C CG  . GLN A 1 34  ? 12.26289  -5.74146  -12.74989 1.000 47.97977 ? 34  GLN A CG  1 
ATOM   125  C CD  . GLN A 1 34  ? 12.85377  -6.46795  -11.55348 1.000 53.65204 ? 34  GLN A CD  1 
ATOM   126  O OE1 . GLN A 1 34  ? 12.62080  -7.66788  -11.34561 1.000 49.77914 ? 34  GLN A OE1 1 
ATOM   127  N NE2 . GLN A 1 34  ? 13.65442  -5.74809  -10.77188 1.000 60.70071 ? 34  GLN A NE2 1 
ATOM   128  N N   . ASN A 1 35  ? 11.42483  -4.55448  -15.89947 1.000 50.40556 ? 35  ASN A N   1 
ATOM   129  C CA  . ASN A 1 35  ? 11.98061  -4.93008  -17.20946 1.000 48.57859 ? 35  ASN A CA  1 
ATOM   130  C C   . ASN A 1 35  ? 10.88056  -5.18016  -18.24274 1.000 50.63978 ? 35  ASN A C   1 
ATOM   131  O O   . ASN A 1 35  ? 10.95380  -6.13863  -19.01461 1.000 54.53542 ? 35  ASN A O   1 
ATOM   132  C CB  . ASN A 1 35  ? 12.86131  -6.17972  -17.09005 1.000 51.87195 ? 35  ASN A CB  1 
ATOM   133  C CG  . ASN A 1 35  ? 14.08345  -5.95363  -16.24519 1.000 60.22380 ? 35  ASN A CG  1 
ATOM   134  O OD1 . ASN A 1 35  ? 14.55696  -4.82050  -16.10311 1.000 61.27215 ? 35  ASN A OD1 1 
ATOM   135  N ND2 . ASN A 1 35  ? 14.59720  -7.02861  -15.65414 1.000 62.50950 ? 35  ASN A ND2 1 
ATOM   136  N N   . ASN A 1 36  ? 9.83162   -4.35909  -18.22878 1.000 54.26877 ? 36  ASN A N   1 
ATOM   137  C CA  . ASN A 1 36  ? 8.68314   -4.45933  -19.13052 1.000 67.67999 ? 36  ASN A CA  1 
ATOM   138  C C   . ASN A 1 36  ? 7.74546   -5.62222  -18.80396 1.000 64.08659 ? 36  ASN A C   1 
ATOM   139  O O   . ASN A 1 36  ? 6.75280   -5.81143  -19.52127 1.000 66.45940 ? 36  ASN A O   1 
ATOM   140  C CB  . ASN A 1 36  ? 9.08401   -4.61705  -20.60907 1.000 81.57465 ? 36  ASN A CB  1 
ATOM   141  C CG  . ASN A 1 36  ? 9.42714   -3.30411  -21.28032 1.000 90.95272 ? 36  ASN A CG  1 
ATOM   142  O OD1 . ASN A 1 36  ? 8.65469   -2.79426  -22.09525 1.000 94.16939 ? 36  ASN A OD1 1 
ATOM   143  N ND2 . ASN A 1 36  ? 10.61271  -2.77704  -20.98674 1.000 92.61451 ? 36  ASN A ND2 1 
ATOM   144  N N   . GLU A 1 37  ? 8.01401   -6.40727  -17.76505 1.000 45.31770 ? 37  GLU A N   1 
ATOM   145  C CA  . GLU A 1 37  ? 7.32063   -7.67005  -17.55745 1.000 37.33379 ? 37  GLU A CA  1 
ATOM   146  C C   . GLU A 1 37  ? 6.49627   -7.60742  -16.27746 1.000 25.12580 ? 37  GLU A C   1 
ATOM   147  O O   . GLU A 1 37  ? 6.96612   -7.13028  -15.24923 1.000 25.66880 ? 37  GLU A O   1 
ATOM   148  C CB  . GLU A 1 37  ? 8.32732   -8.83835  -17.47677 1.000 34.33217 ? 37  GLU A CB  1 
ATOM   149  C CG  . GLU A 1 37  ? 7.77593   -10.21531 -17.17568 1.000 45.06104 ? 37  GLU A CG  1 
ATOM   150  C CD  . GLU A 1 37  ? 8.89931   -11.23083 -17.01418 1.000 45.84820 ? 37  GLU A CD  1 
ATOM   151  O OE1 . GLU A 1 37  ? 8.71501   -12.26765 -16.33886 1.000 46.95569 ? 37  GLU A OE1 1 
ATOM   152  O OE2 . GLU A 1 37  ? 9.99952   -10.95063 -17.52852 1.000 54.39638 ? 37  GLU A OE2 1 
ATOM   153  N N   . LEU A 1 38  ? 5.28664   -8.13508  -16.34837 1.000 28.15183 ? 38  LEU A N   1 
ATOM   154  C CA  . LEU A 1 38  ? 4.46762   -8.29792  -15.15565 1.000 27.04162 ? 38  LEU A CA  1 
ATOM   155  C C   . LEU A 1 38  ? 4.97267   -9.49767  -14.38157 1.000 23.52677 ? 38  LEU A C   1 
ATOM   156  O O   . LEU A 1 38  ? 5.00562   -10.60691 -14.92163 1.000 27.76576 ? 38  LEU A O   1 
ATOM   157  C CB  . LEU A 1 38  ? 3.00889   -8.52232  -15.53747 1.000 28.87889 ? 38  LEU A CB  1 
ATOM   158  C CG  . LEU A 1 38  ? 2.19593   -8.70530  -14.24185 1.000 33.52574 ? 38  LEU A CG  1 
ATOM   159  C CD1 . LEU A 1 38  ? 1.99662   -7.33453  -13.64756 1.000 31.23358 ? 38  LEU A CD1 1 
ATOM   160  C CD2 . LEU A 1 38  ? 0.88716   -9.48398  -14.50364 1.000 32.61349 ? 38  LEU A CD2 1 
ATOM   161  N N   . LYS A 1 39  ? 5.32874   -9.29274  -13.11783 1.000 22.09174 ? 39  LYS A N   1 
ATOM   162  C CA  . LYS A 1 39  ? 5.84641   -10.32709 -12.24253 1.000 23.40191 ? 39  LYS A CA  1 
ATOM   163  C C   . LYS A 1 39  ? 4.98487   -10.47867 -10.99718 1.000 22.59365 ? 39  LYS A C   1 
ATOM   164  O O   . LYS A 1 39  ? 4.29107   -9.52025  -10.58899 1.000 22.90727 ? 39  LYS A O   1 
ATOM   165  C CB  . LYS A 1 39  ? 7.29292   -9.96923  -11.85938 1.000 23.03461 ? 39  LYS A CB  1 
ATOM   166  C CG  . LYS A 1 39  ? 8.19977   -9.93777  -13.10182 1.000 29.76616 ? 39  LYS A CG  1 
ATOM   167  C CD  . LYS A 1 39  ? 9.66951   -9.67531  -12.72889 1.000 36.26817 ? 39  LYS A CD  1 
ATOM   168  C CE  . LYS A 1 39  ? 10.59624  -9.70853  -13.95624 1.000 43.20844 ? 39  LYS A CE  1 
ATOM   169  N NZ  . LYS A 1 39  ? 12.05425  -9.52770  -13.55126 1.000 46.18834 ? 39  LYS A NZ  1 
ATOM   170  N N   . LYS A 1 40  ? 5.00000   -11.66850 -10.40102 1.000 22.37450 ? 40  LYS A N   1 
ATOM   171  C CA  . LYS A 1 40  ? 4.31032   -11.91725 -9.14448  1.000 18.93226 ? 40  LYS A CA  1 
ATOM   172  C C   . LYS A 1 40  ? 5.34846   -12.04273 -8.04803  1.000 25.12841 ? 40  LYS A C   1 
ATOM   173  O O   . LYS A 1 40  ? 6.53060   -12.31576 -8.30194  1.000 25.13364 ? 40  LYS A O   1 
ATOM   174  C CB  . LYS A 1 40  ? 3.42524   -13.16951 -9.18759  1.000 21.90500 ? 40  LYS A CB  1 
ATOM   175  C CG  . LYS A 1 40  ? 4.26563   -14.47518 -9.09706  1.000 33.93368 ? 40  LYS A CG  1 
ATOM   176  C CD  . LYS A 1 40  ? 3.40980   -15.70605 -8.97677  1.000 35.99960 ? 40  LYS A CD  1 
ATOM   177  C CE  . LYS A 1 40  ? 4.24259   -16.95881 -8.56474  1.000 43.50336 ? 40  LYS A CE  1 
ATOM   178  N NZ  . LYS A 1 40  ? 5.51549   -17.10838 -9.35126  1.000 37.28296 ? 40  LYS A NZ  1 
ATOM   179  N N   . ILE A 1 41  ? 4.90777   -11.83845 -6.80778  1.000 20.77062 ? 41  ILE A N   1 
ATOM   180  C CA  . ILE A 1 41  ? 5.72433   -12.02342 -5.61690  1.000 22.62907 ? 41  ILE A CA  1 
ATOM   181  C C   . ILE A 1 41  ? 4.83351   -12.62531 -4.55065  1.000 29.58442 ? 41  ILE A C   1 
ATOM   182  O O   . ILE A 1 41  ? 3.64752   -12.28450 -4.44671  1.000 23.39603 ? 41  ILE A O   1 
ATOM   183  C CB  . ILE A 1 41  ? 6.40252   -10.71458 -5.15730  1.000 24.29776 ? 41  ILE A CB  1 
ATOM   184  C CG1 . ILE A 1 41  ? 7.35286   -10.98278 -3.98624  1.000 26.22803 ? 41  ILE A CG1 1 
ATOM   185  C CG2 . ILE A 1 41  ? 5.33678   -9.63794  -4.83485  1.000 23.92548 ? 41  ILE A CG2 1 
ATOM   186  C CD1 . ILE A 1 41  ? 8.27256   -9.87923  -3.73083  1.000 28.06967 ? 41  ILE A CD1 1 
ATOM   187  N N   . ASP A 1 42  ? 5.35983   -13.61597 -3.82360  1.000 23.31506 ? 42  ASP A N   1 
ATOM   188  C CA  . ASP A 1 42  ? 4.51596   -14.29869 -2.84778  1.000 25.99063 ? 42  ASP A CA  1 
ATOM   189  C C   . ASP A 1 42  ? 4.18666   -13.31572 -1.75132  1.000 19.73042 ? 42  ASP A C   1 
ATOM   190  O O   . ASP A 1 42  ? 5.06354   -12.58142 -1.31257  1.000 22.99922 ? 42  ASP A O   1 
ATOM   191  C CB  . ASP A 1 42  ? 5.23699   -15.49044 -2.21010  1.000 31.34515 ? 42  ASP A CB  1 
ATOM   192  C CG  . ASP A 1 42  ? 5.21938   -16.70623 -3.09834  1.000 51.24412 ? 42  ASP A CG  1 
ATOM   193  O OD1 . ASP A 1 42  ? 4.14041   -17.04262 -3.63006  1.000 49.65243 ? 42  ASP A OD1 1 
ATOM   194  O OD2 . ASP A 1 42  ? 6.28863   -17.31215 -3.26152  1.000 56.46448 ? 42  ASP A OD2 1 
ATOM   195  N N   . SER A 1 43  ? 2.94408   -13.35019 -1.29991  1.000 23.74252 ? 43  SER A N   1 
ATOM   196  C CA  . SER A 1 43  ? 2.52163   -12.35843 -0.30755  1.000 21.86808 ? 43  SER A CA  1 
ATOM   197  C C   . SER A 1 43  ? 3.23426   -12.58671 1.02916   1.000 23.33588 ? 43  SER A C   1 
ATOM   198  O O   . SER A 1 43  ? 3.39974   -11.64848 1.80152   1.000 22.84476 ? 43  SER A O   1 
ATOM   199  C CB  . SER A 1 43  ? 1.00542   -12.37741 -0.20230  1.000 20.31038 ? 43  SER A CB  1 
ATOM   200  O OG  . SER A 1 43  ? 0.62356   -13.57843 0.44605   1.000 31.94152 ? 43  SER A OG  1 
ATOM   201  N N   . SER A 1 44  ? 3.82866   -13.77994 1.24206   1.000 24.78415 ? 44  SER A N   1 
ATOM   202  C CA  . SER A 1 44  ? 4.65242   -13.99242 2.44027   1.000 25.58633 ? 44  SER A CA  1 
ATOM   203  C C   . SER A 1 44  ? 5.90028   -13.11848 2.49423   1.000 23.35313 ? 44  SER A C   1 
ATOM   204  O O   . SER A 1 44  ? 6.48856   -12.92929 3.56647   1.000 26.14602 ? 44  SER A O   1 
ATOM   205  C CB  . SER A 1 44  ? 5.02907   -15.48303 2.52678   1.000 27.41555 ? 44  SER A CB  1 
ATOM   206  O OG  . SER A 1 44  ? 5.74318   -15.83924 1.34756   1.000 32.45449 ? 44  SER A OG  1 
ATOM   207  N N   . TYR A 1 45  ? 6.33297   -12.56022 1.36999   1.000 22.20652 ? 45  TYR A N   1 
ATOM   208  C CA  . TYR A 1 45  ? 7.44147   -11.65580 1.36676   1.000 21.20911 ? 45  TYR A CA  1 
ATOM   209  C C   . TYR A 1 45  ? 7.19995   -10.47565 2.31009   1.000 20.95937 ? 45  TYR A C   1 
ATOM   210  O O   . TYR A 1 45  ? 8.12909   -9.94070  2.88191   1.000 21.91261 ? 45  TYR A O   1 
ATOM   211  C CB  . TYR A 1 45  ? 7.66111   -11.16865 -0.05247  1.000 21.77540 ? 45  TYR A CB  1 
ATOM   212  C CG  . TYR A 1 45  ? 8.68559   -10.09196 -0.15058  1.000 18.37238 ? 45  TYR A CG  1 
ATOM   213  C CD1 . TYR A 1 45  ? 8.32612   -8.76468  -0.30447  1.000 20.77002 ? 45  TYR A CD1 1 
ATOM   214  C CD2 . TYR A 1 45  ? 10.03592  -10.38958 -0.10642  1.000 27.37607 ? 45  TYR A CD2 1 
ATOM   215  C CE1 . TYR A 1 45  ? 9.25885   -7.77964  -0.38580  1.000 22.54918 ? 45  TYR A CE1 1 
ATOM   216  C CE2 . TYR A 1 45  ? 10.97734  -9.41147  -0.19396  1.000 29.72109 ? 45  TYR A CE2 1 
ATOM   217  C CZ  . TYR A 1 45  ? 10.60366  -8.11850  -0.33336  1.000 37.17804 ? 45  TYR A CZ  1 
ATOM   218  O OH  . TYR A 1 45  ? 11.53784  -7.12592  -0.41804  1.000 37.25621 ? 45  TYR A OH  1 
ATOM   219  N N   . PHE A 1 46  ? 5.94725   -10.06554 2.45943   1.000 20.00077 ? 46  PHE A N   1 
ATOM   220  C CA  . PHE A 1 46  ? 5.68147   -8.84427  3.23099   1.000 18.86034 ? 46  PHE A CA  1 
ATOM   221  C C   . PHE A 1 46  ? 5.53065   -9.07026  4.72388   1.000 20.32086 ? 46  PHE A C   1 
ATOM   222  O O   . PHE A 1 46  ? 5.31641   -8.09012  5.47156   1.000 19.56382 ? 46  PHE A O   1 
ATOM   223  C CB  . PHE A 1 46  ? 4.41415   -8.18009  2.67202   1.000 17.61232 ? 46  PHE A CB  1 
ATOM   224  C CG  . PHE A 1 46  ? 4.61525   -7.76974  1.25425   1.000 17.28171 ? 46  PHE A CG  1 
ATOM   225  C CD1 . PHE A 1 46  ? 5.25185   -6.55783  0.97303   1.000 17.71071 ? 46  PHE A CD1 1 
ATOM   226  C CD2 . PHE A 1 46  ? 4.28394   -8.62463  0.24633   1.000 18.85537 ? 46  PHE A CD2 1 
ATOM   227  C CE1 . PHE A 1 46  ? 5.48852   -6.17004  -0.33163  1.000 20.94829 ? 46  PHE A CE1 1 
ATOM   228  C CE2 . PHE A 1 46  ? 4.53965   -8.27612  -1.09874  1.000 18.70875 ? 46  PHE A CE2 1 
ATOM   229  C CZ  . PHE A 1 46  ? 5.15815   -7.05747  -1.38273  1.000 20.53394 ? 46  PHE A CZ  1 
ATOM   230  N N   . LYS A 1 47  ? 5.71806   -10.30061 5.18393   1.000 21.85083 ? 47  LYS A N   1 
ATOM   231  C CA  . LYS A 1 47  ? 5.63902   -10.55682 6.61050   1.000 22.27891 ? 47  LYS A CA  1 
ATOM   232  C C   . LYS A 1 47  ? 6.70873   -9.77591  7.34876   1.000 20.97990 ? 47  LYS A C   1 
ATOM   233  O O   . LYS A 1 47  ? 7.83653   -9.58251  6.86476   1.000 20.00178 ? 47  LYS A O   1 
ATOM   234  C CB  . LYS A 1 47  ? 5.76476   -12.07404 6.87037   1.000 32.43194 ? 47  LYS A CB  1 
ATOM   235  C CG  . LYS A 1 47  ? 7.17116   -12.61975 6.77786   1.000 46.26781 ? 47  LYS A CG  1 
ATOM   236  C CD  . LYS A 1 47  ? 7.17412   -14.12585 6.99202   1.000 54.23982 ? 47  LYS A CD  1 
ATOM   237  C CE  . LYS A 1 47  ? 8.52392   -14.72285 6.68674   1.000 58.00606 ? 47  LYS A CE  1 
ATOM   238  N NZ  . LYS A 1 47  ? 9.27923   -14.88546 7.94879   1.000 55.60445 ? 47  LYS A NZ  1 
ATOM   239  N N   . ASP A 1 48  ? 6.30144   -9.22058  8.49443   1.000 20.27012 ? 48  ASP A N   1 
ATOM   240  C CA  . ASP A 1 48  ? 7.15707   -8.50431  9.42490   1.000 18.22200 ? 48  ASP A CA  1 
ATOM   241  C C   . ASP A 1 48  ? 7.68472   -7.18829  8.87853   1.000 19.88092 ? 48  ASP A C   1 
ATOM   242  O O   . ASP A 1 48  ? 8.57879   -6.61160  9.47205   1.000 21.13881 ? 48  ASP A O   1 
ATOM   243  C CB  . ASP A 1 48  ? 8.33507   -9.39350  9.89245   1.000 19.98835 ? 48  ASP A CB  1 
ATOM   244  C CG  . ASP A 1 48  ? 7.84667   -10.64399 10.56993  1.000 31.64347 ? 48  ASP A CG  1 
ATOM   245  O OD1 . ASP A 1 48  ? 8.46429   -11.73540 10.37415  1.000 28.15248 ? 48  ASP A OD1 1 
ATOM   246  O OD2 . ASP A 1 48  ? 6.85708   -10.56287 11.30101  1.000 27.51610 ? 48  ASP A OD2 1 
ATOM   247  N N   . LYS A 1 49  ? 7.07937   -6.64403  7.80047   1.000 20.24109 ? 49  LYS A N   1 
ATOM   248  C CA  . LYS A 1 49  ? 7.54477   -5.37221  7.30106   1.000 16.45061 ? 49  LYS A CA  1 
ATOM   249  C C   . LYS A 1 49  ? 6.56484   -4.23873  7.58426   1.000 18.29514 ? 49  LYS A C   1 
ATOM   250  O O   . LYS A 1 49  ? 5.36427   -4.48202  7.70367   1.000 18.20311 ? 49  LYS A O   1 
ATOM   251  C CB  . LYS A 1 49  ? 7.72865   -5.51371  5.77347   1.000 19.87671 ? 49  LYS A CB  1 
ATOM   252  C CG  . LYS A 1 49  ? 8.98564   -6.38702  5.41447   1.000 21.63563 ? 49  LYS A CG  1 
ATOM   253  C CD  . LYS A 1 49  ? 9.05170   -6.58285  3.87970   1.000 22.06585 ? 49  LYS A CD  1 
ATOM   254  C CE  . LYS A 1 49  ? 10.25978  -7.53238  3.50753   1.000 26.44290 ? 49  LYS A CE  1 
ATOM   255  N NZ  . LYS A 1 49  ? 11.52049  -6.95912  4.05500   1.000 26.98023 ? 49  LYS A NZ  1 
ATOM   256  N N   . TYR A 1 50  ? 7.09371   -3.01665  7.63942   1.000 17.36226 ? 50  TYR A N   1 
ATOM   257  C CA  . TYR A 1 50  ? 6.21658   -1.83500  7.54954   1.000 17.45813 ? 50  TYR A CA  1 
ATOM   258  C C   . TYR A 1 50  ? 5.65485   -1.76386  6.13412   1.000 16.30394 ? 50  TYR A C   1 
ATOM   259  O O   . TYR A 1 50  ? 6.37141   -1.96897  5.14542   1.000 16.15019 ? 50  TYR A O   1 
ATOM   260  C CB  . TYR A 1 50  ? 6.94389   -0.52946  7.85518   1.000 16.78969 ? 50  TYR A CB  1 
ATOM   261  C CG  . TYR A 1 50  ? 7.22799   -0.29080  9.33220   1.000 21.51203 ? 50  TYR A CG  1 
ATOM   262  C CD1 . TYR A 1 50  ? 8.35303   -0.83205  9.91520   1.000 34.88576 ? 50  TYR A CD1 1 
ATOM   263  C CD2 . TYR A 1 50  ? 6.33803   0.41254   10.11325  1.000 27.19208 ? 50  TYR A CD2 1 
ATOM   264  C CE1 . TYR A 1 50  ? 8.61536   -0.60758  11.27904  1.000 29.87128 ? 50  TYR A CE1 1 
ATOM   265  C CE2 . TYR A 1 50  ? 6.59807   0.61930   11.47025  1.000 30.93287 ? 50  TYR A CE2 1 
ATOM   266  C CZ  . TYR A 1 50  ? 7.72109   0.10665   12.01577  1.000 30.54682 ? 50  TYR A CZ  1 
ATOM   267  O OH  . TYR A 1 50  ? 7.94212   0.32369   13.35828  1.000 52.36557 ? 50  TYR A OH  1 
ATOM   268  N N   . LEU A 1 51  ? 4.37373   -1.37366  6.01995   1.000 14.24083 ? 51  LEU A N   1 
ATOM   269  C CA  . LEU A 1 51  ? 3.77668   -1.19779  4.71041   1.000 15.51174 ? 51  LEU A CA  1 
ATOM   270  C C   . LEU A 1 51  ? 3.19315   0.18117   4.53916   1.000 14.61349 ? 51  LEU A C   1 
ATOM   271  O O   . LEU A 1 51  ? 2.78955   0.81930   5.52102   1.000 15.59295 ? 51  LEU A O   1 
ATOM   272  C CB  . LEU A 1 51  ? 2.62105   -2.18968  4.51437   1.000 14.01073 ? 51  LEU A CB  1 
ATOM   273  C CG  . LEU A 1 51  ? 2.91094   -3.66689  4.87424   1.000 13.09975 ? 51  LEU A CG  1 
ATOM   274  C CD1 . LEU A 1 51  ? 1.61246   -4.40918  4.62046   1.000 14.43703 ? 51  LEU A CD1 1 
ATOM   275  C CD2 . LEU A 1 51  ? 4.04068   -4.21727  3.97831   1.000 16.33632 ? 51  LEU A CD2 1 
ATOM   276  N N   . GLY A 1 52  ? 3.14942   0.63795   3.28653   1.000 13.64158 ? 52  GLY A N   1 
ATOM   277  C CA  . GLY A 1 52  ? 2.41893   1.89174   3.02942   1.000 13.39373 ? 52  GLY A CA  1 
ATOM   278  C C   . GLY A 1 52  ? 1.33471   1.52532   2.02848   1.000 14.34108 ? 52  GLY A C   1 
ATOM   279  O O   . GLY A 1 52  ? 1.64248   1.24925   0.86956   1.000 15.94664 ? 52  GLY A O   1 
ATOM   280  N N   . LEU A 1 53  ? 0.08770   1.51944   2.46581   1.000 13.82647 ? 53  LEU A N   1 
ATOM   281  C CA  . LEU A 1 53  ? -1.02827  1.18611   1.59306   1.000 14.35823 ? 53  LEU A CA  1 
ATOM   282  C C   . LEU A 1 53  ? -1.45891  2.42827   0.81658   1.000 13.55624 ? 53  LEU A C   1 
ATOM   283  O O   . LEU A 1 53  ? -2.00183  3.38271   1.40552   1.000 13.44457 ? 53  LEU A O   1 
ATOM   284  C CB  . LEU A 1 53  ? -2.19386  0.64121   2.42646   1.000 11.95485 ? 53  LEU A CB  1 
ATOM   285  C CG  . LEU A 1 53  ? -1.87533  -0.59318  3.27165   1.000 16.74311 ? 53  LEU A CG  1 
ATOM   286  C CD1 . LEU A 1 53  ? -3.16878  -1.02248  4.00398   1.000 17.84109 ? 53  LEU A CD1 1 
ATOM   287  C CD2 . LEU A 1 53  ? -1.36143  -1.73574  2.39858   1.000 15.07300 ? 53  LEU A CD2 1 
ATOM   288  N N   . PHE A 1 54  ? -1.26361  2.42767   -0.49013  1.000 12.31668 ? 54  PHE A N   1 
ATOM   289  C CA  . PHE A 1 54  ? -1.59326  3.55481   -1.36344  1.000 13.44424 ? 54  PHE A CA  1 
ATOM   290  C C   . PHE A 1 54  ? -2.89305  3.22299   -2.11140  1.000 13.34227 ? 54  PHE A C   1 
ATOM   291  O O   . PHE A 1 54  ? -2.88200  2.42086   -3.06568  1.000 14.48708 ? 54  PHE A O   1 
ATOM   292  C CB  . PHE A 1 54  ? -0.44444  3.81354   -2.33358  1.000 13.06630 ? 54  PHE A CB  1 
ATOM   293  C CG  . PHE A 1 54  ? -0.75820  4.72989   -3.46423  1.000 12.60676 ? 54  PHE A CG  1 
ATOM   294  C CD1 . PHE A 1 54  ? -1.67052  5.79385   -3.32840  1.000 14.64590 ? 54  PHE A CD1 1 
ATOM   295  C CD2 . PHE A 1 54  ? -0.07360  4.58462   -4.67062  1.000 16.47250 ? 54  PHE A CD2 1 
ATOM   296  C CE1 . PHE A 1 54  ? -1.92048  6.65948   -4.39072  1.000 15.61584 ? 54  PHE A CE1 1 
ATOM   297  C CE2 . PHE A 1 54  ? -0.34010  5.43836   -5.75708  1.000 19.71828 ? 54  PHE A CE2 1 
ATOM   298  C CZ  . PHE A 1 54  ? -1.23412  6.51013   -5.61076  1.000 19.74927 ? 54  PHE A CZ  1 
ATOM   299  N N   . PHE A 1 55  ? -3.98161  3.86545   -1.70073  1.000 12.93725 ? 55  PHE A N   1 
ATOM   300  C CA  . PHE A 1 55  ? -5.28192  3.69599   -2.36897  1.000 14.61038 ? 55  PHE A CA  1 
ATOM   301  C C   . PHE A 1 55  ? -5.35728  4.72314   -3.50735  1.000 13.51411 ? 55  PHE A C   1 
ATOM   302  O O   . PHE A 1 55  ? -5.27610  5.94061   -3.25389  1.000 13.45638 ? 55  PHE A O   1 
ATOM   303  C CB  . PHE A 1 55  ? -6.46452  3.95895   -1.42222  1.000 12.18899 ? 55  PHE A CB  1 
ATOM   304  C CG  . PHE A 1 55  ? -6.57816  3.03554   -0.24473  1.000 12.62586 ? 55  PHE A CG  1 
ATOM   305  C CD1 . PHE A 1 55  ? -5.68236  3.09982   0.84635   1.000 12.46264 ? 55  PHE A CD1 1 
ATOM   306  C CD2 . PHE A 1 55  ? -7.60122  2.07666   -0.21689  1.000 14.92569 ? 55  PHE A CD2 1 
ATOM   307  C CE1 . PHE A 1 55  ? -5.80055  2.22305   1.92697   1.000 13.84265 ? 55  PHE A CE1 1 
ATOM   308  C CE2 . PHE A 1 55  ? -7.77568  1.23687   0.90773   1.000 14.51124 ? 55  PHE A CE2 1 
ATOM   309  C CZ  . PHE A 1 55  ? -6.87967  1.28652   1.96388   1.000 16.04306 ? 55  PHE A CZ  1 
ATOM   310  N N   . GLY A 1 56  ? -5.41571  4.27433   -4.75368  1.000 14.39460 ? 56  GLY A N   1 
ATOM   311  C CA  . GLY A 1 56  ? -5.33173  5.21643   -5.85812  1.000 15.11790 ? 56  GLY A CA  1 
ATOM   312  C C   . GLY A 1 56  ? -5.96648  4.67819   -7.12131  1.000 16.82415 ? 56  GLY A C   1 
ATOM   313  O O   . GLY A 1 56  ? -6.40572  3.51617   -7.18440  1.000 16.58843 ? 56  GLY A O   1 
ATOM   314  N N   . ALA A 1 57  ? -5.92796  5.52880   -8.15535  1.000 15.39578 ? 57  ALA A N   1 
ATOM   315  C CA  . ALA A 1 57  ? -6.40921  5.16332   -9.48208  1.000 18.28407 ? 57  ALA A CA  1 
ATOM   316  C C   . ALA A 1 57  ? -5.76803  6.04639   -10.52897 1.000 19.02989 ? 57  ALA A C   1 
ATOM   317  O O   . ALA A 1 57  ? -5.53234  7.23997   -10.30657 1.000 19.80719 ? 57  ALA A O   1 
ATOM   318  C CB  . ALA A 1 57  ? -7.93492  5.29716   -9.55589  1.000 18.77126 ? 57  ALA A CB  1 
ATOM   319  N N   . SER A 1 58  ? -5.49914  5.44728   -11.69296 1.000 19.22942 ? 58  SER A N   1 
ATOM   320  C CA  . SER A 1 58  ? -4.86547  6.18398   -12.78011 1.000 22.18667 ? 58  SER A CA  1 
ATOM   321  C C   . SER A 1 58  ? -5.74721  7.31105   -13.30078 1.000 22.55040 ? 58  SER A C   1 
ATOM   322  O O   . SER A 1 58  ? -5.21781  8.31992   -13.77773 1.000 26.91544 ? 58  SER A O   1 
ATOM   323  C CB  . SER A 1 58  ? -4.48196  5.19308   -13.87947 1.000 29.78610 ? 58  SER A CB  1 
ATOM   324  O OG  . SER A 1 58  ? -5.63788  4.68522   -14.44440 1.000 39.13547 ? 58  SER A OG  1 
ATOM   325  N N   . TRP A 1 59  ? -7.06912  7.20324   -13.16698 1.000 21.42179 ? 59  TRP A N   1 
ATOM   326  C CA  . TRP A 1 59  ? -7.99807  8.21223   -13.66441 1.000 28.35003 ? 59  TRP A CA  1 
ATOM   327  C C   . TRP A 1 59  ? -8.17922  9.36866   -12.70198 1.000 32.80360 ? 59  TRP A C   1 
ATOM   328  O O   . TRP A 1 59  ? -8.91914  10.33020  -12.99573 1.000 29.93741 ? 59  TRP A O   1 
ATOM   329  C CB  . TRP A 1 59  ? -9.36326  7.58271   -13.95448 1.000 28.04716 ? 59  TRP A CB  1 
ATOM   330  C CG  . TRP A 1 59  ? -9.95035  6.70472   -12.85233 1.000 23.21634 ? 59  TRP A CG  1 
ATOM   331  C CD1 . TRP A 1 59  ? -9.94820  5.34063   -12.82541 1.000 23.50142 ? 59  TRP A CD1 1 
ATOM   332  C CD2 . TRP A 1 59  ? -10.57285 7.12466   -11.64785 1.000 23.62477 ? 59  TRP A CD2 1 
ATOM   333  N NE1 . TRP A 1 59  ? -10.57093 4.89526   -11.70478 1.000 24.43952 ? 59  TRP A NE1 1 
ATOM   334  C CE2 . TRP A 1 59  ? -10.94385 5.96914   -10.94585 1.000 22.60241 ? 59  TRP A CE2 1 
ATOM   335  C CE3 . TRP A 1 59  ? -10.85892 8.37784   -11.07778 1.000 23.45955 ? 59  TRP A CE3 1 
ATOM   336  C CZ2 . TRP A 1 59  ? -11.57764 6.00588   -9.71670  1.000 26.02066 ? 59  TRP A CZ2 1 
ATOM   337  C CZ3 . TRP A 1 59  ? -11.50057 8.40287   -9.85125  1.000 23.17666 ? 59  TRP A CZ3 1 
ATOM   338  C CH2 . TRP A 1 59  ? -11.86289 7.24285   -9.18859  1.000 23.46507 ? 59  TRP A CH2 1 
ATOM   339  N N   . CYS A 1 60  ? -7.54308  9.31254   -11.53589 1.000 22.64890 ? 60  CYS A N   1 
ATOM   340  C CA  . CYS A 1 60  ? -7.67502  10.36407  -10.53501 1.000 19.61982 ? 60  CYS A CA  1 
ATOM   341  C C   . CYS A 1 60  ? -6.47498  11.30721  -10.64027 1.000 21.15964 ? 60  CYS A C   1 
ATOM   342  O O   . CYS A 1 60  ? -5.32540  10.89306  -10.41803 1.000 21.32007 ? 60  CYS A O   1 
ATOM   343  C CB  . CYS A 1 60  ? -7.76005  9.72603   -9.15377  1.000 19.66378 ? 60  CYS A CB  1 
ATOM   344  S SG  . CYS A 1 60  ? -7.72822  11.01675  -7.87354  1.000 28.15931 ? 60  CYS A SG  1 
ATOM   345  N N   . LYS A 1 61  ? -6.71806  12.58023  -10.99706 1.000 24.43237 ? 61  LYS A N   1 
ATOM   346  C CA  A LYS A 1 61  ? -5.59541  13.48995  -11.20899 0.658 27.50751 ? 61  LYS A CA  1 
ATOM   347  C CA  B LYS A 1 61  ? -5.60316  13.50196  -11.20400 0.342 27.51677 ? 61  LYS A CA  1 
ATOM   348  C C   . LYS A 1 61  ? -4.79350  13.69162  -9.92288  1.000 22.92558 ? 61  LYS A C   1 
ATOM   349  O O   . LYS A 1 61  ? -3.57918  13.87675  -9.96359  1.000 25.25733 ? 61  LYS A O   1 
ATOM   350  C CB  A LYS A 1 61  ? -6.10042  14.84230  -11.75092 0.658 28.41806 ? 61  LYS A CB  1 
ATOM   351  C CB  B LYS A 1 61  ? -6.12780  14.85463  -11.69794 0.342 28.35167 ? 61  LYS A CB  1 
ATOM   352  C CG  A LYS A 1 61  ? -6.91832  15.68635  -10.74986 0.658 24.26380 ? 61  LYS A CG  1 
ATOM   353  C CG  B LYS A 1 61  ? -7.01042  14.79164  -12.93474 0.342 30.28615 ? 61  LYS A CG  1 
ATOM   354  C CD  A LYS A 1 61  ? -7.77869  16.77708  -11.45316 0.658 30.92523 ? 61  LYS A CD  1 
ATOM   355  C CD  B LYS A 1 61  ? -6.30060  14.13758  -14.09225 0.342 33.89241 ? 61  LYS A CD  1 
ATOM   356  C CE  A LYS A 1 61  ? -8.65443  17.55694  -10.48266 0.658 30.71983 ? 61  LYS A CE  1 
ATOM   357  C CE  B LYS A 1 61  ? -6.88086  14.56402  -15.43546 0.342 40.33904 ? 61  LYS A CE  1 
ATOM   358  N NZ  A LYS A 1 61  ? -9.21108  18.82003  -11.15437 0.658 43.59788 ? 61  LYS A NZ  1 
ATOM   359  N NZ  B LYS A 1 61  ? -6.34534  13.70919  -16.53568 0.342 45.49703 ? 61  LYS A NZ  1 
ATOM   360  N N   . TYR A 1 62  ? -5.45877  13.67078  -8.78368  1.000 19.41389 ? 62  TYR A N   1 
ATOM   361  C CA  . TYR A 1 62  ? -4.75586  13.90544  -7.51249  1.000 17.65566 ? 62  TYR A CA  1 
ATOM   362  C C   . TYR A 1 62  ? -3.92373  12.70283  -7.12487  1.000 19.37181 ? 62  TYR A C   1 
ATOM   363  O O   . TYR A 1 62  ? -2.83975  12.84820  -6.53867  1.000 20.50842 ? 62  TYR A O   1 
ATOM   364  C CB  . TYR A 1 62  ? -5.77011  14.17640  -6.39352  1.000 20.81630 ? 62  TYR A CB  1 
ATOM   365  C CG  . TYR A 1 62  ? -6.68136  15.37252  -6.61433  1.000 31.76871 ? 62  TYR A CG  1 
ATOM   366  C CD1 . TYR A 1 62  ? -8.01226  15.18651  -6.94916  1.000 32.52413 ? 62  TYR A CD1 1 
ATOM   367  C CD2 . TYR A 1 62  ? -6.21278  16.64807  -6.45596  1.000 35.98318 ? 62  TYR A CD2 1 
ATOM   368  C CE1 . TYR A 1 62  ? -8.87237  16.26239  -7.17248  1.000 42.69306 ? 62  TYR A CE1 1 
ATOM   369  C CE2 . TYR A 1 62  ? -7.08491  17.76257  -6.66611  1.000 31.08827 ? 62  TYR A CE2 1 
ATOM   370  C CZ  . TYR A 1 62  ? -8.40440  17.53835  -7.00501  1.000 35.59022 ? 62  TYR A CZ  1 
ATOM   371  O OH  . TYR A 1 62  ? -9.29202  18.59029  -7.21425  1.000 52.41615 ? 62  TYR A OH  1 
ATOM   372  N N   . CYS A 1 63  ? -4.38099  11.49674  -7.48814  1.000 17.54137 ? 63  CYS A N   1 
ATOM   373  C CA  . CYS A 1 63  ? -3.52480  10.31800  -7.29504  1.000 19.19408 ? 63  CYS A CA  1 
ATOM   374  C C   . CYS A 1 63  ? -2.25215  10.36745  -8.14357  1.000 21.33249 ? 63  CYS A C   1 
ATOM   375  O O   . CYS A 1 63  ? -1.15840  9.97192   -7.69293  1.000 19.34803 ? 63  CYS A O   1 
ATOM   376  C CB  . CYS A 1 63  ? -4.30252  9.05103   -7.64211  1.000 19.09123 ? 63  CYS A CB  1 
ATOM   377  S SG  . CYS A 1 63  ? -5.66444  8.71927   -6.50961  1.000 19.17616 ? 63  CYS A SG  1 
ATOM   378  N N   . VAL A 1 64  ? -2.36959  10.78293  -9.41445  1.000 20.45600 ? 64  VAL A N   1 
ATOM   379  C CA  . VAL A 1 64  ? -1.18547  10.85004  -10.26342 1.000 21.52265 ? 64  VAL A CA  1 
ATOM   380  C C   . VAL A 1 64  ? -0.19093  11.85623  -9.69484  1.000 19.71661 ? 64  VAL A C   1 
ATOM   381  O O   . VAL A 1 64  ? 1.01404   11.58737  -9.64031  1.000 23.67274 ? 64  VAL A O   1 
ATOM   382  C CB  . VAL A 1 64  ? -1.61502  11.18523  -11.70525 1.000 23.57569 ? 64  VAL A CB  1 
ATOM   383  C CG1 . VAL A 1 64  ? -0.39465  11.48115  -12.57846 1.000 25.93132 ? 64  VAL A CG1 1 
ATOM   384  C CG2 . VAL A 1 64  ? -2.42049  9.99316   -12.30237 1.000 24.64655 ? 64  VAL A CG2 1 
ATOM   385  N N   . THR A 1 65  ? -0.66935  13.00870  -9.25560  1.000 18.75423 ? 65  THR A N   1 
ATOM   386  C CA  . THR A 1 65  ? 0.24087   14.00819  -8.65890  1.000 19.86589 ? 65  THR A CA  1 
ATOM   387  C C   . THR A 1 65  ? 0.88176   13.45132  -7.40546  1.000 20.95540 ? 65  THR A C   1 
ATOM   388  O O   . THR A 1 65  ? 2.08641   13.62367  -7.14958  1.000 22.51138 ? 65  THR A O   1 
ATOM   389  C CB  . THR A 1 65  ? -0.53440  15.26535  -8.32272  1.000 24.32713 ? 65  THR A CB  1 
ATOM   390  O OG1 . THR A 1 65  ? -1.10124  15.84044  -9.52053  1.000 26.45668 ? 65  THR A OG1 1 
ATOM   391  C CG2 . THR A 1 65  ? 0.31149   16.31714  -7.56254  1.000 24.32055 ? 65  THR A CG2 1 
ATOM   392  N N   . PHE A 1 66  ? 0.09637   12.71562  -6.61921  1.000 18.55395 ? 66  PHE A N   1 
ATOM   393  C CA  . PHE A 1 66  ? 0.63076   12.18644  -5.35251  1.000 17.90181 ? 66  PHE A CA  1 
ATOM   394  C C   . PHE A 1 66  ? 1.78873   11.23258  -5.52794  1.000 21.01661 ? 66  PHE A C   1 
ATOM   395  O O   . PHE A 1 66  ? 2.53667   10.99139  -4.56695  1.000 21.19901 ? 66  PHE A O   1 
ATOM   396  C CB  . PHE A 1 66  ? -0.57353  11.47145  -4.63764  1.000 18.32858 ? 66  PHE A CB  1 
ATOM   397  C CG  . PHE A 1 66  ? -0.27609  10.96802  -3.22966  1.000 16.28481 ? 66  PHE A CG  1 
ATOM   398  C CD1 . PHE A 1 66  ? -0.01014  11.82701  -2.19534  1.000 16.86953 ? 66  PHE A CD1 1 
ATOM   399  C CD2 . PHE A 1 66  ? -0.26474  9.58164   -2.97495  1.000 16.71364 ? 66  PHE A CD2 1 
ATOM   400  C CE1 . PHE A 1 66  ? 0.28663   11.31720  -0.89487  1.000 17.72873 ? 66  PHE A CE1 1 
ATOM   401  C CE2 . PHE A 1 66  ? -0.05910  9.09836   -1.70482  1.000 20.70329 ? 66  PHE A CE2 1 
ATOM   402  C CZ  . PHE A 1 66  ? 0.24047   9.91981   -0.70379  1.000 19.57667 ? 66  PHE A CZ  1 
ATOM   403  N N   . ILE A 1 67  ? 1.91735   10.59241  -6.69903  1.000 17.71954 ? 67  ILE A N   1 
ATOM   404  C CA  . ILE A 1 67  ? 3.06264   9.72691   -6.95216  1.000 15.35713 ? 67  ILE A CA  1 
ATOM   405  C C   . ILE A 1 67  ? 4.37401   10.44214  -6.61571  1.000 17.39386 ? 67  ILE A C   1 
ATOM   406  O O   . ILE A 1 67  ? 5.29102   9.82644   -6.06153  1.000 19.53649 ? 67  ILE A O   1 
ATOM   407  C CB  . ILE A 1 67  ? 3.05719   9.24099   -8.40904  1.000 18.95679 ? 67  ILE A CB  1 
ATOM   408  C CG1 . ILE A 1 67  ? 1.84939   8.32194   -8.63574  1.000 20.94198 ? 67  ILE A CG1 1 
ATOM   409  C CG2 . ILE A 1 67  ? 4.26888   8.41156   -8.65985  1.000 19.43395 ? 67  ILE A CG2 1 
ATOM   410  C CD1 . ILE A 1 67  ? 1.68180   7.88437   -10.16151 1.000 28.89557 ? 67  ILE A CD1 1 
ATOM   411  N N   . ASP A 1 68  ? 4.45110   11.74365  -6.91569  1.000 19.66581 ? 68  ASP A N   1 
ATOM   412  C CA  . ASP A 1 68  ? 5.70751   12.46439  -6.66097  1.000 19.01889 ? 68  ASP A CA  1 
ATOM   413  C C   . ASP A 1 68  ? 5.97257   12.58057  -5.17005  1.000 21.07924 ? 68  ASP A C   1 
ATOM   414  O O   . ASP A 1 68  ? 7.12022   12.48072  -4.74799  1.000 22.85545 ? 68  ASP A O   1 
ATOM   415  C CB  . ASP A 1 68  ? 5.66480   13.83613  -7.31375  1.000 19.34173 ? 68  ASP A CB  1 
ATOM   416  C CG  . ASP A 1 68  ? 5.67045   13.73203  -8.80954  1.000 22.29915 ? 68  ASP A CG  1 
ATOM   417  O OD1 . ASP A 1 68  ? 4.99401   14.54089  -9.42619  1.000 27.25074 ? 68  ASP A OD1 1 
ATOM   418  O OD2 . ASP A 1 68  ? 6.37285   12.83015  -9.33666  1.000 26.64880 ? 68  ASP A OD2 1 
ATOM   419  N N   . SER A 1 69  ? 4.92657   12.77430  -4.34941  1.000 18.95763 ? 69  SER A N   1 
ATOM   420  C CA  . SER A 1 69  ? 5.10242   12.73186  -2.89874  1.000 17.59250 ? 69  SER A CA  1 
ATOM   421  C C   . SER A 1 69  ? 5.51925   11.36211  -2.41564  1.000 19.35953 ? 69  SER A C   1 
ATOM   422  O O   . SER A 1 69  ? 6.34280   11.25525  -1.48554  1.000 19.73119 ? 69  SER A O   1 
ATOM   423  C CB  . SER A 1 69  ? 3.80435   13.12751  -2.15296  1.000 17.88188 ? 69  SER A CB  1 
ATOM   424  O OG  . SER A 1 69  ? 3.47729   14.45976  -2.42420  1.000 22.65953 ? 69  SER A OG  1 
ATOM   425  N N   . LEU A 1 70  ? 4.91776   10.28082  -2.97256  1.000 17.46929 ? 70  LEU A N   1 
ATOM   426  C CA  . LEU A 1 70  ? 5.30298   8.92817   -2.56832  1.000 15.33275 ? 70  LEU A CA  1 
ATOM   427  C C   . LEU A 1 70  ? 6.74857   8.62877   -2.90115  1.000 18.96814 ? 70  LEU A C   1 
ATOM   428  O O   . LEU A 1 70  ? 7.43044   7.91590   -2.15402  1.000 22.05032 ? 70  LEU A O   1 
ATOM   429  C CB  . LEU A 1 70  ? 4.42178   7.84893   -3.23823  1.000 21.79824 ? 70  LEU A CB  1 
ATOM   430  C CG  . LEU A 1 70  ? 3.07827   7.68529   -2.60594  1.000 28.15752 ? 70  LEU A CG  1 
ATOM   431  C CD1 . LEU A 1 70  ? 2.18704   6.78764   -3.50357  1.000 20.71803 ? 70  LEU A CD1 1 
ATOM   432  C CD2 . LEU A 1 70  ? 3.30131   7.10752   -1.19404  1.000 25.53470 ? 70  LEU A CD2 1 
ATOM   433  N N   . ASN A 1 71  ? 7.21049   9.12435   -4.04540  1.000 19.59636 ? 71  ASN A N   1 
ATOM   434  C CA  . ASN A 1 71  ? 8.57845   8.83340   -4.43609  1.000 22.33258 ? 71  ASN A CA  1 
ATOM   435  C C   . ASN A 1 71  ? 9.55825   9.45300   -3.45031  1.000 21.54371 ? 71  ASN A C   1 
ATOM   436  O O   . ASN A 1 71  ? 10.55041  8.79981   -3.08149  1.000 25.02489 ? 71  ASN A O   1 
ATOM   437  C CB  . ASN A 1 71  ? 8.79272   9.32525   -5.86259  1.000 22.53271 ? 71  ASN A CB  1 
ATOM   438  C CG  . ASN A 1 71  ? 8.20535   8.39122   -6.89607  1.000 22.57174 ? 71  ASN A CG  1 
ATOM   439  O OD1 . ASN A 1 71  ? 7.84805   7.23841   -6.60062  1.000 26.98361 ? 71  ASN A OD1 1 
ATOM   440  N ND2 . ASN A 1 71  ? 8.06956   8.88655   -8.10369  1.000 27.89292 ? 71  ASN A ND2 1 
ATOM   441  N N   . ILE A 1 72  ? 9.25842   10.66986  -2.97069  1.000 18.70515 ? 72  ILE A N   1 
ATOM   442  C CA  . ILE A 1 72  ? 10.09055  11.32553  -1.94932  1.000 20.03849 ? 72  ILE A CA  1 
ATOM   443  C C   . ILE A 1 72  ? 10.03683  10.55025  -0.63836  1.000 21.02260 ? 72  ILE A C   1 
ATOM   444  O O   . ILE A 1 72  ? 11.06862  10.26574  0.01291   1.000 21.79121 ? 72  ILE A O   1 
ATOM   445  C CB  . ILE A 1 72  ? 9.63293   12.78050  -1.76181  1.000 19.26906 ? 72  ILE A CB  1 
ATOM   446  C CG1 . ILE A 1 72  ? 10.02593  13.61508  -3.01578  1.000 22.27161 ? 72  ILE A CG1 1 
ATOM   447  C CG2 . ILE A 1 72  ? 10.26207  13.42023  -0.46823  1.000 20.49212 ? 72  ILE A CG2 1 
ATOM   448  C CD1 . ILE A 1 72  ? 9.36907   14.97331  -3.06275  1.000 22.74889 ? 72  ILE A CD1 1 
ATOM   449  N N   . PHE A 1 73  ? 8.81363   10.16348  -0.23330  1.000 20.01655 ? 73  PHE A N   1 
ATOM   450  C CA  . PHE A 1 73  ? 8.64717   9.32845   0.95276   1.000 18.61311 ? 73  PHE A CA  1 
ATOM   451  C C   . PHE A 1 73  ? 9.51144   8.07965   0.86928   1.000 20.05411 ? 73  PHE A C   1 
ATOM   452  O O   . PHE A 1 73  ? 10.20933  7.70596   1.82312   1.000 20.79666 ? 73  PHE A O   1 
ATOM   453  C CB  . PHE A 1 73  ? 7.15169   8.93189   1.07734   1.000 17.34791 ? 73  PHE A CB  1 
ATOM   454  C CG  . PHE A 1 73  ? 6.90731   7.99255   2.16529   1.000 16.01638 ? 73  PHE A CG  1 
ATOM   455  C CD1 . PHE A 1 73  ? 6.76259   8.43861   3.47023   1.000 18.20034 ? 73  PHE A CD1 1 
ATOM   456  C CD2 . PHE A 1 73  ? 6.88058   6.61775   1.90381   1.000 14.82171 ? 73  PHE A CD2 1 
ATOM   457  C CE1 . PHE A 1 73  ? 6.58937   7.52138   4.47164   1.000 18.73516 ? 73  PHE A CE1 1 
ATOM   458  C CE2 . PHE A 1 73  ? 6.72441   5.69506   2.92169   1.000 17.76650 ? 73  PHE A CE2 1 
ATOM   459  C CZ  . PHE A 1 73  ? 6.56868   6.15549   4.21245   1.000 17.41034 ? 73  PHE A CZ  1 
ATOM   460  N N   . LYS A 1 74  ? 9.45368   7.41326   -0.26121  1.000 17.58779 ? 74  LYS A N   1 
ATOM   461  C CA  . LYS A 1 74  ? 10.09364  6.10970   -0.38426  1.000 21.30692 ? 74  LYS A CA  1 
ATOM   462  C C   . LYS A 1 74  ? 11.59857  6.24274   -0.23165  1.000 21.41961 ? 74  LYS A C   1 
ATOM   463  O O   . LYS A 1 74  ? 12.23580  5.37469   0.35264   1.000 23.30190 ? 74  LYS A O   1 
ATOM   464  C CB  . LYS A 1 74  ? 9.76245   5.46472   -1.71731  1.000 23.36250 ? 74  LYS A CB  1 
ATOM   465  C CG  . LYS A 1 74  ? 10.44109  4.09975   -1.91681  1.000 27.56831 ? 74  LYS A CG  1 
ATOM   466  C CD  . LYS A 1 74  ? 10.11907  3.04027   -0.83117  1.000 33.47579 ? 74  LYS A CD  1 
ATOM   467  C CE  . LYS A 1 74  ? 10.64861  1.66808   -1.27493  1.000 31.51435 ? 74  LYS A CE  1 
ATOM   468  N NZ  . LYS A 1 74  ? 10.55745  0.53247   -0.29360  1.000 28.12325 ? 74  LYS A NZ  1 
ATOM   469  N N   . LYS A 1 75  ? 12.15474  7.32526   -0.75385  1.000 20.83789 ? 75  LYS A N   1 
ATOM   470  C CA  . LYS A 1 75  ? 13.61065  7.54178   -0.61050  1.000 24.22080 ? 75  LYS A CA  1 
ATOM   471  C C   . LYS A 1 75  ? 14.03290  7.71399   0.84729   1.000 25.14497 ? 75  LYS A C   1 
ATOM   472  O O   . LYS A 1 75  ? 15.15975  7.33039   1.24678   1.000 25.50783 ? 75  LYS A O   1 
ATOM   473  C CB  . LYS A 1 75  ? 14.03054  8.79583   -1.38375  1.000 29.23945 ? 75  LYS A CB  1 
ATOM   474  C CG  . LYS A 1 75  ? 14.02505  8.66404   -2.88743  1.000 38.33742 ? 75  LYS A CG  1 
ATOM   475  C CD  . LYS A 1 75  ? 14.79089  7.42975   -3.28944  1.000 47.01033 ? 75  LYS A CD  1 
ATOM   476  C CE  . LYS A 1 75  ? 15.19929  7.43422   -4.74196  1.000 55.68917 ? 75  LYS A CE  1 
ATOM   477  N NZ  . LYS A 1 75  ? 16.47714  8.16361   -4.89047  1.000 59.12169 ? 75  LYS A NZ  1 
ATOM   478  N N   . ASN A 1 76  ? 13.17325  8.33961   1.64478   1.000 19.09811 ? 76  ASN A N   1 
ATOM   479  C CA  . ASN A 1 76  ? 13.48127  8.61706   3.02210   1.000 18.62880 ? 76  ASN A CA  1 
ATOM   480  C C   . ASN A 1 76  ? 13.15806  7.45237   3.93567   1.000 25.52474 ? 76  ASN A C   1 
ATOM   481  O O   . ASN A 1 76  ? 13.70918  7.37953   5.05047   1.000 23.46228 ? 76  ASN A O   1 
ATOM   482  C CB  . ASN A 1 76  ? 12.73021  9.87425   3.44354   1.000 20.92749 ? 76  ASN A CB  1 
ATOM   483  C CG  . ASN A 1 76  ? 13.41207  11.12950  2.93705   1.000 20.23870 ? 76  ASN A CG  1 
ATOM   484  O OD1 . ASN A 1 76  ? 14.32130  11.64558  3.60248   1.000 22.34468 ? 76  ASN A OD1 1 
ATOM   485  N ND2 . ASN A 1 76  ? 12.95269  11.66298  1.78628   1.000 19.30271 ? 76  ASN A ND2 1 
ATOM   486  N N   . PHE A 1 77  ? 12.22849  6.57588   3.50176   1.000 20.01106 ? 77  PHE A N   1 
ATOM   487  C CA  . PHE A 1 77  ? 11.75810  5.43161   4.28970   1.000 19.23844 ? 77  PHE A CA  1 
ATOM   488  C C   . PHE A 1 77  ? 11.85424  4.16761   3.45386   1.000 23.98834 ? 77  PHE A C   1 
ATOM   489  O O   . PHE A 1 77  ? 10.85211  3.51227   3.14719   1.000 21.30611 ? 77  PHE A O   1 
ATOM   490  C CB  . PHE A 1 77  ? 10.31469  5.68723   4.78869   1.000 17.19003 ? 77  PHE A CB  1 
ATOM   491  C CG  . PHE A 1 77  ? 10.23076  6.84776   5.71323   1.000 17.70441 ? 77  PHE A CG  1 
ATOM   492  C CD1 . PHE A 1 77  ? 10.47810  6.67956   7.06600   1.000 19.74215 ? 77  PHE A CD1 1 
ATOM   493  C CD2 . PHE A 1 77  ? 9.97855   8.13257   5.23699   1.000 19.08162 ? 77  PHE A CD2 1 
ATOM   494  C CE1 . PHE A 1 77  ? 10.48016  7.76720   7.92660   1.000 19.68416 ? 77  PHE A CE1 1 
ATOM   495  C CE2 . PHE A 1 77  ? 9.97753   9.23173   6.05649   1.000 17.57582 ? 77  PHE A CE2 1 
ATOM   496  C CZ  . PHE A 1 77  ? 10.23444  9.04584   7.44899   1.000 21.02188 ? 77  PHE A CZ  1 
ATOM   497  N N   . PRO A 1 78  ? 13.06683  3.79134   3.03728   1.000 20.43413 ? 78  PRO A N   1 
ATOM   498  C CA  . PRO A 1 78  ? 13.21878  2.73363   2.04351   1.000 19.70644 ? 78  PRO A CA  1 
ATOM   499  C C   . PRO A 1 78  ? 12.76399  1.37143   2.51588   1.000 21.79646 ? 78  PRO A C   1 
ATOM   500  O O   . PRO A 1 78  ? 12.56728  0.50106   1.67533   1.000 27.50246 ? 78  PRO A O   1 
ATOM   501  C CB  . PRO A 1 78  ? 14.74373  2.72322   1.77662   1.000 24.89856 ? 78  PRO A CB  1 
ATOM   502  C CG  . PRO A 1 78  ? 15.30455  3.27388   3.04822   1.000 21.88594 ? 78  PRO A CG  1 
ATOM   503  C CD  . PRO A 1 78  ? 14.35864  4.35550   3.46830   1.000 21.40810 ? 78  PRO A CD  1 
ATOM   504  N N   . ASN A 1 79  ? 12.62159  1.16219   3.81309   1.000 22.61403 ? 79  ASN A N   1 
ATOM   505  C CA  . ASN A 1 79  ? 12.22357  -0.14868  4.28352   1.000 27.13173 ? 79  ASN A CA  1 
ATOM   506  C C   . ASN A 1 79  ? 10.71275  -0.28310  4.36796   1.000 25.19396 ? 79  ASN A C   1 
ATOM   507  O O   . ASN A 1 79  ? 10.22851  -1.38606  4.65010   1.000 28.32789 ? 79  ASN A O   1 
ATOM   508  C CB  . ASN A 1 79  ? 12.87471  -0.41652  5.63280   1.000 28.03809 ? 79  ASN A CB  1 
ATOM   509  C CG  . ASN A 1 79  ? 14.37819  -0.51463  5.50163   1.000 33.73736 ? 79  ASN A CG  1 
ATOM   510  O OD1 . ASN A 1 79  ? 14.87377  -1.09658  4.53364   1.000 34.94014 ? 79  ASN A OD1 1 
ATOM   511  N ND2 . ASN A 1 79  ? 15.09648  0.11872   6.40135   1.000 45.22660 ? 79  ASN A ND2 1 
ATOM   512  N N   . VAL A 1 80  ? 9.97639   0.80193   4.12942   1.000 20.24948 ? 80  VAL A N   1 
ATOM   513  C CA  . VAL A 1 80  ? 8.51093   0.69500   4.10127   1.000 17.18399 ? 80  VAL A CA  1 
ATOM   514  C C   . VAL A 1 80  ? 8.13640   0.23005   2.70254   1.000 20.15448 ? 80  VAL A C   1 
ATOM   515  O O   . VAL A 1 80  ? 8.52093   0.86451   1.71968   1.000 21.88909 ? 80  VAL A O   1 
ATOM   516  C CB  . VAL A 1 80  ? 7.87599   2.04246   4.42492   1.000 16.04370 ? 80  VAL A CB  1 
ATOM   517  C CG1 . VAL A 1 80  ? 6.36815   1.93023   4.24550   1.000 20.29658 ? 80  VAL A CG1 1 
ATOM   518  C CG2 . VAL A 1 80  ? 8.21778   2.51583   5.88312   1.000 19.25331 ? 80  VAL A CG2 1 
ATOM   519  N N   . GLU A 1 81  ? 7.35968   -0.84347  2.60234   1.000 14.77324 ? 81  GLU A N   1 
ATOM   520  C CA  . GLU A 1 81  ? 6.99833   -1.38666  1.29442   1.000 17.22986 ? 81  GLU A CA  1 
ATOM   521  C C   . GLU A 1 81  ? 5.69416   -0.71710  0.84240   1.000 16.89801 ? 81  GLU A C   1 
ATOM   522  O O   . GLU A 1 81  ? 4.67589   -0.81211  1.53681   1.000 17.65175 ? 81  GLU A O   1 
ATOM   523  C CB  . GLU A 1 81  ? 6.80561   -2.89996  1.32582   1.000 18.73488 ? 81  GLU A CB  1 
ATOM   524  C CG  . GLU A 1 81  ? 8.07008   -3.66979  1.76517   1.000 21.92877 ? 81  GLU A CG  1 
ATOM   525  C CD  . GLU A 1 81  ? 9.21026   -3.57104  0.78051   1.000 26.68734 ? 81  GLU A CD  1 
ATOM   526  O OE1 . GLU A 1 81  ? 9.05683   -3.16828  -0.38107  1.000 28.60382 ? 81  GLU A OE1 1 
ATOM   527  O OE2 . GLU A 1 81  ? 10.32577  -3.86016  1.24643   1.000 36.98042 ? 81  GLU A OE2 1 
ATOM   528  N N   . ILE A 1 82  ? 5.73599   -0.02343  -0.30394  1.000 15.31678 ? 82  ILE A N   1 
ATOM   529  C CA  . ILE A 1 82  ? 4.52868   0.62883   -0.83999  1.000 14.66665 ? 82  ILE A CA  1 
ATOM   530  C C   . ILE A 1 82  ? 3.73702   -0.38721  -1.62796  1.000 14.98963 ? 82  ILE A C   1 
ATOM   531  O O   . ILE A 1 82  ? 4.27642   -1.07145  -2.49995  1.000 15.94890 ? 82  ILE A O   1 
ATOM   532  C CB  . ILE A 1 82  ? 4.91316   1.81425   -1.72233  1.000 14.59896 ? 82  ILE A CB  1 
ATOM   533  C CG1 . ILE A 1 82  ? 5.56621   2.90750   -0.80313  1.000 20.62203 ? 82  ILE A CG1 1 
ATOM   534  C CG2 . ILE A 1 82  ? 3.71066   2.45285   -2.40740  1.000 15.37745 ? 82  ILE A CG2 1 
ATOM   535  C CD1 . ILE A 1 82  ? 6.11541   4.07956   -1.64987  1.000 25.89026 ? 82  ILE A CD1 1 
ATOM   536  N N   . ILE A 1 83  ? 2.43212   -0.50508  -1.30847  1.000 13.42510 ? 83  ILE A N   1 
ATOM   537  C CA  . ILE A 1 83  ? 1.51894   -1.44349  -1.98775  1.000 12.56794 ? 83  ILE A CA  1 
ATOM   538  C C   . ILE A 1 83  ? 0.40295   -0.59805  -2.57716  1.000 13.57490 ? 83  ILE A C   1 
ATOM   539  O O   . ILE A 1 83  ? -0.31009  0.09548   -1.82985  1.000 15.70795 ? 83  ILE A O   1 
ATOM   540  C CB  . ILE A 1 83  ? 0.97191   -2.47442  -1.00085  1.000 15.58930 ? 83  ILE A CB  1 
ATOM   541  C CG1 . ILE A 1 83  ? 2.09391   -3.45692  -0.55624  1.000 16.74382 ? 83  ILE A CG1 1 
ATOM   542  C CG2 . ILE A 1 83  ? -0.18168  -3.29832  -1.67268  1.000 14.15258 ? 83  ILE A CG2 1 
ATOM   543  C CD1 . ILE A 1 83  ? 1.60579   -4.29638  0.56462   1.000 18.94647 ? 83  ILE A CD1 1 
ATOM   544  N N   . TYR A 1 84  ? 0.26063   -0.62095  -3.90229  1.000 14.63967 ? 84  TYR A N   1 
ATOM   545  C CA  . TYR A 1 84  ? -0.84372  0.03255   -4.59389  1.000 13.56836 ? 84  TYR A CA  1 
ATOM   546  C C   . TYR A 1 84  ? -2.10232  -0.82253  -4.48507  1.000 14.79302 ? 84  TYR A C   1 
ATOM   547  O O   . TYR A 1 84  ? -2.09932  -2.00349  -4.88287  1.000 14.59633 ? 84  TYR A O   1 
ATOM   548  C CB  . TYR A 1 84  ? -0.44958  0.20752   -6.05073  1.000 13.80071 ? 84  TYR A CB  1 
ATOM   549  C CG  . TYR A 1 84  ? -1.50780  0.80292   -6.94525  1.000 13.00700 ? 84  TYR A CG  1 
ATOM   550  C CD1 . TYR A 1 84  ? -2.13674  2.00775   -6.59922  1.000 15.34437 ? 84  TYR A CD1 1 
ATOM   551  C CD2 . TYR A 1 84  ? -1.81103  0.20851   -8.18741  1.000 16.35687 ? 84  TYR A CD2 1 
ATOM   552  C CE1 . TYR A 1 84  ? -3.10073  2.59589   -7.45836  1.000 16.40695 ? 84  TYR A CE1 1 
ATOM   553  C CE2 . TYR A 1 84  ? -2.73368  0.75789   -9.05178  1.000 15.97064 ? 84  TYR A CE2 1 
ATOM   554  C CZ  . TYR A 1 84  ? -3.38815  1.92563   -8.69375  1.000 16.46902 ? 84  TYR A CZ  1 
ATOM   555  O OH  . TYR A 1 84  ? -4.29711  2.47779   -9.56775  1.000 17.06591 ? 84  TYR A OH  1 
ATOM   556  N N   . ILE A 1 85  ? -3.17016  -0.22521  -3.95895  1.000 12.34503 ? 85  ILE A N   1 
ATOM   557  C CA  . ILE A 1 85  ? -4.51453  -0.80637  -3.92443  1.000 13.71212 ? 85  ILE A CA  1 
ATOM   558  C C   . ILE A 1 85  ? -5.32475  -0.12000  -5.02797  1.000 14.15614 ? 85  ILE A C   1 
ATOM   559  O O   . ILE A 1 85  ? -5.62006  1.08059   -4.91328  1.000 14.69457 ? 85  ILE A O   1 
ATOM   560  C CB  . ILE A 1 85  ? -5.15537  -0.59603  -2.54265  1.000 12.75568 ? 85  ILE A CB  1 
ATOM   561  C CG1 . ILE A 1 85  ? -4.29520  -1.25397  -1.46351  1.000 14.28283 ? 85  ILE A CG1 1 
ATOM   562  C CG2 . ILE A 1 85  ? -6.57444  -1.23865  -2.52933  1.000 14.09531 ? 85  ILE A CG2 1 
ATOM   563  C CD1 . ILE A 1 85  ? -4.78650  -1.11831  -0.03428  1.000 16.36063 ? 85  ILE A CD1 1 
ATOM   564  N N   . PRO A 1 86  ? -5.60349  -0.79905  -6.13022  1.000 13.92516 ? 86  PRO A N   1 
ATOM   565  C CA  . PRO A 1 86  ? -6.05216  -0.11257  -7.34826  1.000 15.07411 ? 86  PRO A CA  1 
ATOM   566  C C   . PRO A 1 86  ? -7.54308  0.13440   -7.34137  1.000 14.49574 ? 86  PRO A C   1 
ATOM   567  O O   . PRO A 1 86  ? -8.31927  -0.74037  -6.94093  1.000 15.33734 ? 86  PRO A O   1 
ATOM   568  C CB  . PRO A 1 86  ? -5.68892  -1.10767  -8.47646  1.000 15.97519 ? 86  PRO A CB  1 
ATOM   569  C CG  . PRO A 1 86  ? -5.75152  -2.52824  -7.73640  1.000 16.89732 ? 86  PRO A CG  1 
ATOM   570  C CD  . PRO A 1 86  ? -5.25662  -2.22206  -6.30951  1.000 15.18019 ? 86  PRO A CD  1 
ATOM   571  N N   . PHE A 1 87  ? -7.91996  1.26311   -7.94062  1.000 16.00977 ? 87  PHE A N   1 
ATOM   572  C CA  . PHE A 1 87  ? -9.32630  1.55645   -8.25229  1.000 16.22444 ? 87  PHE A CA  1 
ATOM   573  C C   . PHE A 1 87  ? -9.46392  1.94304   -9.71940  1.000 16.11571 ? 87  PHE A C   1 
ATOM   574  O O   . PHE A 1 87  ? -10.45403 2.58794   -10.10472 1.000 19.93365 ? 87  PHE A O   1 
ATOM   575  C CB  . PHE A 1 87  ? -9.91901  2.60899   -7.27029  1.000 15.30926 ? 87  PHE A CB  1 
ATOM   576  C CG  . PHE A 1 87  ? -9.96102  2.09163   -5.89085  1.000 17.33831 ? 87  PHE A CG  1 
ATOM   577  C CD1 . PHE A 1 87  ? -11.03577 1.31480   -5.43284  1.000 16.39164 ? 87  PHE A CD1 1 
ATOM   578  C CD2 . PHE A 1 87  ? -8.81259  2.13796   -5.10968  1.000 15.40963 ? 87  PHE A CD2 1 
ATOM   579  C CE1 . PHE A 1 87  ? -11.01877 0.70583   -4.17583  1.000 16.73039 ? 87  PHE A CE1 1 
ATOM   580  C CE2 . PHE A 1 87  ? -8.78442  1.55794   -3.85583  1.000 14.99640 ? 87  PHE A CE2 1 
ATOM   581  C CZ  . PHE A 1 87  ? -9.89978  0.79761   -3.39203  1.000 16.03299 ? 87  PHE A CZ  1 
ATOM   582  N N   . ASP A 1 88  ? -8.54000  1.49869   -10.54695 1.000 16.93871 ? 88  ASP A N   1 
ATOM   583  C CA  . ASP A 1 88  ? -8.61869  1.66718   -11.99896 1.000 16.47183 ? 88  ASP A CA  1 
ATOM   584  C C   . ASP A 1 88  ? -9.90276  1.04321   -12.52513 1.000 19.23076 ? 88  ASP A C   1 
ATOM   585  O O   . ASP A 1 88  ? -10.41966 0.06713   -11.96854 1.000 21.08370 ? 88  ASP A O   1 
ATOM   586  C CB  . ASP A 1 88  ? -7.39879  1.02497   -12.65228 1.000 19.02887 ? 88  ASP A CB  1 
ATOM   587  C CG  . ASP A 1 88  ? -6.12328  1.64977   -12.09594 1.000 18.67071 ? 88  ASP A CG  1 
ATOM   588  O OD1 . ASP A 1 88  ? -5.45319  0.97179   -11.25388 1.000 18.93972 ? 88  ASP A OD1 1 
ATOM   589  O OD2 . ASP A 1 88  ? -5.88071  2.81884   -12.44755 1.000 20.41149 ? 88  ASP A OD2 1 
ATOM   590  N N   . ARG A 1 89  ? -10.41118 1.65208   -13.60143 1.000 23.10533 ? 89  ARG A N   1 
ATOM   591  C CA  A ARG A 1 89  ? -11.61564 1.09204   -14.20886 0.531 26.23840 ? 89  ARG A CA  1 
ATOM   592  C CA  B ARG A 1 89  ? -11.61221 1.11594   -14.24497 0.469 26.24654 ? 89  ARG A CA  1 
ATOM   593  C C   . ARG A 1 89  ? -11.28353 -0.08769  -15.11241 1.000 22.34758 ? 89  ARG A C   1 
ATOM   594  O O   . ARG A 1 89  ? -12.07828 -1.02905  -15.20602 1.000 26.49965 ? 89  ARG A O   1 
ATOM   595  C CB  A ARG A 1 89  ? -12.36487 2.18864   -14.96500 0.531 29.50959 ? 89  ARG A CB  1 
ATOM   596  C CB  B ARG A 1 89  ? -12.27949 2.19247   -15.09400 0.469 29.32890 ? 89  ARG A CB  1 
ATOM   597  C CG  A ARG A 1 89  ? -12.51569 3.46204   -14.13929 0.531 34.04751 ? 89  ARG A CG  1 
ATOM   598  C CG  B ARG A 1 89  ? -12.63973 3.43021   -14.32981 0.469 34.03576 ? 89  ARG A CG  1 
ATOM   599  C CD  A ARG A 1 89  ? -13.54523 4.43585   -14.73717 0.531 38.70048 ? 89  ARG A CD  1 
ATOM   600  C CD  B ARG A 1 89  ? -12.87165 4.59578   -15.28095 0.469 37.17378 ? 89  ARG A CD  1 
ATOM   601  N NE  A ARG A 1 89  ? -13.56862 5.73516   -14.05817 0.531 40.48262 ? 89  ARG A NE  1 
ATOM   602  N NE  B ARG A 1 89  ? -11.66192 4.93461   -16.01433 0.469 26.57750 ? 89  ARG A NE  1 
ATOM   603  C CZ  A ARG A 1 89  ? -14.12880 5.95435   -12.87528 0.531 37.16512 ? 89  ARG A CZ  1 
ATOM   604  C CZ  B ARG A 1 89  ? -11.44667 6.09937   -16.59020 0.469 29.04099 ? 89  ARG A CZ  1 
ATOM   605  N NH1 A ARG A 1 89  ? -14.71114 4.95728   -12.22537 0.531 44.50613 ? 89  ARG A NH1 1 
ATOM   606  N NH1 B ARG A 1 89  ? -12.36454 7.05593   -16.51926 0.469 39.45491 ? 89  ARG A NH1 1 
ATOM   607  N NH2 A ARG A 1 89  ? -14.11791 7.17364   -12.34634 0.531 36.93275 ? 89  ARG A NH2 1 
ATOM   608  N NH2 B ARG A 1 89  ? -10.31573 6.30908   -17.23200 0.469 35.45381 ? 89  ARG A NH2 1 
ATOM   609  N N   . THR A 1 90  ? -10.11581 -0.08526  -15.74889 1.000 23.22497 ? 90  THR A N   1 
ATOM   610  C CA  . THR A 1 90  ? -9.75157  -1.13804  -16.66123 1.000 24.86899 ? 90  THR A CA  1 
ATOM   611  C C   . THR A 1 90  ? -8.42804  -1.76553  -16.29027 1.000 29.44498 ? 90  THR A C   1 
ATOM   612  O O   . THR A 1 90  ? -7.56645  -1.14296  -15.66211 1.000 22.96362 ? 90  THR A O   1 
ATOM   613  C CB  . THR A 1 90  ? -9.63274  -0.63069  -18.12207 1.000 30.25189 ? 90  THR A CB  1 
ATOM   614  O OG1 . THR A 1 90  ? -8.51249  0.26312   -18.26644 1.000 28.32304 ? 90  THR A OG1 1 
ATOM   615  C CG2 . THR A 1 90  ? -10.89732 0.12329   -18.49941 1.000 30.04428 ? 90  THR A CG2 1 
ATOM   616  N N   . TYR A 1 91  ? -8.23207  -2.99978  -16.76626 1.000 22.40365 ? 91  TYR A N   1 
ATOM   617  C CA  . TYR A 1 91  ? -6.93770  -3.62926  -16.54873 1.000 22.69734 ? 91  TYR A CA  1 
ATOM   618  C C   . TYR A 1 91  ? -5.82837  -2.88933  -17.26510 1.000 26.01680 ? 91  TYR A C   1 
ATOM   619  O O   . TYR A 1 91  ? -4.68170  -2.82609  -16.78807 1.000 25.20753 ? 91  TYR A O   1 
ATOM   620  C CB  . TYR A 1 91  ? -6.98686  -5.06629  -17.06027 1.000 27.89709 ? 91  TYR A CB  1 
ATOM   621  C CG  . TYR A 1 91  ? -5.74991  -5.85125  -16.75746 1.000 24.12195 ? 91  TYR A CG  1 
ATOM   622  C CD1 . TYR A 1 91  ? -5.41968  -6.16089  -15.44965 1.000 23.85346 ? 91  TYR A CD1 1 
ATOM   623  C CD2 . TYR A 1 91  ? -4.97774  -6.39874  -17.76791 1.000 33.02968 ? 91  TYR A CD2 1 
ATOM   624  C CE1 . TYR A 1 91  ? -4.28862  -6.89625  -15.14699 1.000 23.68957 ? 91  TYR A CE1 1 
ATOM   625  C CE2 . TYR A 1 91  ? -3.87067  -7.15126  -17.49345 1.000 31.84396 ? 91  TYR A CE2 1 
ATOM   626  C CZ  . TYR A 1 91  ? -3.51186  -7.39142  -16.17357 1.000 40.68654 ? 91  TYR A CZ  1 
ATOM   627  O OH  . TYR A 1 91  ? -2.39125  -8.14916  -15.87853 1.000 34.64495 ? 91  TYR A OH  1 
ATOM   628  N N   . GLN A 1 92  ? -6.13733  -2.33931  -18.42959 1.000 26.39788 ? 92  GLN A N   1 
ATOM   629  C CA  . GLN A 1 92  ? -5.11387  -1.61191  -19.15984 1.000 26.64279 ? 92  GLN A CA  1 
ATOM   630  C C   . GLN A 1 92  ? -4.63834  -0.38151  -18.38484 1.000 23.11237 ? 92  GLN A C   1 
ATOM   631  O O   . GLN A 1 92  ? -3.42540  -0.11230  -18.32620 1.000 29.63970 ? 92  GLN A O   1 
ATOM   632  C CB  . GLN A 1 92  ? -5.66949  -1.25610  -20.54752 1.000 34.35616 ? 92  GLN A CB  1 
ATOM   633  C CG  . GLN A 1 92  ? -5.82950  -2.50868  -21.44065 1.000 38.39755 ? 92  GLN A CG  1 
ATOM   634  C CD  . GLN A 1 92  ? -6.92119  -3.49988  -20.99105 1.000 33.24783 ? 92  GLN A CD  1 
ATOM   635  O OE1 . GLN A 1 92  ? -8.06300  -3.12200  -20.62069 1.000 29.85780 ? 92  GLN A OE1 1 
ATOM   636  N NE2 . GLN A 1 92  ? -6.55506  -4.79125  -20.98786 1.000 39.94798 ? 92  GLN A NE2 1 
ATOM   637  N N   . GLU A 1 93  ? -5.56366  0.35713   -17.76967 1.000 25.38204 ? 93  GLU A N   1 
ATOM   638  C CA  . GLU A 1 93  ? -5.20579  1.48441   -16.89499 1.000 23.69414 ? 93  GLU A CA  1 
ATOM   639  C C   . GLU A 1 93  ? -4.31443  1.02266   -15.74987 1.000 26.69100 ? 93  GLU A C   1 
ATOM   640  O O   . GLU A 1 93  ? -3.31346  1.67005   -15.42103 1.000 24.36880 ? 93  GLU A O   1 
ATOM   641  C CB  . GLU A 1 93  ? -6.43322  2.10833   -16.26810 1.000 22.72444 ? 93  GLU A CB  1 
ATOM   642  C CG  . GLU A 1 93  ? -7.23222  3.04511   -17.09954 1.000 26.53645 ? 93  GLU A CG  1 
ATOM   643  C CD  . GLU A 1 93  ? -8.40833  3.60805   -16.32665 1.000 32.43165 ? 93  GLU A CD  1 
ATOM   644  O OE1 . GLU A 1 93  ? -8.90410  2.96762   -15.39518 1.000 28.28212 ? 93  GLU A OE1 1 
ATOM   645  O OE2 . GLU A 1 93  ? -8.87183  4.73236   -16.65002 1.000 43.87445 ? 93  GLU A OE2 1 
ATOM   646  N N   . TYR A 1 94  ? -4.75019  -0.04196  -15.06248 1.000 23.07596 ? 94  TYR A N   1 
ATOM   647  C CA  . TYR A 1 94  ? -3.94671  -0.63666  -13.98491 1.000 19.81321 ? 94  TYR A CA  1 
ATOM   648  C C   . TYR A 1 94  ? -2.54986  -0.98744  -14.46094 1.000 26.35561 ? 94  TYR A C   1 
ATOM   649  O O   . TYR A 1 94  ? -1.57073  -0.70047  -13.78319 1.000 22.09097 ? 94  TYR A O   1 
ATOM   650  C CB  . TYR A 1 94  ? -4.66646  -1.87365  -13.45467 1.000 20.19329 ? 94  TYR A CB  1 
ATOM   651  C CG  . TYR A 1 94  ? -3.90338  -2.85478  -12.59450 1.000 17.06097 ? 94  TYR A CG  1 
ATOM   652  C CD1 . TYR A 1 94  ? -3.94923  -2.77628  -11.19535 1.000 17.34688 ? 94  TYR A CD1 1 
ATOM   653  C CD2 . TYR A 1 94  ? -3.23817  -3.95252  -13.14078 1.000 17.56022 ? 94  TYR A CD2 1 
ATOM   654  C CE1 . TYR A 1 94  ? -3.28910  -3.68589  -10.37075 1.000 15.87256 ? 94  TYR A CE1 1 
ATOM   655  C CE2 . TYR A 1 94  ? -2.60329  -4.87323  -12.34966 1.000 16.83656 ? 94  TYR A CE2 1 
ATOM   656  C CZ  . TYR A 1 94  ? -2.65989  -4.79376  -10.95775 1.000 17.25251 ? 94  TYR A CZ  1 
ATOM   657  O OH  . TYR A 1 94  ? -2.01237  -5.68439  -10.18318 1.000 17.12731 ? 94  TYR A OH  1 
ATOM   658  N N   . GLN A 1 95  ? -2.43247  -1.63946  -15.62933 1.000 20.76495 ? 95  GLN A N   1 
ATOM   659  C CA  . GLN A 1 95  ? -1.11111  -2.02490  -16.09282 1.000 19.68568 ? 95  GLN A CA  1 
ATOM   660  C C   . GLN A 1 95  ? -0.22879  -0.80106  -16.35724 1.000 23.35980 ? 95  GLN A C   1 
ATOM   661  O O   . GLN A 1 95  ? 0.96355   -0.79314  -16.02640 1.000 26.88186 ? 95  GLN A O   1 
ATOM   662  C CB  . GLN A 1 95  ? -1.24081  -2.82515  -17.37438 1.000 23.37559 ? 95  GLN A CB  1 
ATOM   663  C CG  . GLN A 1 95  ? -1.63433  -4.23164  -17.19540 1.000 31.96568 ? 95  GLN A CG  1 
ATOM   664  C CD  . GLN A 1 95  ? -1.50984  -4.97338  -18.50736 1.000 42.16472 ? 95  GLN A CD  1 
ATOM   665  O OE1 . GLN A 1 95  ? -0.74243  -5.93689  -18.63108 1.000 47.52625 ? 95  GLN A OE1 1 
ATOM   666  N NE2 . GLN A 1 95  ? -2.26734  -4.51250  -19.50328 1.000 33.96107 ? 95  GLN A NE2 1 
ATOM   667  N N   . SER A 1 96  ? -0.78327  0.21474   -17.00646 1.000 22.87817 ? 96  SER A N   1 
ATOM   668  C CA  . SER A 1 96  ? 0.03065   1.38879   -17.30343 1.000 27.61294 ? 96  SER A CA  1 
ATOM   669  C C   . SER A 1 96  ? 0.46328   2.09495   -16.01169 1.000 30.87239 ? 96  SER A C   1 
ATOM   670  O O   . SER A 1 96  ? 1.59710   2.58021   -15.90366 1.000 28.49726 ? 96  SER A O   1 
ATOM   671  C CB  . SER A 1 96  ? -0.72786  2.31921   -18.25175 1.000 32.46596 ? 96  SER A CB  1 
ATOM   672  O OG  . SER A 1 96  ? -1.74519  3.00422   -17.56271 1.000 49.60449 ? 96  SER A OG  1 
ATOM   673  N N   . PHE A 1 97  ? -0.39308  2.10044   -14.99790 1.000 27.41227 ? 97  PHE A N   1 
ATOM   674  C CA  . PHE A 1 97  ? -0.02253  2.65008   -13.68439 1.000 26.73927 ? 97  PHE A CA  1 
ATOM   675  C C   . PHE A 1 97  ? 1.12318   1.87517   -13.03149 1.000 25.85221 ? 97  PHE A C   1 
ATOM   676  O O   . PHE A 1 97  ? 2.05473   2.48583   -12.48863 1.000 34.01924 ? 97  PHE A O   1 
ATOM   677  C CB  . PHE A 1 97  ? -1.23800  2.63556   -12.76628 1.000 31.33802 ? 97  PHE A CB  1 
ATOM   678  C CG  . PHE A 1 97  ? -1.13602  3.53666   -11.54440 1.000 29.08270 ? 97  PHE A CG  1 
ATOM   679  C CD1 . PHE A 1 97  ? -0.45375  3.12577   -10.41695 1.000 31.42099 ? 97  PHE A CD1 1 
ATOM   680  C CD2 . PHE A 1 97  ? -1.78042  4.76930   -11.53081 1.000 33.90825 ? 97  PHE A CD2 1 
ATOM   681  C CE1 . PHE A 1 97  ? -0.37461  3.97787   -9.27973  1.000 33.44085 ? 97  PHE A CE1 1 
ATOM   682  C CE2 . PHE A 1 97  ? -1.71899  5.63938   -10.39762 1.000 31.62019 ? 97  PHE A CE2 1 
ATOM   683  C CZ  . PHE A 1 97  ? -1.02830  5.23468   -9.28770  1.000 28.66994 ? 97  PHE A CZ  1 
ATOM   684  N N   . LEU A 1 98  ? 1.05695   0.53087   -13.01199 1.000 23.45278 ? 98  LEU A N   1 
ATOM   685  C CA  . LEU A 1 98  ? 2.13739   -0.26710  -12.42305 1.000 23.70195 ? 98  LEU A CA  1 
ATOM   686  C C   . LEU A 1 98  ? 3.44865   -0.06702  -13.18752 1.000 31.62685 ? 98  LEU A C   1 
ATOM   687  O O   . LEU A 1 98  ? 4.53338   -0.04121  -12.59874 1.000 30.18500 ? 98  LEU A O   1 
ATOM   688  C CB  . LEU A 1 98  ? 1.78627   -1.76299  -12.42590 1.000 27.54279 ? 98  LEU A CB  1 
ATOM   689  C CG  . LEU A 1 98  ? 1.26070   -2.41973  -11.15218 1.000 31.41355 ? 98  LEU A CG  1 
ATOM   690  C CD1 . LEU A 1 98  ? -0.18814  -1.93438  -10.96652 1.000 25.12554 ? 98  LEU A CD1 1 
ATOM   691  C CD2 . LEU A 1 98  ? 1.26363   -3.94195  -11.27140 1.000 30.33611 ? 98  LEU A CD2 1 
ATOM   692  N N   . LYS A 1 99  ? 3.36368   0.01860   -14.50225 1.000 25.98613 ? 99  LYS A N   1 
ATOM   693  C CA  . LYS A 1 99  ? 4.58058   0.18515   -15.30136 1.000 22.74933 ? 99  LYS A CA  1 
ATOM   694  C C   . LYS A 1 99  ? 5.26940   1.49910   -14.95562 1.000 26.87375 ? 99  LYS A C   1 
ATOM   695  O O   . LYS A 1 99  ? 6.50350   1.56174   -14.87017 1.000 34.91150 ? 99  LYS A O   1 
ATOM   696  C CB  . LYS A 1 99  ? 4.22602   0.16605   -16.78608 1.000 26.11383 ? 99  LYS A CB  1 
ATOM   697  C CG  . LYS A 1 99  ? 3.75159   -1.15483  -17.34856 1.000 35.08071 ? 99  LYS A CG  1 
ATOM   698  C CD  . LYS A 1 99  ? 3.69307   -1.09504  -18.88387 1.000 46.42917 ? 99  LYS A CD  1 
ATOM   699  C CE  . LYS A 1 99  ? 2.82186   -2.21887  -19.45134 1.000 51.94258 ? 99  LYS A CE  1 
ATOM   700  N NZ  . LYS A 1 99  ? 2.64011   -2.11966  -20.92235 1.000 58.53125 ? 99  LYS A NZ  1 
ATOM   701  N N   . ASN A 1 100 ? 4.48369   2.55508   -14.76473 1.000 26.74794 ? 100 ASN A N   1 
ATOM   702  C CA  . ASN A 1 100 ? 5.02837   3.88343   -14.53229 1.000 29.56581 ? 100 ASN A CA  1 
ATOM   703  C C   . ASN A 1 100 ? 5.57425   4.07593   -13.12640 1.000 36.40340 ? 100 ASN A C   1 
ATOM   704  O O   . ASN A 1 100 ? 6.46057   4.91025   -12.94600 1.000 35.56243 ? 100 ASN A O   1 
ATOM   705  C CB  . ASN A 1 100 ? 3.97692   4.95223   -14.82949 1.000 35.25554 ? 100 ASN A CB  1 
ATOM   706  C CG  . ASN A 1 100 ? 3.68345   5.06903   -16.31493 1.000 48.67822 ? 100 ASN A CG  1 
ATOM   707  O OD1 . ASN A 1 100 ? 4.50883   4.66636   -17.15170 1.000 54.52207 ? 100 ASN A OD1 1 
ATOM   708  N ND2 . ASN A 1 100 ? 2.51466   5.63212   -16.65713 1.000 51.45666 ? 100 ASN A ND2 1 
ATOM   709  N N   . THR A 1 101 ? 5.09539   3.32484   -12.13865 1.000 26.44914 ? 101 THR A N   1 
ATOM   710  C CA  . THR A 1 101 ? 5.50190   3.53937   -10.76435 1.000 22.61834 ? 101 THR A CA  1 
ATOM   711  C C   . THR A 1 101 ? 6.47128   2.50017   -10.24180 1.000 24.55995 ? 101 THR A C   1 
ATOM   712  O O   . THR A 1 101 ? 7.15493   2.75845   -9.24100  1.000 28.99897 ? 101 THR A O   1 
ATOM   713  C CB  . THR A 1 101 ? 4.26957   3.56560   -9.83923  1.000 23.26172 ? 101 THR A CB  1 
ATOM   714  O OG1 . THR A 1 101 ? 3.65402   2.25916   -9.84405  1.000 25.65859 ? 101 THR A OG1 1 
ATOM   715  C CG2 . THR A 1 101 ? 3.25050   4.64399   -10.27226 1.000 30.12926 ? 101 THR A CG2 1 
ATOM   716  N N   . ASN A 1 102 ? 6.52139   1.31839   -10.83817 1.000 25.46491 ? 102 ASN A N   1 
ATOM   717  C CA  . ASN A 1 102 ? 7.26558   0.21384   -10.25107 1.000 34.78088 ? 102 ASN A CA  1 
ATOM   718  C C   . ASN A 1 102 ? 6.88983   -0.10677  -8.77628  1.000 35.20056 ? 102 ASN A C   1 
ATOM   719  O O   . ASN A 1 102 ? 7.62964   -0.78694  -8.08533  1.000 33.33401 ? 102 ASN A O   1 
ATOM   720  C CB  . ASN A 1 102 ? 8.76694   0.47910   -10.37727 1.000 44.51497 ? 102 ASN A CB  1 
ATOM   721  C CG  . ASN A 1 102 ? 9.19869   0.54253   -11.83533 1.000 54.81722 ? 102 ASN A CG  1 
ATOM   722  O OD1 . ASN A 1 102 ? 8.92770   -0.38246  -12.60937 1.000 51.50502 ? 102 ASN A OD1 1 
ATOM   723  N ND2 . ASN A 1 102 ? 9.80135   1.66031   -12.23244 1.000 58.06318 ? 102 ASN A ND2 1 
ATOM   724  N N   . PHE A 1 103 ? 5.75274   0.34027   -8.23406  1.000 25.14062 ? 103 PHE A N   1 
ATOM   725  C CA  . PHE A 1 103 ? 5.31424   -0.11706  -6.90206  1.000 20.46679 ? 103 PHE A CA  1 
ATOM   726  C C   . PHE A 1 103 ? 4.87101   -1.59672  -6.94932  1.000 18.22296 ? 103 PHE A C   1 
ATOM   727  O O   . PHE A 1 103 ? 4.39957   -2.08383  -7.97278  1.000 23.87062 ? 103 PHE A O   1 
ATOM   728  C CB  . PHE A 1 103 ? 4.07385   0.69273   -6.43038  1.000 20.70865 ? 103 PHE A CB  1 
ATOM   729  C CG  . PHE A 1 103 ? 4.31683   2.16682   -6.17643  1.000 23.00464 ? 103 PHE A CG  1 
ATOM   730  C CD1 . PHE A 1 103 ? 3.30148   3.07966   -6.42495  1.000 22.22276 ? 103 PHE A CD1 1 
ATOM   731  C CD2 . PHE A 1 103 ? 5.54646   2.64582   -5.74832  1.000 24.55951 ? 103 PHE A CD2 1 
ATOM   732  C CE1 . PHE A 1 103 ? 3.48635   4.46886   -6.23848  1.000 22.35820 ? 103 PHE A CE1 1 
ATOM   733  C CE2 . PHE A 1 103 ? 5.74612   4.02949   -5.58117  1.000 22.53924 ? 103 PHE A CE2 1 
ATOM   734  C CZ  . PHE A 1 103 ? 4.69026   4.93896   -5.79872  1.000 21.56714 ? 103 PHE A CZ  1 
ATOM   735  N N   . TYR A 1 104 ? 4.81810   -2.23207  -5.78129  1.000 19.31789 ? 104 TYR A N   1 
ATOM   736  C CA  . TYR A 1 104 ? 4.05019   -3.47463  -5.69675  1.000 16.99534 ? 104 TYR A CA  1 
ATOM   737  C C   . TYR A 1 104 ? 2.57349   -3.12034  -5.71891  1.000 16.47279 ? 104 TYR A C   1 
ATOM   738  O O   . TYR A 1 104 ? 2.17398   -2.02272  -5.33001  1.000 16.94738 ? 104 TYR A O   1 
ATOM   739  C CB  . TYR A 1 104 ? 4.28252   -4.23480  -4.38388  1.000 17.61333 ? 104 TYR A CB  1 
ATOM   740  C CG  . TYR A 1 104 ? 5.67610   -4.76189  -4.20563  1.000 20.01195 ? 104 TYR A CG  1 
ATOM   741  C CD1 . TYR A 1 104 ? 6.14585   -5.76486  -5.07038  1.000 22.01215 ? 104 TYR A CD1 1 
ATOM   742  C CD2 . TYR A 1 104 ? 6.48521   -4.24737  -3.22081  1.000 20.57897 ? 104 TYR A CD2 1 
ATOM   743  C CE1 . TYR A 1 104 ? 7.47864   -6.25106  -4.95075  1.000 25.67197 ? 104 TYR A CE1 1 
ATOM   744  C CE2 . TYR A 1 104 ? 7.79620   -4.71817  -3.07577  1.000 26.36308 ? 104 TYR A CE2 1 
ATOM   745  C CZ  . TYR A 1 104 ? 8.26458   -5.71331  -3.93553  1.000 28.51007 ? 104 TYR A CZ  1 
ATOM   746  O OH  . TYR A 1 104 ? 9.58897   -6.20438  -3.80698  1.000 28.18649 ? 104 TYR A OH  1 
ATOM   747  N N   . ALA A 1 105 ? 1.75983   -4.07541  -6.16862  1.000 14.77990 ? 105 ALA A N   1 
ATOM   748  C CA  . ALA A 1 105 ? 0.31361   -3.83252  -6.25850  1.000 15.60340 ? 105 ALA A CA  1 
ATOM   749  C C   . ALA A 1 105 ? -0.48644  -5.10531  -5.96076  1.000 16.65635 ? 105 ALA A C   1 
ATOM   750  O O   . ALA A 1 105 ? -0.06804  -6.24619  -6.24566  1.000 17.43908 ? 105 ALA A O   1 
ATOM   751  C CB  . ALA A 1 105 ? -0.04077  -3.32908  -7.67601  1.000 15.87926 ? 105 ALA A CB  1 
ATOM   752  N N   . LEU A 1 106 ? -1.66955  -4.90704  -5.38438  1.000 14.60343 ? 106 LEU A N   1 
ATOM   753  C CA  . LEU A 1 106 ? -2.63288  -6.02206  -5.35229  1.000 15.23535 ? 106 LEU A CA  1 
ATOM   754  C C   . LEU A 1 106 ? -3.00285  -6.36745  -6.78870  1.000 16.89562 ? 106 LEU A C   1 
ATOM   755  O O   . LEU A 1 106 ? -2.91267  -5.52104  -7.68452  1.000 15.53494 ? 106 LEU A O   1 
ATOM   756  C CB  . LEU A 1 106 ? -3.87936  -5.58493  -4.58906  1.000 14.92871 ? 106 LEU A CB  1 
ATOM   757  C CG  . LEU A 1 106 ? -3.58239  -5.07426  -3.16914  1.000 13.93193 ? 106 LEU A CG  1 
ATOM   758  C CD1 . LEU A 1 106 ? -4.96596  -4.89997  -2.48214  1.000 14.12828 ? 106 LEU A CD1 1 
ATOM   759  C CD2 . LEU A 1 106 ? -2.71058  -5.99965  -2.26965  1.000 13.86307 ? 106 LEU A CD2 1 
ATOM   760  N N   . PRO A 1 107 ? -3.40824  -7.61582  -7.06325  1.000 13.99226 ? 107 PRO A N   1 
ATOM   761  C CA  . PRO A 1 107 ? -3.95963  -7.88896  -8.38916  1.000 15.54772 ? 107 PRO A CA  1 
ATOM   762  C C   . PRO A 1 107 ? -5.13983  -6.97944  -8.71987  1.000 15.83404 ? 107 PRO A C   1 
ATOM   763  O O   . PRO A 1 107 ? -5.90400  -6.55689  -7.83902  1.000 16.61883 ? 107 PRO A O   1 
ATOM   764  C CB  . PRO A 1 107 ? -4.40963  -9.35978  -8.30210  1.000 17.61917 ? 107 PRO A CB  1 
ATOM   765  C CG  . PRO A 1 107 ? -4.59996  -9.65277  -6.81620  1.000 19.44696 ? 107 PRO A CG  1 
ATOM   766  C CD  . PRO A 1 107 ? -3.53499  -8.70533  -6.10820  1.000 16.13837 ? 107 PRO A CD  1 
ATOM   767  N N   . PHE A 1 108 ? -5.34795  -6.72255  -10.00463 1.000 15.82105 ? 108 PHE A N   1 
ATOM   768  C CA  . PHE A 1 108 ? -6.48052  -5.92342  -10.41876 1.000 16.57981 ? 108 PHE A CA  1 
ATOM   769  C C   . PHE A 1 108 ? -7.79504  -6.58733  -9.97646  1.000 17.92110 ? 108 PHE A C   1 
ATOM   770  O O   . PHE A 1 108 ? -8.05116  -7.75776  -10.26624 1.000 17.10270 ? 108 PHE A O   1 
ATOM   771  C CB  . PHE A 1 108 ? -6.43570  -5.73822  -11.93487 1.000 15.69700 ? 108 PHE A CB  1 
ATOM   772  C CG  . PHE A 1 108 ? -7.61244  -4.92373  -12.49019 1.000 17.14413 ? 108 PHE A CG  1 
ATOM   773  C CD1 . PHE A 1 108 ? -7.76729  -3.57404  -12.20297 1.000 22.69117 ? 108 PHE A CD1 1 
ATOM   774  C CD2 . PHE A 1 108 ? -8.54580  -5.51477  -13.32607 1.000 23.29607 ? 108 PHE A CD2 1 
ATOM   775  C CE1 . PHE A 1 108 ? -8.83479  -2.85367  -12.75836 1.000 23.83067 ? 108 PHE A CE1 1 
ATOM   776  C CE2 . PHE A 1 108 ? -9.60363  -4.78824  -13.85004 1.000 25.54643 ? 108 PHE A CE2 1 
ATOM   777  C CZ  . PHE A 1 108 ? -9.72700  -3.47735  -13.58632 1.000 24.01227 ? 108 PHE A CZ  1 
ATOM   778  N N   . ASP A 1 109 ? -8.62329  -5.84076  -9.25587  1.000 16.06977 ? 109 ASP A N   1 
ATOM   779  C CA  . ASP A 1 109 ? -9.84740  -6.36228  -8.65006  1.000 16.02274 ? 109 ASP A CA  1 
ATOM   780  C C   . ASP A 1 109 ? -10.61925 -5.19863  -8.04431  1.000 17.96657 ? 109 ASP A C   1 
ATOM   781  O O   . ASP A 1 109 ? -10.20107 -4.03675  -8.12561  1.000 17.08748 ? 109 ASP A O   1 
ATOM   782  C CB  . ASP A 1 109 ? -9.56204  -7.42307  -7.57586  1.000 17.52461 ? 109 ASP A CB  1 
ATOM   783  C CG  . ASP A 1 109 ? -10.66697 -8.43888  -7.41346  1.000 24.86064 ? 109 ASP A CG  1 
ATOM   784  O OD1 . ASP A 1 109 ? -10.28089 -9.59614  -7.16027  1.000 31.10892 ? 109 ASP A OD1 1 
ATOM   785  O OD2 . ASP A 1 109 ? -11.84678 -8.17483  -7.66758  1.000 22.33360 ? 109 ASP A OD2 1 
ATOM   786  N N   . ASN A 1 110 ? -11.77468 -5.52225  -7.47728  1.000 16.81375 ? 110 ASN A N   1 
ATOM   787  C CA  . ASN A 1 110 ? -12.60929 -4.54710  -6.77107  1.000 15.90512 ? 110 ASN A CA  1 
ATOM   788  C C   . ASN A 1 110 ? -12.24750 -4.58300  -5.30079  1.000 16.11316 ? 110 ASN A C   1 
ATOM   789  O O   . ASN A 1 110 ? -12.45074 -5.59112  -4.62612  1.000 17.44543 ? 110 ASN A O   1 
ATOM   790  C CB  . ASN A 1 110 ? -14.06219 -4.94559  -7.01479  1.000 17.54374 ? 110 ASN A CB  1 
ATOM   791  C CG  . ASN A 1 110 ? -15.03160 -4.05760  -6.32087  1.000 24.33597 ? 110 ASN A CG  1 
ATOM   792  O OD1 . ASN A 1 110 ? -14.76189 -3.49663  -5.25339  1.000 23.77421 ? 110 ASN A OD1 1 
ATOM   793  N ND2 . ASN A 1 110 ? -16.18732 -3.88881  -6.94175  1.000 29.57235 ? 110 ASN A ND2 1 
ATOM   794  N N   . TYR A 1 111 ? -11.66872 -3.45600  -4.77672  1.000 14.11055 ? 111 TYR A N   1 
ATOM   795  C CA  . TYR A 1 111 ? -11.24579 -3.37210  -3.39606  1.000 13.80758 ? 111 TYR A CA  1 
ATOM   796  C C   . TYR A 1 111 ? -12.06784 -2.40384  -2.55861  1.000 17.16289 ? 111 TYR A C   1 
ATOM   797  O O   . TYR A 1 111 ? -11.59614 -1.92136  -1.51588  1.000 16.12151 ? 111 TYR A O   1 
ATOM   798  C CB  . TYR A 1 111 ? -9.74866  -2.98436  -3.36704  1.000 14.09686 ? 111 TYR A CB  1 
ATOM   799  C CG  . TYR A 1 111 ? -8.93350  -4.12291  -3.90603  1.000 15.72022 ? 111 TYR A CG  1 
ATOM   800  C CD1 . TYR A 1 111 ? -8.89138  -5.35483  -3.22782  1.000 15.97780 ? 111 TYR A CD1 1 
ATOM   801  C CD2 . TYR A 1 111 ? -8.25277  -3.97569  -5.11901  1.000 14.21443 ? 111 TYR A CD2 1 
ATOM   802  C CE1 . TYR A 1 111 ? -8.11131  -6.44218  -3.73639  1.000 14.97826 ? 111 TYR A CE1 1 
ATOM   803  C CE2 . TYR A 1 111 ? -7.47536  -5.05042  -5.63566  1.000 13.82059 ? 111 TYR A CE2 1 
ATOM   804  C CZ  . TYR A 1 111 ? -7.42973  -6.23302  -4.93901  1.000 15.00624 ? 111 TYR A CZ  1 
ATOM   805  O OH  . TYR A 1 111 ? -6.72697  -7.30127  -5.47576  1.000 15.16625 ? 111 TYR A OH  1 
ATOM   806  N N   . LEU A 1 112 ? -13.35007 -2.21826  -2.93407  1.000 16.42109 ? 112 LEU A N   1 
ATOM   807  C CA  . LEU A 1 112 ? -14.21214 -1.37140  -2.09980  1.000 17.63823 ? 112 LEU A CA  1 
ATOM   808  C C   . LEU A 1 112 ? -14.31855 -1.92999  -0.69455  1.000 18.00301 ? 112 LEU A C   1 
ATOM   809  O O   . LEU A 1 112 ? -14.41787 -1.17491  0.25343   1.000 19.09033 ? 112 LEU A O   1 
ATOM   810  C CB  . LEU A 1 112 ? -15.58239 -1.23541  -2.77825  1.000 18.90965 ? 112 LEU A CB  1 
ATOM   811  C CG  . LEU A 1 112 ? -15.54107 -0.26403  -3.93102  1.000 30.32196 ? 112 LEU A CG  1 
ATOM   812  C CD1 . LEU A 1 112 ? -16.89396 -0.30223  -4.62760  1.000 43.98656 ? 112 LEU A CD1 1 
ATOM   813  C CD2 . LEU A 1 112 ? -15.21675 1.17444   -3.44391  1.000 44.29594 ? 112 LEU A CD2 1 
ATOM   814  N N   . TYR A 1 113 ? -14.23511 -3.24468  -0.50506  1.000 17.26784 ? 113 TYR A N   1 
ATOM   815  C CA  . TYR A 1 113 ? -14.30471 -3.73801  0.86548   1.000 16.46153 ? 113 TYR A CA  1 
ATOM   816  C C   . TYR A 1 113 ? -13.15146 -3.23948  1.74061   1.000 16.89792 ? 113 TYR A C   1 
ATOM   817  O O   . TYR A 1 113 ? -13.29265 -3.19369  2.97330   1.000 18.51777 ? 113 TYR A O   1 
ATOM   818  C CB  . TYR A 1 113 ? -14.33842 -5.27125  0.88568   1.000 19.61030 ? 113 TYR A CB  1 
ATOM   819  C CG  . TYR A 1 113 ? -13.13669 -5.99396  0.32116   1.000 18.18368 ? 113 TYR A CG  1 
ATOM   820  C CD1 . TYR A 1 113 ? -12.08688 -6.40085  1.13874   1.000 18.64026 ? 113 TYR A CD1 1 
ATOM   821  C CD2 . TYR A 1 113 ? -13.05637 -6.27705  -1.03399  1.000 19.52028 ? 113 TYR A CD2 1 
ATOM   822  C CE1 . TYR A 1 113 ? -10.99634 -7.11950  0.63415   1.000 18.42160 ? 113 TYR A CE1 1 
ATOM   823  C CE2 . TYR A 1 113 ? -11.95089 -6.99660  -1.53596  1.000 17.25366 ? 113 TYR A CE2 1 
ATOM   824  C CZ  . TYR A 1 113 ? -10.94391 -7.37770  -0.71313  1.000 16.30165 ? 113 TYR A CZ  1 
ATOM   825  O OH  . TYR A 1 113 ? -9.89108  -8.09448  -1.25278  1.000 20.33005 ? 113 TYR A OH  1 
ATOM   826  N N   . ILE A 1 114 ? -11.96999 -2.98095  1.13022   1.000 16.28793 ? 114 ILE A N   1 
ATOM   827  C CA  . ILE A 1 114 ? -10.85347 -2.48775  1.94337   1.000 14.98668 ? 114 ILE A CA  1 
ATOM   828  C C   . ILE A 1 114 ? -11.13751 -1.03451  2.31045   1.000 17.59643 ? 114 ILE A C   1 
ATOM   829  O O   . ILE A 1 114 ? -10.86505 -0.58055  3.42589   1.000 17.38065 ? 114 ILE A O   1 
ATOM   830  C CB  . ILE A 1 114 ? -9.52772  -2.61199  1.19161   1.000 14.14008 ? 114 ILE A CB  1 
ATOM   831  C CG1 . ILE A 1 114 ? -9.28546  -4.09930  0.82692   1.000 15.56083 ? 114 ILE A CG1 1 
ATOM   832  C CG2 . ILE A 1 114 ? -8.36406  -2.21483  2.15809   1.000 14.92292 ? 114 ILE A CG2 1 
ATOM   833  C CD1 . ILE A 1 114 ? -7.97076  -4.31861  0.06889   1.000 17.56878 ? 114 ILE A CD1 1 
ATOM   834  N N   . CYS A 1 115 ? -11.65448 -0.28582  1.36593   1.000 16.11349 ? 115 CYS A N   1 
ATOM   835  C CA  . CYS A 1 115 ? -12.09002 1.07974   1.68165   1.000 16.14130 ? 115 CYS A CA  1 
ATOM   836  C C   . CYS A 1 115 ? -13.10687 1.08065   2.80167   1.000 18.50376 ? 115 CYS A C   1 
ATOM   837  O O   . CYS A 1 115 ? -13.09388 1.94788   3.68826   1.000 19.75800 ? 115 CYS A O   1 
ATOM   838  C CB  . CYS A 1 115 ? -12.71809 1.71932   0.48037   1.000 21.63938 ? 115 CYS A CB  1 
ATOM   839  S SG  . CYS A 1 115 ? -11.49121 1.95867   -0.76729  1.000 25.60609 ? 115 CYS A SG  1 
ATOM   840  N N   . LYS A 1 116 ? -14.04639 0.13345   2.75575   1.000 17.10733 ? 116 LYS A N   1 
ATOM   841  C CA  . LYS A 1 116 ? -15.03932 0.10779   3.83316   1.000 19.13077 ? 116 LYS A CA  1 
ATOM   842  C C   . LYS A 1 116 ? -14.42639 -0.22117  5.18726   1.000 21.44224 ? 116 LYS A C   1 
ATOM   843  O O   . LYS A 1 116 ? -14.78156 0.39430   6.20855   1.000 21.72028 ? 116 LYS A O   1 
ATOM   844  C CB  . LYS A 1 116 ? -16.13458 -0.87934  3.45809   1.000 19.46108 ? 116 LYS A CB  1 
ATOM   845  C CG  . LYS A 1 116 ? -17.00980 -0.31107  2.40155   1.000 25.27319 ? 116 LYS A CG  1 
ATOM   846  C CD  . LYS A 1 116 ? -18.09221 -1.33659  1.97765   1.000 39.05092 ? 116 LYS A CD  1 
ATOM   847  C CE  . LYS A 1 116 ? -18.86915 -0.86601  0.75271   1.000 47.37403 ? 116 LYS A CE  1 
ATOM   848  N NZ  . LYS A 1 116 ? -20.24311 -1.43782  0.73877   1.000 48.90696 ? 116 LYS A NZ  1 
ATOM   849  N N   . LYS A 1 117 ? -13.48699 -1.18017  5.22629   1.000 17.82637 ? 117 LYS A N   1 
ATOM   850  C CA  A LYS A 1 117 ? -12.87666 -1.58113  6.47990   0.616 16.04756 ? 117 LYS A CA  1 
ATOM   851  C CA  B LYS A 1 117 ? -12.88449 -1.57717  6.49221   0.384 16.02510 ? 117 LYS A CA  1 
ATOM   852  C C   . LYS A 1 117 ? -12.18866 -0.40209  7.15051   1.000 18.40233 ? 117 LYS A C   1 
ATOM   853  O O   . LYS A 1 117 ? -12.27570 -0.22994  8.37349   1.000 23.39128 ? 117 LYS A O   1 
ATOM   854  C CB  A LYS A 1 117 ? -11.87092 -2.68586  6.19956   0.616 17.79572 ? 117 LYS A CB  1 
ATOM   855  C CB  B LYS A 1 117 ? -11.88481 -2.72120  6.29667   0.384 17.79077 ? 117 LYS A CB  1 
ATOM   856  C CG  A LYS A 1 117 ? -11.10281 -3.10343  7.38955   0.616 18.27802 ? 117 LYS A CG  1 
ATOM   857  C CG  B LYS A 1 117 ? -11.28511 -3.16958  7.62568   0.384 18.32904 ? 117 LYS A CG  1 
ATOM   858  C CD  A LYS A 1 117 ? -10.33909 -4.36467  7.04224   0.616 20.06348 ? 117 LYS A CD  1 
ATOM   859  C CD  B LYS A 1 117 ? -10.52638 -4.50244  7.56643   0.384 24.49073 ? 117 LYS A CD  1 
ATOM   860  C CE  A LYS A 1 117 ? -9.61046  -4.90166  8.24893   0.616 24.11627 ? 117 LYS A CE  1 
ATOM   861  C CE  B LYS A 1 117 ? -9.81656  -4.76071  8.89184   0.384 28.22361 ? 117 LYS A CE  1 
ATOM   862  N NZ  A LYS A 1 117 ? -10.44766 -5.50179  9.35686   0.616 28.33534 ? 117 LYS A NZ  1 
ATOM   863  N NZ  B LYS A 1 117 ? -8.84464  -5.90162  8.78693   0.384 17.94134 ? 117 LYS A NZ  1 
ATOM   864  N N   . TYR A 1 118 ? -11.48191 0.37734   6.37145   1.000 18.03706 ? 118 TYR A N   1 
ATOM   865  C CA  . TYR A 1 118 ? -10.70763 1.50551   6.92443   1.000 18.39464 ? 118 TYR A CA  1 
ATOM   866  C C   . TYR A 1 118 ? -11.40775 2.83812   6.79575   1.000 21.20157 ? 118 TYR A C   1 
ATOM   867  O O   . TYR A 1 118 ? -10.78165 3.86634   7.07569   1.000 22.71742 ? 118 TYR A O   1 
ATOM   868  C CB  . TYR A 1 118 ? -9.33740  1.53658   6.23567   1.000 16.92568 ? 118 TYR A CB  1 
ATOM   869  C CG  . TYR A 1 118 ? -8.52858  0.31512   6.72931   1.000 17.63454 ? 118 TYR A CG  1 
ATOM   870  C CD1 . TYR A 1 118 ? -8.05411  0.24289   8.05656   1.000 20.24153 ? 118 TYR A CD1 1 
ATOM   871  C CD2 . TYR A 1 118 ? -8.31926  -0.80241  5.91845   1.000 18.83432 ? 118 TYR A CD2 1 
ATOM   872  C CE1 . TYR A 1 118 ? -7.35486  -0.88467  8.55752   1.000 20.84187 ? 118 TYR A CE1 1 
ATOM   873  C CE2 . TYR A 1 118 ? -7.60065  -1.90070  6.40524   1.000 18.39921 ? 118 TYR A CE2 1 
ATOM   874  C CZ  . TYR A 1 118 ? -7.14305  -1.95721  7.70414   1.000 20.34785 ? 118 TYR A CZ  1 
ATOM   875  O OH  . TYR A 1 118 ? -6.45955  -3.03742  8.16809   1.000 23.01700 ? 118 TYR A OH  1 
ATOM   876  N N   . GLN A 1 119 ? -12.69366 2.85211   6.40097   1.000 19.05392 ? 119 GLN A N   1 
ATOM   877  C CA  . GLN A 1 119 ? -13.48227 4.07350   6.25337   1.000 20.62951 ? 119 GLN A CA  1 
ATOM   878  C C   . GLN A 1 119 ? -12.74737 5.13840   5.44829   1.000 27.93720 ? 119 GLN A C   1 
ATOM   879  O O   . GLN A 1 119 ? -12.63638 6.29598   5.84950   1.000 27.27140 ? 119 GLN A O   1 
ATOM   880  C CB  . GLN A 1 119 ? -13.89766 4.57658   7.65528   1.000 22.57618 ? 119 GLN A CB  1 
ATOM   881  C CG  . GLN A 1 119 ? -14.73814 3.48155   8.37564   1.000 23.97109 ? 119 GLN A CG  1 
ATOM   882  C CD  . GLN A 1 119 ? -15.22088 3.83780   9.76076   1.000 39.67716 ? 119 GLN A CD  1 
ATOM   883  O OE1 . GLN A 1 119 ? -14.76286 4.79590   10.38056  1.000 42.45616 ? 119 GLN A OE1 1 
ATOM   884  N NE2 . GLN A 1 119 ? -16.14248 3.03452   10.27340  1.000 50.78720 ? 119 GLN A NE2 1 
ATOM   885  N N   . ILE A 1 120 ? -12.23769 4.73341   4.28741   1.000 17.19012 ? 120 ILE A N   1 
ATOM   886  C CA  . ILE A 1 120 ? -11.54031 5.63389   3.38866   1.000 16.58295 ? 120 ILE A CA  1 
ATOM   887  C C   . ILE A 1 120 ? -12.51566 6.52321   2.67809   1.000 21.90727 ? 120 ILE A C   1 
ATOM   888  O O   . ILE A 1 120 ? -13.40978 6.04218   1.96804   1.000 27.51299 ? 120 ILE A O   1 
ATOM   889  C CB  . ILE A 1 120 ? -10.72148 4.83686   2.36598   1.000 17.92883 ? 120 ILE A CB  1 
ATOM   890  C CG1 . ILE A 1 120 ? -9.78106  3.91343   3.07812   1.000 20.04480 ? 120 ILE A CG1 1 
ATOM   891  C CG2 . ILE A 1 120 ? -10.10224 5.75987   1.30945   1.000 22.82567 ? 120 ILE A CG2 1 
ATOM   892  C CD1 . ILE A 1 120 ? -8.75286  4.54267   4.04691   1.000 20.74308 ? 120 ILE A CD1 1 
ATOM   893  N N   . LYS A 1 121 ? -12.31517 7.82565   2.80818   1.000 18.18830 ? 121 LYS A N   1 
ATOM   894  C CA  . LYS A 1 121 ? -13.26877 8.76316   2.23200   1.000 22.02590 ? 121 LYS A CA  1 
ATOM   895  C C   . LYS A 1 121 ? -12.96571 9.14508   0.80196   1.000 29.27921 ? 121 LYS A C   1 
ATOM   896  O O   . LYS A 1 121 ? -13.89565 9.34086   0.01135   1.000 32.75570 ? 121 LYS A O   1 
ATOM   897  C CB  . LYS A 1 121 ? -13.34173 10.00492  3.12113   1.000 24.15512 ? 121 LYS A CB  1 
ATOM   898  C CG  . LYS A 1 121 ? -14.59967 9.82271   4.05876   1.000 36.66495 ? 121 LYS A CG  1 
ATOM   899  C CD  . LYS A 1 121 ? -14.77589 10.92570  5.02528   1.000 28.41041 ? 121 LYS A CD  1 
ATOM   900  C CE  . LYS A 1 121 ? -15.38980 12.09039  4.35300   1.000 29.61582 ? 121 LYS A CE  1 
ATOM   901  N NZ  . LYS A 1 121 ? -16.85966 12.01609  4.40272   1.000 31.95294 ? 121 LYS A NZ  1 
ATOM   902  N N   . ASN A 1 122 ? -11.68685 9.21018   0.41389   1.000 20.73128 ? 122 ASN A N   1 
ATOM   903  C CA  . ASN A 1 122 ? -11.36062 9.73287   -0.90171  1.000 17.86198 ? 122 ASN A CA  1 
ATOM   904  C C   . ASN A 1 122 ? -10.05450 9.09466   -1.36117  1.000 20.34164 ? 122 ASN A C   1 
ATOM   905  O O   . ASN A 1 122 ? -9.34109  8.51637   -0.55540  1.000 22.14130 ? 122 ASN A O   1 
ATOM   906  C CB  . ASN A 1 122 ? -11.19899 11.26029  -0.87722  1.000 21.97701 ? 122 ASN A CB  1 
ATOM   907  C CG  . ASN A 1 122 ? -9.84064  11.69683  -0.30804  1.000 37.81338 ? 122 ASN A CG  1 
ATOM   908  O OD1 . ASN A 1 122 ? -9.48538  11.35080  0.84395   1.000 38.76756 ? 122 ASN A OD1 1 
ATOM   909  N ND2 . ASN A 1 122 ? -9.05467  12.44269  -1.11588  1.000 38.23001 ? 122 ASN A ND2 1 
ATOM   910  N N   . LEU A 1 123 ? -9.79771  9.19511   -2.64639  1.000 18.38759 ? 123 LEU A N   1 
ATOM   911  C CA  . LEU A 1 123 ? -8.49462  8.87253   -3.22988  1.000 16.10889 ? 123 LEU A CA  1 
ATOM   912  C C   . LEU A 1 123 ? -7.77181  10.16596  -3.54282  1.000 18.44878 ? 123 LEU A C   1 
ATOM   913  O O   . LEU A 1 123 ? -8.41448  11.15886  -3.94121  1.000 22.99123 ? 123 LEU A O   1 
ATOM   914  C CB  . LEU A 1 123 ? -8.66952  8.09937   -4.54705  1.000 14.71777 ? 123 LEU A CB  1 
ATOM   915  C CG  . LEU A 1 123 ? -9.54646  6.85347   -4.40769  1.000 17.77223 ? 123 LEU A CG  1 
ATOM   916  C CD1 . LEU A 1 123 ? -9.63860  6.19934   -5.79487  1.000 21.04565 ? 123 LEU A CD1 1 
ATOM   917  C CD2 . LEU A 1 123 ? -8.98809  5.82667   -3.36758  1.000 18.18799 ? 123 LEU A CD2 1 
ATOM   918  N N   . PRO A 1 124 ? -6.44364  10.23577  -3.42750  1.000 16.66176 ? 124 PRO A N   1 
ATOM   919  C CA  . PRO A 1 124 ? -5.59611  9.19561   -2.87707  1.000 14.07610 ? 124 PRO A CA  1 
ATOM   920  C C   . PRO A 1 124 ? -5.69083  9.09898   -1.36745  1.000 15.15628 ? 124 PRO A C   1 
ATOM   921  O O   . PRO A 1 124 ? -5.87209  10.16802  -0.70960  1.000 17.46956 ? 124 PRO A O   1 
ATOM   922  C CB  . PRO A 1 124 ? -4.19123  9.66490   -3.25789  1.000 13.93875 ? 124 PRO A CB  1 
ATOM   923  C CG  . PRO A 1 124 ? -4.30190  11.17772  -3.26364  1.000 17.58351 ? 124 PRO A CG  1 
ATOM   924  C CD  . PRO A 1 124 ? -5.65724  11.43019  -3.85522  1.000 16.96667 ? 124 PRO A CD  1 
ATOM   925  N N   . SER A 1 125 ? -5.49502  7.92192   -0.79711  1.000 12.37199 ? 125 SER A N   1 
ATOM   926  C CA  . SER A 1 125 ? -5.23288  7.75864   0.61458   1.000 12.09482 ? 125 SER A CA  1 
ATOM   927  C C   . SER A 1 125 ? -3.93448  6.94457   0.74574   1.000 12.40519 ? 125 SER A C   1 
ATOM   928  O O   . SER A 1 125 ? -3.54172  6.17543   -0.17545  1.000 15.26648 ? 125 SER A O   1 
ATOM   929  C CB  . SER A 1 125 ? -6.37036  7.05730   1.34591   1.000 17.11952 ? 125 SER A CB  1 
ATOM   930  O OG  . SER A 1 125 ? -7.47781  7.98038   1.35382   1.000 17.00370 ? 125 SER A OG  1 
ATOM   931  N N   . PHE A 1 126 ? -3.30530  7.08721   1.89827   1.000 12.08534 ? 126 PHE A N   1 
ATOM   932  C CA  . PHE A 1 126 ? -2.00576  6.41259   2.13245   1.000 12.69888 ? 126 PHE A CA  1 
ATOM   933  C C   . PHE A 1 126 ? -1.93338  6.13493   3.61969   1.000 13.37784 ? 126 PHE A C   1 
ATOM   934  O O   . PHE A 1 126 ? -1.98020  7.08797   4.41168   1.000 15.55968 ? 126 PHE A O   1 
ATOM   935  C CB  . PHE A 1 126 ? -0.85704  7.29464   1.65439   1.000 13.15775 ? 126 PHE A CB  1 
ATOM   936  C CG  . PHE A 1 126 ? 0.52421   6.65124   1.74134   1.000 13.46089 ? 126 PHE A CG  1 
ATOM   937  C CD1 . PHE A 1 126 ? 0.74861   5.44207   1.11276   1.000 14.19448 ? 126 PHE A CD1 1 
ATOM   938  C CD2 . PHE A 1 126 ? 1.58959   7.30010   2.41106   1.000 15.17927 ? 126 PHE A CD2 1 
ATOM   939  C CE1 . PHE A 1 126 ? 1.99824   4.80421   1.15247   1.000 16.41048 ? 126 PHE A CE1 1 
ATOM   940  C CE2 . PHE A 1 126 ? 2.89964   6.66229   2.48502   1.000 16.15895 ? 126 PHE A CE2 1 
ATOM   941  C CZ  . PHE A 1 126 ? 3.08284   5.42396   1.85029   1.000 16.70329 ? 126 PHE A CZ  1 
ATOM   942  N N   . MET A 1 127 ? -1.89390  4.85980   4.00497   1.000 12.94101 ? 127 MET A N   1 
ATOM   943  C CA  . MET A 1 127 ? -1.86629  4.43562   5.41293   1.000 11.89677 ? 127 MET A CA  1 
ATOM   944  C C   . MET A 1 127 ? -0.53363  3.76456   5.66715   1.000 14.01441 ? 127 MET A C   1 
ATOM   945  O O   . MET A 1 127 ? -0.15216  2.89255   4.91330   1.000 16.01244 ? 127 MET A O   1 
ATOM   946  C CB  . MET A 1 127 ? -3.00626  3.41308   5.74148   1.000 16.52093 ? 127 MET A CB  1 
ATOM   947  C CG  . MET A 1 127 ? -4.28326  4.06644   5.54872   1.000 17.39892 ? 127 MET A CG  1 
ATOM   948  S SD  . MET A 1 127 ? -5.62277  2.88646   6.03076   1.000 23.07512 ? 127 MET A SD  1 
ATOM   949  C CE  . MET A 1 127 ? -5.21360  2.32924   7.56709   1.000 21.52894 ? 127 MET A CE  1 
ATOM   950  N N   . LEU A 1 128 ? 0.13142   4.10968   6.76628   1.000 13.41735 ? 128 LEU A N   1 
ATOM   951  C CA  . LEU A 1 128 ? 1.35106   3.40115   7.19032   1.000 13.26816 ? 128 LEU A CA  1 
ATOM   952  C C   . LEU A 1 128 ? 0.97301   2.35399   8.21270   1.000 16.89122 ? 128 LEU A C   1 
ATOM   953  O O   . LEU A 1 128 ? 0.26441   2.64814   9.18944   1.000 15.46778 ? 128 LEU A O   1 
ATOM   954  C CB  . LEU A 1 128 ? 2.35715   4.36165   7.82062   1.000 12.91541 ? 128 LEU A CB  1 
ATOM   955  C CG  . LEU A 1 128 ? 2.79935   5.32740   6.75655   1.000 17.82539 ? 128 LEU A CG  1 
ATOM   956  C CD1 . LEU A 1 128 ? 3.76681   6.33491   7.39482   1.000 24.81123 ? 128 LEU A CD1 1 
ATOM   957  C CD2 . LEU A 1 128 ? 3.40202   4.69668   5.48616   1.000 18.38717 ? 128 LEU A CD2 1 
ATOM   958  N N   . ILE A 1 129 ? 1.37359   1.11591   7.94228   1.000 13.43077 ? 129 ILE A N   1 
ATOM   959  C CA  . ILE A 1 129 ? 0.99038   -0.06048  8.73754   1.000 15.05690 ? 129 ILE A CA  1 
ATOM   960  C C   . ILE A 1 129 ? 2.24781   -0.65985  9.37047   1.000 13.51177 ? 129 ILE A C   1 
ATOM   961  O O   . ILE A 1 129 ? 3.26442   -0.78567  8.69052   1.000 16.20640 ? 129 ILE A O   1 
ATOM   962  C CB  . ILE A 1 129 ? 0.33106   -1.12173  7.80025   1.000 16.86303 ? 129 ILE A CB  1 
ATOM   963  C CG1 . ILE A 1 129 ? -0.83319  -0.51472  6.96769   1.000 17.97593 ? 129 ILE A CG1 1 
ATOM   964  C CG2 . ILE A 1 129 ? -0.10296  -2.36334  8.58734   1.000 17.31527 ? 129 ILE A CG2 1 
ATOM   965  C CD1 . ILE A 1 129 ? -1.94877  0.01670   7.83739   1.000 18.00138 ? 129 ILE A CD1 1 
ATOM   966  N N   . THR A 1 130 ? 2.14529   -1.09383  10.65318  1.000 14.78093 ? 130 THR A N   1 
ATOM   967  C CA  . THR A 1 130 ? 3.29429   -1.66255  11.35244  1.000 16.84352 ? 130 THR A CA  1 
ATOM   968  C C   . THR A 1 130 ? 3.41273   -3.13766  10.99719  1.000 19.43398 ? 130 THR A C   1 
ATOM   969  O O   . THR A 1 130 ? 2.52366   -3.70670  10.34754  1.000 16.61474 ? 130 THR A O   1 
ATOM   970  C CB  . THR A 1 130 ? 3.11442   -1.52632  12.86101  1.000 17.84658 ? 130 THR A CB  1 
ATOM   971  O OG1 . THR A 1 130 ? 2.01107   -2.33330  13.27375  1.000 21.59829 ? 130 THR A OG1 1 
ATOM   972  C CG2 . THR A 1 130 ? 2.82885   -0.10679  13.23812  1.000 18.80482 ? 130 THR A CG2 1 
ATOM   973  N N   . PRO A 1 131 ? 4.50887   -3.80138  11.39123  1.000 21.43575 ? 131 PRO A N   1 
ATOM   974  C CA  . PRO A 1 131 ? 4.68403   -5.23624  11.02910  1.000 18.74278 ? 131 PRO A CA  1 
ATOM   975  C C   . PRO A 1 131 ? 3.56437   -6.17036  11.52049  1.000 23.86915 ? 131 PRO A C   1 
ATOM   976  O O   . PRO A 1 131 ? 3.36684   -7.23245  10.91949  1.000 27.24686 ? 131 PRO A O   1 
ATOM   977  C CB  . PRO A 1 131 ? 6.02667   -5.56254  11.70484  1.000 18.96722 ? 131 PRO A CB  1 
ATOM   978  C CG  . PRO A 1 131 ? 6.84498   -4.28733  11.52081  1.000 18.93383 ? 131 PRO A CG  1 
ATOM   979  C CD  . PRO A 1 131 ? 5.79387   -3.18573  11.82063  1.000 21.77238 ? 131 PRO A CD  1 
ATOM   980  N N   . ASN A 1 132 ? 2.81430   -5.81740  12.57187  1.000 19.26781 ? 132 ASN A N   1 
ATOM   981  C CA  . ASN A 1 132 ? 1.77442   -6.70376  13.06517  1.000 20.18170 ? 132 ASN A CA  1 
ATOM   982  C C   . ASN A 1 132 ? 0.39826   -6.28447  12.56928  1.000 23.80764 ? 132 ASN A C   1 
ATOM   983  O O   . ASN A 1 132 ? -0.61358  -6.70962  13.13008  1.000 23.33869 ? 132 ASN A O   1 
ATOM   984  C CB  . ASN A 1 132 ? 1.81239   -6.79177  14.59235  1.000 23.81574 ? 132 ASN A CB  1 
ATOM   985  C CG  . ASN A 1 132 ? 1.32818   -5.54760  15.27876  1.000 33.16984 ? 132 ASN A CG  1 
ATOM   986  O OD1 . ASN A 1 132 ? 0.94827   -4.54945  14.65806  1.000 26.04150 ? 132 ASN A OD1 1 
ATOM   987  N ND2 . ASN A 1 132 ? 1.34156   -5.58323  16.60881  1.000 39.30339 ? 132 ASN A ND2 1 
ATOM   988  N N   . ASN A 1 133 ? 0.34729   -5.43101  11.54852  1.000 17.92837 ? 133 ASN A N   1 
ATOM   989  C CA  . ASN A 1 133 ? -0.88088  -4.95254  10.90655  1.000 17.27882 ? 133 ASN A CA  1 
ATOM   990  C C   . ASN A 1 133 ? -1.58738  -3.83797  11.65781  1.000 21.73195 ? 133 ASN A C   1 
ATOM   991  O O   . ASN A 1 133 ? -2.63956  -3.42813  11.18824  1.000 22.08678 ? 133 ASN A O   1 
ATOM   992  C CB  . ASN A 1 133 ? -1.89158  -6.07718  10.65701  1.000 17.64673 ? 133 ASN A CB  1 
ATOM   993  C CG  . ASN A 1 133 ? -1.54463  -6.89856  9.44471   1.000 18.80882 ? 133 ASN A CG  1 
ATOM   994  O OD1 . ASN A 1 133 ? -0.71228  -6.53269  8.61272   1.000 19.59421 ? 133 ASN A OD1 1 
ATOM   995  N ND2 . ASN A 1 133 ? -2.29218  -7.95836  9.25601   1.000 18.78919 ? 133 ASN A ND2 1 
ATOM   996  N N   . ASN A 1 134 ? -1.06581  -3.34617  12.76457  1.000 18.17133 ? 134 ASN A N   1 
ATOM   997  C CA  . ASN A 1 134 ? -1.66678  -2.13507  13.35988  1.000 19.15380 ? 134 ASN A CA  1 
ATOM   998  C C   . ASN A 1 134 ? -1.39808  -0.87180  12.52031  1.000 19.94073 ? 134 ASN A C   1 
ATOM   999  O O   . ASN A 1 134 ? -0.47825  -0.82424  11.69364  1.000 20.16391 ? 134 ASN A O   1 
ATOM   1000 C CB  . ASN A 1 134 ? -1.12227  -1.92984  14.76215  1.000 23.49456 ? 134 ASN A CB  1 
ATOM   1001 C CG  . ASN A 1 134 ? -1.56240  -2.98643  15.71768  1.000 28.68823 ? 134 ASN A CG  1 
ATOM   1002 O OD1 . ASN A 1 134 ? -2.56133  -3.65999  15.48919  1.000 36.37222 ? 134 ASN A OD1 1 
ATOM   1003 N ND2 . ASN A 1 134 ? -0.79587  -3.15031  16.78642  1.000 32.77775 ? 134 ASN A ND2 1 
ATOM   1004 N N   . ILE A 1 135 ? -2.22862  0.15718   12.71424  1.000 17.74327 ? 135 ILE A N   1 
ATOM   1005 C CA  . ILE A 1 135 ? -2.10565  1.40627   11.94314  1.000 15.35995 ? 135 ILE A CA  1 
ATOM   1006 C C   . ILE A 1 135 ? -1.11132  2.30250   12.65280  1.000 21.40220 ? 135 ILE A C   1 
ATOM   1007 O O   . ILE A 1 135 ? -1.35711  2.72110   13.79129  1.000 23.43050 ? 135 ILE A O   1 
ATOM   1008 C CB  . ILE A 1 135 ? -3.45599  2.14328   11.78436  1.000 18.19299 ? 135 ILE A CB  1 
ATOM   1009 C CG1 . ILE A 1 135 ? -4.45271  1.25899   11.03058  1.000 18.59989 ? 135 ILE A CG1 1 
ATOM   1010 C CG2 . ILE A 1 135 ? -3.20986  3.49622   11.02303  1.000 19.98455 ? 135 ILE A CG2 1 
ATOM   1011 C CD1 . ILE A 1 135 ? -5.93489  1.77087   11.13581  1.000 25.40490 ? 135 ILE A CD1 1 
ATOM   1012 N N   . LEU A 1 136 ? -0.01008  2.59673   11.98345  1.000 16.07958 ? 136 LEU A N   1 
ATOM   1013 C CA  . LEU A 1 136 ? 0.91702   3.59515   12.55339  1.000 20.15549 ? 136 LEU A CA  1 
ATOM   1014 C C   . LEU A 1 136 ? 0.49232   5.01303   12.22712  1.000 18.17287 ? 136 LEU A C   1 
ATOM   1015 O O   . LEU A 1 136 ? 0.54369   5.89372   13.09466  1.000 20.42507 ? 136 LEU A O   1 
ATOM   1016 C CB  . LEU A 1 136 ? 2.31789   3.34230   12.01838  1.000 21.18450 ? 136 LEU A CB  1 
ATOM   1017 C CG  . LEU A 1 136 ? 3.35236   4.28020   12.69072  1.000 27.08391 ? 136 LEU A CG  1 
ATOM   1018 C CD1 . LEU A 1 136 ? 3.64515   3.79774   14.10189  1.000 33.64660 ? 136 LEU A CD1 1 
ATOM   1019 C CD2 . LEU A 1 136 ? 4.58110   4.34919   11.81969  1.000 28.88926 ? 136 LEU A CD2 1 
ATOM   1020 N N   . VAL A 1 137 ? 0.13686   5.30152   10.96875  1.000 15.04750 ? 137 VAL A N   1 
ATOM   1021 C CA  . VAL A 1 137 ? -0.34075  6.64705   10.56848  1.000 14.60984 ? 137 VAL A CA  1 
ATOM   1022 C C   . VAL A 1 137 ? -1.48666  6.41797   9.60441   1.000 15.14415 ? 137 VAL A C   1 
ATOM   1023 O O   . VAL A 1 137 ? -1.25861  6.09011   8.43618   1.000 16.66303 ? 137 VAL A O   1 
ATOM   1024 C CB  . VAL A 1 137 ? 0.74168   7.49852   9.85565   1.000 16.52507 ? 137 VAL A CB  1 
ATOM   1025 C CG1 . VAL A 1 137 ? 0.21990   8.96341   9.49383   1.000 18.11333 ? 137 VAL A CG1 1 
ATOM   1026 C CG2 . VAL A 1 137 ? 2.01566   7.55463   10.73981  1.000 19.29151 ? 137 VAL A CG2 1 
ATOM   1027 N N   . LYS A 1 138 ? -2.72965  6.64556   10.05553  1.000 14.16444 ? 138 LYS A N   1 
ATOM   1028 C CA  . LYS A 1 138 ? -3.85651  6.47227   9.11974   1.000 15.40936 ? 138 LYS A CA  1 
ATOM   1029 C C   . LYS A 1 138 ? -3.85437  7.54408   8.02878   1.000 14.87134 ? 138 LYS A C   1 
ATOM   1030 O O   . LYS A 1 138 ? -4.11484  7.25155   6.84789   1.000 16.84059 ? 138 LYS A O   1 
ATOM   1031 C CB  . LYS A 1 138 ? -5.19250  6.52992   9.88614   1.000 16.86459 ? 138 LYS A CB  1 
ATOM   1032 C CG  . LYS A 1 138 ? -6.38413  6.42894   8.85266   1.000 26.48121 ? 138 LYS A CG  1 
ATOM   1033 C CD  . LYS A 1 138 ? -7.71772  5.95408   9.34667   1.000 34.60709 ? 138 LYS A CD  1 
ATOM   1034 C CE  . LYS A 1 138 ? -8.70413  5.85277   8.13292   1.000 19.79111 ? 138 LYS A CE  1 
ATOM   1035 N NZ  . LYS A 1 138 ? -10.15250 5.91774   8.62929   1.000 26.35956 ? 138 LYS A NZ  1 
ATOM   1036 N N   . ASP A 1 139 ? -3.58979  8.80103   8.42487   1.000 15.15214 ? 139 ASP A N   1 
ATOM   1037 C CA  . ASP A 1 139 ? -3.64893  9.99392   7.59447   1.000 18.56012 ? 139 ASP A CA  1 
ATOM   1038 C C   . ASP A 1 139 ? -2.36789  10.29869  6.91084   1.000 15.73726 ? 139 ASP A C   1 
ATOM   1039 O O   . ASP A 1 139 ? -1.97055  11.48187  6.88578   1.000 15.80103 ? 139 ASP A O   1 
ATOM   1040 C CB  . ASP A 1 139 ? -4.03283  11.18217  8.53318   1.000 21.26359 ? 139 ASP A CB  1 
ATOM   1041 C CG  . ASP A 1 139 ? -3.13023  11.28393  9.83125   1.000 30.23713 ? 139 ASP A CG  1 
ATOM   1042 O OD1 . ASP A 1 139 ? -2.89351  10.24925  10.60814  1.000 24.08337 ? 139 ASP A OD1 1 
ATOM   1043 O OD2 . ASP A 1 139 ? -2.73994  12.47819  10.13635  1.000 28.78383 ? 139 ASP A OD2 1 
ATOM   1044 N N   . ALA A 1 140 ? -1.66507  9.30469   6.37428   1.000 14.24652 ? 140 ALA A N   1 
ATOM   1045 C CA  . ALA A 1 140 ? -0.30554  9.61298   5.93365   1.000 12.56398 ? 140 ALA A CA  1 
ATOM   1046 C C   . ALA A 1 140 ? -0.29762  10.34501  4.59530   1.000 14.80252 ? 140 ALA A C   1 
ATOM   1047 O O   . ALA A 1 140 ? 0.67554   11.04874  4.31125   1.000 16.82493 ? 140 ALA A O   1 
ATOM   1048 C CB  . ALA A 1 140 ? 0.50931   8.31872   5.86471   1.000 15.84315 ? 140 ALA A CB  1 
ATOM   1049 N N   . ALA A 1 141 ? -1.35438  10.27949  3.76934   1.000 12.94648 ? 141 ALA A N   1 
ATOM   1050 C CA  . ALA A 1 141 ? -1.34977  11.09516  2.56203   1.000 14.54583 ? 141 ALA A CA  1 
ATOM   1051 C C   . ALA A 1 141 ? -1.35970  12.57836  2.91377   1.000 16.60920 ? 141 ALA A C   1 
ATOM   1052 O O   . ALA A 1 141 ? -0.57748  13.36116  2.35791   1.000 16.81237 ? 141 ALA A O   1 
ATOM   1053 C CB  . ALA A 1 141 ? -2.55416  10.73749  1.66103   1.000 15.79381 ? 141 ALA A CB  1 
ATOM   1054 N N   . GLN A 1 142 ? -2.21128  12.97849  3.87769   1.000 14.13290 ? 142 GLN A N   1 
ATOM   1055 C CA  . GLN A 1 142 ? -2.21182  14.37866  4.29959   1.000 14.70653 ? 142 GLN A CA  1 
ATOM   1056 C C   . GLN A 1 142 ? -0.89034  14.74208  4.97940   1.000 18.64052 ? 142 GLN A C   1 
ATOM   1057 O O   . GLN A 1 142 ? -0.38767  15.86134  4.81756   1.000 20.82219 ? 142 GLN A O   1 
ATOM   1058 C CB  . GLN A 1 142 ? -3.40477  14.59421  5.24672   1.000 15.43412 ? 142 GLN A CB  1 
ATOM   1059 C CG  . GLN A 1 142 ? -3.62954  16.09916  5.57058   1.000 16.73343 ? 142 GLN A CG  1 
ATOM   1060 C CD  . GLN A 1 142 ? -4.99037  16.34689  6.20706   1.000 17.35801 ? 142 GLN A CD  1 
ATOM   1061 O OE1 . GLN A 1 142 ? -5.92869  15.56213  6.08384   1.000 18.31718 ? 142 GLN A OE1 1 
ATOM   1062 N NE2 . GLN A 1 142 ? -5.09689  17.49308  6.86522   1.000 17.70094 ? 142 GLN A NE2 1 
ATOM   1063 N N   . LEU A 1 143 ? -0.32824  13.83455  5.76258   1.000 14.74000 ? 143 LEU A N   1 
ATOM   1064 C CA  . LEU A 1 143 ? 0.96462   14.10905  6.43009   1.000 15.02347 ? 143 LEU A CA  1 
ATOM   1065 C C   . LEU A 1 143 ? 2.07040   14.39132  5.41298   1.000 25.60647 ? 143 LEU A C   1 
ATOM   1066 O O   . LEU A 1 143 ? 2.83836   15.36623  5.57043   1.000 20.68785 ? 143 LEU A O   1 
ATOM   1067 C CB  . LEU A 1 143 ? 1.34558   12.91195  7.29034   1.000 16.82436 ? 143 LEU A CB  1 
ATOM   1068 C CG  . LEU A 1 143 ? 2.68888   13.01931  8.05453   1.000 17.24586 ? 143 LEU A CG  1 
ATOM   1069 C CD1 . LEU A 1 143 ? 2.70586   14.26560  9.01318   1.000 19.24688 ? 143 LEU A CD1 1 
ATOM   1070 C CD2 . LEU A 1 143 ? 2.96055   11.69390  8.70194   1.000 17.68050 ? 143 LEU A CD2 1 
ATOM   1071 N N   . ILE A 1 144 ? 2.17585   13.55285  4.39561   1.000 18.97492 ? 144 ILE A N   1 
ATOM   1072 C CA  . ILE A 1 144 ? 3.33481   13.71834  3.51602   1.000 24.77091 ? 144 ILE A CA  1 
ATOM   1073 C C   . ILE A 1 144 ? 3.14528   14.90894  2.59053   1.000 28.32688 ? 144 ILE A C   1 
ATOM   1074 O O   . ILE A 1 144 ? 4.12093   15.38329  1.99673   1.000 41.73447 ? 144 ILE A O   1 
ATOM   1075 C CB  . ILE A 1 144 ? 3.73805   12.41563  2.78543   1.000 21.63735 ? 144 ILE A CB  1 
ATOM   1076 C CG1 . ILE A 1 144 ? 2.79682   11.99489  1.65537   1.000 25.37058 ? 144 ILE A CG1 1 
ATOM   1077 C CG2 . ILE A 1 144 ? 3.96911   11.30376  3.76205   1.000 19.98940 ? 144 ILE A CG2 1 
ATOM   1078 C CD1 . ILE A 1 144 ? 3.30406   10.68761  1.00973   1.000 24.20637 ? 144 ILE A CD1 1 
ATOM   1079 N N   . LYS A 1 145 ? 1.94503   15.45332  2.49306   1.000 26.14790 ? 145 LYS A N   1 
ATOM   1080 C CA  . LYS A 1 145 ? 1.73130   16.67438  1.72640   1.000 37.50003 ? 145 LYS A CA  1 
ATOM   1081 C C   . LYS A 1 145 ? 2.09423   17.93374  2.51356   1.000 35.60443 ? 145 LYS A C   1 
ATOM   1082 O O   . LYS A 1 145 ? 2.02179   19.06302  1.98132   1.000 39.87578 ? 145 LYS A O   1 
ATOM   1083 C CB  . LYS A 1 145 ? 0.27878   16.69573  1.25729   1.000 38.61678 ? 145 LYS A CB  1 
ATOM   1084 C CG  . LYS A 1 145 ? 0.02508   15.69248  0.11550   1.000 36.65402 ? 145 LYS A CG  1 
ATOM   1085 C CD  . LYS A 1 145 ? 0.30708   16.38803  -1.21455  1.000 55.17473 ? 145 LYS A CD  1 
ATOM   1086 C CE  . LYS A 1 145 ? -0.77292  16.08140  -2.27697  1.000 57.97339 ? 145 LYS A CE  1 
ATOM   1087 N NZ  . LYS A 1 145 ? -0.23195  15.81347  -3.64487  1.000 50.24987 ? 145 LYS A NZ  1 
ATOM   1088 N N   . THR A 1 146 ? 2.51197   17.79101  3.76370   1.000 29.37228 ? 146 THR A N   1 
ATOM   1089 C CA  . THR A 1 146 ? 2.93532   18.96971  4.51204   1.000 29.32778 ? 146 THR A CA  1 
ATOM   1090 C C   . THR A 1 146 ? 4.37211   19.30420  4.25119   1.000 47.47766 ? 146 THR A C   1 
ATOM   1091 O O   . THR A 1 146 ? 4.79394   20.43121  4.54673   1.000 40.33495 ? 146 THR A O   1 
ATOM   1092 C CB  . THR A 1 146 ? 2.78156   18.77399  6.01173   1.000 30.96369 ? 146 THR A CB  1 
ATOM   1093 O OG1 . THR A 1 146 ? 3.61679   17.70422  6.45134   1.000 37.37727 ? 146 THR A OG1 1 
ATOM   1094 C CG2 . THR A 1 146 ? 1.31251   18.50359  6.35317   1.000 31.15228 ? 146 THR A CG2 1 
ATOM   1095 N N   . ASP A 1 147 ? 5.13138   18.34302  3.74251   1.000 34.47956 ? 147 ASP A N   1 
ATOM   1096 C CA  . ASP A 1 147 ? 6.55165   18.53704  3.48257   1.000 53.83215 ? 147 ASP A CA  1 
ATOM   1097 C C   . ASP A 1 147 ? 7.23477   19.24327  4.65514   1.000 56.67284 ? 147 ASP A C   1 
ATOM   1098 O O   . ASP A 1 147 ? 7.83741   20.30693  4.51342   1.000 66.44671 ? 147 ASP A O   1 
ATOM   1099 C CB  . ASP A 1 147 ? 6.74941   19.30217  2.17619   1.000 61.83220 ? 147 ASP A CB  1 
ATOM   1100 C CG  . ASP A 1 147 ? 5.93039   18.72711  1.03492   1.000 58.90509 ? 147 ASP A CG  1 
ATOM   1101 O OD1 . ASP A 1 147 ? 5.89088   17.47188  0.90629   1.000 57.69139 ? 147 ASP A OD1 1 
ATOM   1102 O OD2 . ASP A 1 147 ? 5.33916   19.53499  0.27474   1.000 49.97615 ? 147 ASP A OD2 1 
ATOM   1103 N N   . GLU A 1 148 ? 7.09294   18.64527  5.83721   1.000 58.43421 ? 148 GLU A N   1 
ATOM   1104 C CA  . GLU A 1 148 ? 7.71983   19.07352  7.07795   1.000 53.41031 ? 148 GLU A CA  1 
ATOM   1105 C C   . GLU A 1 148 ? 7.74768   17.87642  8.04435   1.000 52.69155 ? 148 GLU A C   1 
ATOM   1106 O O   . GLU A 1 148 ? 7.81639   18.04339  9.26563   1.000 46.20991 ? 148 GLU A O   1 
ATOM   1107 C CB  . GLU A 1 148 ? 6.96919   20.29305  7.65993   1.000 59.82974 ? 148 GLU A CB  1 
ATOM   1108 C CG  . GLU A 1 148 ? 5.43164   20.09654  7.92072   1.000 67.00026 ? 148 GLU A CG  1 
ATOM   1109 C CD  . GLU A 1 148 ? 4.80893   20.93723  9.09489   1.000 64.21811 ? 148 GLU A CD  1 
ATOM   1110 O OE1 . GLU A 1 148 ? 5.21206   20.70550  10.27534  1.000 61.62789 ? 148 GLU A OE1 1 
ATOM   1111 O OE2 . GLU A 1 148 ? 3.87475   21.74505  8.86385   1.000 59.20621 ? 148 GLU A OE2 1 
ATOM   1112 N N   . TYR A 1 149 ? 7.70044   16.65178  7.50402   1.000 30.85017 ? 149 TYR A N   1 
ATOM   1113 C CA  . TYR A 1 149 ? 7.26429   15.48922  8.25999   1.000 26.00278 ? 149 TYR A CA  1 
ATOM   1114 C C   . TYR A 1 149 ? 8.34921   14.45005  8.51292   1.000 22.75311 ? 149 TYR A C   1 
ATOM   1115 O O   . TYR A 1 149 ? 8.13984   13.54821  9.33879   1.000 21.44694 ? 149 TYR A O   1 
ATOM   1116 C CB  . TYR A 1 149 ? 6.06309   14.82142  7.52930   1.000 22.21587 ? 149 TYR A CB  1 
ATOM   1117 C CG  . TYR A 1 149 ? 6.48806   14.07442  6.25754   1.000 19.20668 ? 149 TYR A CG  1 
ATOM   1118 C CD1 . TYR A 1 149 ? 6.85788   12.75807  6.32015   1.000 18.13940 ? 149 TYR A CD1 1 
ATOM   1119 C CD2 . TYR A 1 149 ? 6.53428   14.73597  5.01621   1.000 18.76821 ? 149 TYR A CD2 1 
ATOM   1120 C CE1 . TYR A 1 149 ? 7.27649   12.06417  5.19638   1.000 18.49490 ? 149 TYR A CE1 1 
ATOM   1121 C CE2 . TYR A 1 149 ? 6.96558   14.06601  3.87880   1.000 17.95551 ? 149 TYR A CE2 1 
ATOM   1122 C CZ  . TYR A 1 149 ? 7.32298   12.72543  3.98228   1.000 17.68651 ? 149 TYR A CZ  1 
ATOM   1123 O OH  . TYR A 1 149 ? 7.69691   12.00255  2.88359   1.000 18.97737 ? 149 TYR A OH  1 
ATOM   1124 N N   . ILE A 1 150 ? 9.49708   14.51845  7.83919   1.000 22.57763 ? 150 ILE A N   1 
ATOM   1125 C CA  . ILE A 1 150 ? 10.36868  13.35014  7.82056   1.000 23.49929 ? 150 ILE A CA  1 
ATOM   1126 C C   . ILE A 1 150 ? 10.98060  13.08660  9.20040   1.000 20.98968 ? 150 ILE A C   1 
ATOM   1127 O O   . ILE A 1 150 ? 11.03428  11.94095  9.66590   1.000 23.11308 ? 150 ILE A O   1 
ATOM   1128 C CB  . ILE A 1 150 ? 11.43746  13.50527  6.72057   1.000 24.19411 ? 150 ILE A CB  1 
ATOM   1129 C CG1 . ILE A 1 150 ? 10.75551  13.27093  5.35517   1.000 25.06102 ? 150 ILE A CG1 1 
ATOM   1130 C CG2 . ILE A 1 150 ? 12.55122  12.46601  6.88091   1.000 22.25967 ? 150 ILE A CG2 1 
ATOM   1131 C CD1 . ILE A 1 150 ? 11.58296  13.70871  4.20523   1.000 33.04742 ? 150 ILE A CD1 1 
ATOM   1132 N N   . ASN A 1 151 ? 11.52302  14.13209  9.84629   1.000 23.51019 ? 151 ASN A N   1 
ATOM   1133 C CA  . ASN A 1 151 ? 12.17972  13.90263  11.12880  1.000 26.50134 ? 151 ASN A CA  1 
ATOM   1134 C C   . ASN A 1 151 ? 11.21020  13.35549  12.16708  1.000 26.44175 ? 151 ASN A C   1 
ATOM   1135 O O   . ASN A 1 151 ? 11.52925  12.40052  12.89465  1.000 26.87162 ? 151 ASN A O   1 
ATOM   1136 C CB  . ASN A 1 151 ? 12.79981  15.21829  11.61948  1.000 30.30800 ? 151 ASN A CB  1 
ATOM   1137 C CG  . ASN A 1 151 ? 13.96140  15.66209  10.76378  1.000 48.61842 ? 151 ASN A CG  1 
ATOM   1138 O OD1 . ASN A 1 151 ? 14.61805  14.84490  10.11400  1.000 57.54285 ? 151 ASN A OD1 1 
ATOM   1139 N ND2 . ASN A 1 151 ? 14.22849  16.97124  10.76323  1.000 53.45211 ? 151 ASN A ND2 1 
ATOM   1140 N N   . ASN A 1 152 ? 10.03570  13.98747  12.26104  1.000 24.90736 ? 152 ASN A N   1 
ATOM   1141 C CA  . ASN A 1 152 ? 8.96058   13.56863  13.16405  1.000 28.26800 ? 152 ASN A CA  1 
ATOM   1142 C C   . ASN A 1 152 ? 8.57015   12.11529  12.89743  1.000 27.22287 ? 152 ASN A C   1 
ATOM   1143 O O   . ASN A 1 152 ? 8.49206   11.29011  13.81263  1.000 25.85209 ? 152 ASN A O   1 
ATOM   1144 C CB  . ASN A 1 152 ? 7.76947   14.50768  12.96126  1.000 32.06085 ? 152 ASN A CB  1 
ATOM   1145 C CG  . ASN A 1 152 ? 6.65963   14.37181  14.05105  1.000 43.36161 ? 152 ASN A CG  1 
ATOM   1146 O OD1 . ASN A 1 152 ? 6.05174   13.31503  14.23418  1.000 41.96576 ? 152 ASN A OD1 1 
ATOM   1147 N ND2 . ASN A 1 152 ? 6.35726   15.48060  14.71075  1.000 45.91741 ? 152 ASN A ND2 1 
ATOM   1148 N N   . LEU A 1 153 ? 8.37386   11.77671  11.62283  1.000 24.28500 ? 153 LEU A N   1 
ATOM   1149 C CA  . LEU A 1 153 ? 8.00393   10.38976  11.33580  1.000 23.62500 ? 153 LEU A CA  1 
ATOM   1150 C C   . LEU A 1 153 ? 9.12566   9.41899   11.64361  1.000 27.22679 ? 153 LEU A C   1 
ATOM   1151 O O   . LEU A 1 153 ? 8.87851   8.33107   12.18414  1.000 24.14361 ? 153 LEU A O   1 
ATOM   1152 C CB  . LEU A 1 153 ? 7.57542   10.25987  9.86937   1.000 20.18981 ? 153 LEU A CB  1 
ATOM   1153 C CG  . LEU A 1 153 ? 7.08941   8.90277   9.41456   1.000 17.25313 ? 153 LEU A CG  1 
ATOM   1154 C CD1 . LEU A 1 153 ? 5.88733   8.43269   10.27376  1.000 23.72040 ? 153 LEU A CD1 1 
ATOM   1155 C CD2 . LEU A 1 153 ? 6.66838   9.08207   7.96045   1.000 19.16047 ? 153 LEU A CD2 1 
ATOM   1156 N N   . LYS A 1 154 ? 10.39424  9.78258   11.35046  1.000 23.20487 ? 154 LYS A N   1 
ATOM   1157 C CA  . LYS A 1 154 ? 11.47913  8.89548   11.73467  1.000 23.33738 ? 154 LYS A CA  1 
ATOM   1158 C C   . LYS A 1 154 ? 11.45284  8.61828   13.22668  1.000 25.00210 ? 154 LYS A C   1 
ATOM   1159 O O   . LYS A 1 154 ? 11.67439  7.48347   13.66597  1.000 26.42604 ? 154 LYS A O   1 
ATOM   1160 C CB  . LYS A 1 154 ? 12.80570  9.54647   11.33736  1.000 22.87423 ? 154 LYS A CB  1 
ATOM   1161 C CG  . LYS A 1 154 ? 13.09318  9.46378   9.86561   1.000 25.71272 ? 154 LYS A CG  1 
ATOM   1162 C CD  . LYS A 1 154 ? 14.56529  9.74810   9.59032   1.000 44.25831 ? 154 LYS A CD  1 
ATOM   1163 C CE  . LYS A 1 154 ? 14.86525  9.38645   8.17030   1.000 47.69076 ? 154 LYS A CE  1 
ATOM   1164 N NZ  . LYS A 1 154 ? 14.46032  7.95893   7.89756   1.000 51.19226 ? 154 LYS A NZ  1 
ATOM   1165 N N   . SER A 1 155 ? 11.15261  9.64160   14.00700  1.000 27.10077 ? 155 SER A N   1 
ATOM   1166 C CA  . SER A 1 155 ? 11.16631  9.46806   15.45312  1.000 30.67695 ? 155 SER A CA  1 
ATOM   1167 C C   . SER A 1 155 ? 9.98463   8.62597   15.90062  1.000 30.07765 ? 155 SER A C   1 
ATOM   1168 O O   . SER A 1 155 ? 10.14306  7.72514   16.73078  1.000 34.44100 ? 155 SER A O   1 
ATOM   1169 C CB  . SER A 1 155 ? 11.15909  10.83894  16.11854  1.000 40.34212 ? 155 SER A CB  1 
ATOM   1170 O OG  . SER A 1 155 ? 11.28217  10.72292  17.51415  1.000 52.92277 ? 155 SER A OG  1 
ATOM   1171 N N   . LEU A 1 156 ? 8.81854   8.87511   15.30351  1.000 30.08935 ? 156 LEU A N   1 
ATOM   1172 C CA  . LEU A 1 156 ? 7.64241   8.05340   15.56024  1.000 30.10849 ? 156 LEU A CA  1 
ATOM   1173 C C   . LEU A 1 156 ? 7.95778   6.57140   15.36046  1.000 33.57520 ? 156 LEU A C   1 
ATOM   1174 O O   . LEU A 1 156 ? 7.64874   5.72610   16.21111  1.000 33.49827 ? 156 LEU A O   1 
ATOM   1175 C CB  . LEU A 1 156 ? 6.51605   8.51055   14.64324  1.000 26.56125 ? 156 LEU A CB  1 
ATOM   1176 C CG  . LEU A 1 156 ? 5.30238   7.59020   14.62728  1.000 34.32210 ? 156 LEU A CG  1 
ATOM   1177 C CD1 . LEU A 1 156 ? 4.91549   7.47751   16.03668  1.000 44.24886 ? 156 LEU A CD1 1 
ATOM   1178 C CD2 . LEU A 1 156 ? 4.21828   8.25389   13.84378  1.000 39.84734 ? 156 LEU A CD2 1 
ATOM   1179 N N   . ILE A 1 157 ? 8.56128   6.23262   14.22968  1.000 25.96014 ? 157 ILE A N   1 
ATOM   1180 C CA  . ILE A 1 157 ? 8.94758   4.86316   13.94776  1.000 21.61749 ? 157 ILE A CA  1 
ATOM   1181 C C   . ILE A 1 157 ? 10.06064  4.41611   14.89222  1.000 40.83805 ? 157 ILE A C   1 
ATOM   1182 O O   . ILE A 1 157 ? 10.06836  3.28227   15.37249  1.000 31.40509 ? 157 ILE A O   1 
ATOM   1183 C CB  . ILE A 1 157 ? 9.38514   4.75226   12.47792  1.000 24.47282 ? 157 ILE A CB  1 
ATOM   1184 C CG1 . ILE A 1 157 ? 8.17634   5.00648   11.56100  1.000 24.83968 ? 157 ILE A CG1 1 
ATOM   1185 C CG2 . ILE A 1 157 ? 10.01226  3.41104   12.16692  1.000 25.90691 ? 157 ILE A CG2 1 
ATOM   1186 C CD1 . ILE A 1 157 ? 8.62154   5.14449   10.04406  1.000 22.33306 ? 157 ILE A CD1 1 
ATOM   1187 N N   . LYS A 1 158 ? 11.04724  5.28509   15.12399  1.000 35.00438 ? 158 LYS A N   1 
ATOM   1188 C CA  . LYS A 1 158 ? 12.11341  4.93207   16.07060  1.000 41.45627 ? 158 LYS A CA  1 
ATOM   1189 C C   . LYS A 1 158 ? 11.53419  4.53644   17.42387  1.000 32.90832 ? 158 LYS A C   1 
ATOM   1190 O O   . LYS A 1 158 ? 11.97035  3.55420   18.03137  1.000 40.89379 ? 158 LYS A O   1 
ATOM   1191 C CB  . LYS A 1 158 ? 13.08820  6.10727   16.21765  1.000 35.02357 ? 158 LYS A CB  1 
ATOM   1192 C CG  . LYS A 1 158 ? 14.40990  5.82051   16.92799  1.000 43.70723 ? 158 LYS A CG  1 
ATOM   1193 C CD  . LYS A 1 158 ? 15.13273  7.13942   17.21731  1.000 51.70066 ? 158 LYS A CD  1 
ATOM   1194 C CE  . LYS A 1 158 ? 16.22596  7.01958   18.28402  1.000 60.71721 ? 158 LYS A CE  1 
ATOM   1195 N NZ  . LYS A 1 158 ? 17.40052  7.86385   17.91342  1.000 62.40313 ? 158 LYS A NZ  1 
ATOM   1196 N N   . ASN A 1 159 ? 10.52824  5.26621   17.89101  1.000 38.19866 ? 159 ASN A N   1 
ATOM   1197 C CA  . ASN A 1 159 ? 9.97272   5.09582   19.22592  1.000 37.63343 ? 159 ASN A CA  1 
ATOM   1198 C C   . ASN A 1 159 ? 8.85982   4.05404   19.31296  1.000 44.62826 ? 159 ASN A C   1 
ATOM   1199 O O   . ASN A 1 159 ? 8.36666   3.78663   20.42580  1.000 40.58466 ? 159 ASN A O   1 
ATOM   1200 C CB  . ASN A 1 159 ? 9.44720   6.43280   19.73102  1.000 44.75159 ? 159 ASN A CB  1 
ATOM   1201 C CG  . ASN A 1 159 ? 10.55846  7.43796   19.90444  1.000 51.50480 ? 159 ASN A CG  1 
ATOM   1202 O OD1 . ASN A 1 159 ? 10.32804  8.64181   19.89675  1.000 49.41160 ? 159 ASN A OD1 1 
ATOM   1203 N ND2 . ASN A 1 159 ? 11.78734  6.94084   20.02497  1.000 49.51031 ? 159 ASN A ND2 1 
ATOM   1204 N N   . TYR A 1 160 ? 8.43528   3.47023   18.18805  1.000 33.55864 ? 160 TYR A N   1 
ATOM   1205 C CA  . TYR A 1 160 ? 7.33761   2.51542   18.21458  1.000 32.32287 ? 160 TYR A CA  1 
ATOM   1206 C C   . TYR A 1 160 ? 7.91804   1.13019   18.45998  1.000 37.12894 ? 160 TYR A C   1 
ATOM   1207 O O   . TYR A 1 160 ? 8.78512   0.66781   17.70275  1.000 34.14004 ? 160 TYR A O   1 
ATOM   1208 C CB  . TYR A 1 160 ? 6.51502   2.54412   16.91044  1.000 28.43109 ? 160 TYR A CB  1 
ATOM   1209 C CG  . TYR A 1 160 ? 5.53995   1.38925   16.82692  1.000 35.71766 ? 160 TYR A CG  1 
ATOM   1210 C CD1 . TYR A 1 160 ? 4.39254   1.35987   17.61267  1.000 39.00799 ? 160 TYR A CD1 1 
ATOM   1211 C CD2 . TYR A 1 160 ? 5.80736   0.28443   16.02429  1.000 33.61209 ? 160 TYR A CD2 1 
ATOM   1212 C CE1 . TYR A 1 160 ? 3.53181   0.29123   17.55783  1.000 34.56378 ? 160 TYR A CE1 1 
ATOM   1213 C CE2 . TYR A 1 160 ? 4.95405   -0.77986  15.96828  1.000 32.58195 ? 160 TYR A CE2 1 
ATOM   1214 C CZ  . TYR A 1 160 ? 3.80242   -0.77203  16.73598  1.000 36.13183 ? 160 TYR A CZ  1 
ATOM   1215 O OH  . TYR A 1 160 ? 2.92631   -1.86783  16.67402  1.000 49.68954 ? 160 TYR A OH  1 
ATOM   1216 N N   . ILE A 1 161 ? 7.46852   0.46534   19.52170  1.000 26.09960 ? 161 ILE A N   1 
ATOM   1217 C CA  . ILE A 1 161 ? 7.94373   -0.88660  19.79322  1.000 25.52503 ? 161 ILE A CA  1 
ATOM   1218 C C   . ILE A 1 161 ? 7.08292   -1.88351  19.02684  1.000 29.38013 ? 161 ILE A C   1 
ATOM   1219 O O   . ILE A 1 161 ? 5.93731   -2.13016  19.38145  1.000 28.57359 ? 161 ILE A O   1 
ATOM   1220 C CB  . ILE A 1 161 ? 7.95798   -1.19890  21.29227  1.000 32.07130 ? 161 ILE A CB  1 
ATOM   1221 C CG1 . ILE A 1 161 ? 8.60278   -0.06894  22.09124  1.000 31.50288 ? 161 ILE A CG1 1 
ATOM   1222 C CG2 . ILE A 1 161 ? 8.67658   -2.55111  21.52900  1.000 29.14734 ? 161 ILE A CG2 1 
ATOM   1223 C CD1 . ILE A 1 161 ? 10.02338  0.21812   21.75608  1.000 36.25126 ? 161 ILE A CD1 1 
ATOM   1224 N N   . ILE A 1 162 ? 7.66573   -2.47269  17.97750  1.000 29.79260 ? 162 ILE A N   1 
ATOM   1225 C CA  . ILE A 1 162 ? 6.98650   -3.48861  17.18761  1.000 33.33777 ? 162 ILE A CA  1 
ATOM   1226 C C   . ILE A 1 162 ? 6.75559   -4.74997  18.01071  1.000 39.10287 ? 162 ILE A C   1 
ATOM   1227 O O   . ILE A 1 162 ? 7.65910   -5.24780  18.68273  1.000 28.52055 ? 162 ILE A O   1 
ATOM   1228 C CB  . ILE A 1 162 ? 7.80228   -3.82569  15.92692  1.000 39.36809 ? 162 ILE A CB  1 
ATOM   1229 C CG1 . ILE A 1 162 ? 8.33719   -2.58674  15.21711  1.000 47.28855 ? 162 ILE A CG1 1 
ATOM   1230 C CG2 . ILE A 1 162 ? 6.98355   -4.70483  15.00437  1.000 45.53653 ? 162 ILE A CG2 1 
ATOM   1231 C CD1 . ILE A 1 162 ? 9.67603   -2.82650  14.52630  1.000 40.20393 ? 162 ILE A CD1 1 
ATOM   1232 N N   . HIS A 1 163 ? 5.57208   -5.30394  17.92232  1.000 47.21236 ? 163 HIS A N   1 
ATOM   1233 C CA  . HIS A 1 163 ? 5.29517   -6.59696  18.51889  1.000 51.82124 ? 163 HIS A CA  1 
ATOM   1234 C C   . HIS A 1 163 ? 5.12900   -7.62460  17.41050  1.000 48.35739 ? 163 HIS A C   1 
ATOM   1235 O O   . HIS A 1 163 ? 4.37572   -7.36546  16.46446  1.000 63.46404 ? 163 HIS A O   1 
ATOM   1236 C CB  . HIS A 1 163 ? 4.02661   -6.51396  19.34354  1.000 64.41941 ? 163 HIS A CB  1 
ATOM   1237 C CG  . HIS A 1 163 ? 3.85934   -5.19833  20.03510  1.000 73.26523 ? 163 HIS A CG  1 
ATOM   1238 N ND1 . HIS A 1 163 ? 4.56879   -4.85383  21.16693  1.000 78.99833 ? 163 HIS A ND1 1 
ATOM   1239 C CD2 . HIS A 1 163 ? 3.09717   -4.12214  19.72692  1.000 73.56284 ? 163 HIS A CD2 1 
ATOM   1240 C CE1 . HIS A 1 163 ? 4.22798   -3.63475  21.54546  1.000 77.62452 ? 163 HIS A CE1 1 
ATOM   1241 N NE2 . HIS A 1 163 ? 3.33702   -3.16677  20.68737  1.000 77.90799 ? 163 HIS A NE2 1 
ATOM   1242 N N   . PRO A 1 164 ? 5.79907   -8.77299  17.44658  1.000 38.21561 ? 164 PRO A N   1 
ATOM   1243 C CA  . PRO A 1 164 ? 5.63397   -9.73635  16.36763  1.000 37.21121 ? 164 PRO A CA  1 
ATOM   1244 C C   . PRO A 1 164 ? 4.24859   -10.35046 16.41072  1.000 43.79437 ? 164 PRO A C   1 
ATOM   1245 O O   . PRO A 1 164 ? 3.56054   -10.33959 17.43679  1.000 36.06659 ? 164 PRO A O   1 
ATOM   1246 C CB  . PRO A 1 164 ? 6.72524   -10.76766 16.65341  1.000 40.79180 ? 164 PRO A CB  1 
ATOM   1247 C CG  . PRO A 1 164 ? 6.82162   -10.75731 18.11913  1.000 41.11100 ? 164 PRO A CG  1 
ATOM   1248 C CD  . PRO A 1 164 ? 6.62996   -9.32423  18.51635  1.000 34.39007 ? 164 PRO A CD  1 
ATOM   1249 N N   . LYS A 1 165 ? 3.84446   -10.88002 15.26466  1.000 35.59178 ? 165 LYS A N   1 
ATOM   1250 C CA  . LYS A 1 165 ? 2.56299   -11.55661 15.13755  1.000 35.20087 ? 165 LYS A CA  1 
ATOM   1251 C C   . LYS A 1 165 ? 2.67179   -12.54808 14.00094  1.000 39.83631 ? 165 LYS A C   1 
ATOM   1252 O O   . LYS A 1 165 ? 3.02518   -12.17884 12.87729  1.000 31.78186 ? 165 LYS A O   1 
ATOM   1253 C CB  . LYS A 1 165 ? 1.41215   -10.58442 14.89198  1.000 34.54950 ? 165 LYS A CB  1 
ATOM   1254 C CG  . LYS A 1 165 ? 0.06786   -11.32241 14.84833  1.000 38.06157 ? 165 LYS A CG  1 
ATOM   1255 C CD  . LYS A 1 165 ? -1.12698  -10.39682 14.62850  1.000 47.18008 ? 165 LYS A CD  1 
ATOM   1256 C CE  . LYS A 1 165 ? -2.42284  -11.08421 15.06888  1.000 52.04272 ? 165 LYS A CE  1 
ATOM   1257 N NZ  . LYS A 1 165 ? -2.20714  -12.45935 15.65886  1.000 61.39833 ? 165 LYS A NZ  1 
ATOM   1258 N N   . THR A 1 166 ? 2.39970   -13.80674 14.29013  1.000 37.72385 ? 166 THR A N   1 
ATOM   1259 C CA  . THR A 1 166 ? 2.45774   -14.81430 13.24492  1.000 37.37913 ? 166 THR A CA  1 
ATOM   1260 C C   . THR A 1 166 ? 1.10859   -14.89825 12.55361  1.000 33.84264 ? 166 THR A C   1 
ATOM   1261 O O   . THR A 1 166 ? 0.05346   -14.77776 13.18421  1.000 35.54284 ? 166 THR A O   1 
ATOM   1262 C CB  . THR A 1 166 ? 2.87037   -16.18803 13.79161  1.000 50.64077 ? 166 THR A CB  1 
ATOM   1263 O OG1 . THR A 1 166 ? 3.92451   -16.02294 14.75295  1.000 50.23070 ? 166 THR A OG1 1 
ATOM   1264 C CG2 . THR A 1 166 ? 3.35260   -17.08648 12.66212  1.000 52.90122 ? 166 THR A CG2 1 
ATOM   1265 N N   . PHE A 1 167 ? 1.15567   -15.05971 11.24119  1.000 31.83472 ? 167 PHE A N   1 
ATOM   1266 C CA  . PHE A 1 167 ? -0.03972  -15.23143 10.43460  1.000 33.43886 ? 167 PHE A CA  1 
ATOM   1267 C C   . PHE A 1 167 ? 0.00308   -16.58220 9.73260   1.000 35.62359 ? 167 PHE A C   1 
ATOM   1268 O O   . PHE A 1 167 ? 1.07972   -17.12010 9.43722   1.000 38.87326 ? 167 PHE A O   1 
ATOM   1269 C CB  . PHE A 1 167 ? -0.18602  -14.07596 9.40450   1.000 37.21130 ? 167 PHE A CB  1 
ATOM   1270 C CG  . PHE A 1 167 ? -0.35156  -12.71162 10.04163  1.000 30.20888 ? 167 PHE A CG  1 
ATOM   1271 C CD1 . PHE A 1 167 ? -1.54056  -12.33428 10.61851  1.000 26.49548 ? 167 PHE A CD1 1 
ATOM   1272 C CD2 . PHE A 1 167 ? 0.71980   -11.81546 10.09697  1.000 25.44362 ? 167 PHE A CD2 1 
ATOM   1273 C CE1 . PHE A 1 167 ? -1.65383  -11.07467 11.21771  1.000 25.83114 ? 167 PHE A CE1 1 
ATOM   1274 C CE2 . PHE A 1 167 ? 0.58945   -10.57402 10.69922  1.000 25.03545 ? 167 PHE A CE2 1 
ATOM   1275 C CZ  . PHE A 1 167 ? -0.59677  -10.21133 11.26221  1.000 24.03042 ? 167 PHE A CZ  1 
ATOM   1276 N N   . GLN A 1 168 ? -1.18914  -17.13754 9.49982   1.000 40.45249 ? 168 GLN A N   1 
ATOM   1277 C CA  . GLN A 1 168 ? -1.28188  -18.42079 8.81688   1.000 45.75306 ? 168 GLN A CA  1 
ATOM   1278 C C   . GLN A 1 168 ? -0.57097  -18.32497 7.47866   1.000 40.06877 ? 168 GLN A C   1 
ATOM   1279 O O   . GLN A 1 168 ? -0.74060  -17.34068 6.74985   1.000 38.17542 ? 168 GLN A O   1 
ATOM   1280 C CB  . GLN A 1 168 ? -2.74606  -18.81801 8.60268   1.000 53.86867 ? 168 GLN A CB  1 
ATOM   1281 C CG  . GLN A 1 168 ? -3.66139  -18.66077 9.81220   1.000 64.33484 ? 168 GLN A CG  1 
ATOM   1282 C CD  . GLN A 1 168 ? -5.08555  -19.15886 9.53304   1.000 74.01360 ? 168 GLN A CD  1 
ATOM   1283 O OE1 . GLN A 1 168 ? -5.95818  -18.39733 9.09004   1.000 75.03526 ? 168 GLN A OE1 1 
ATOM   1284 N NE2 . GLN A 1 168 ? -5.32095  -20.44930 9.78746   1.000 78.15572 ? 168 GLN A NE2 1 
ATOM   1285 N N   . PHE A 1 169 ? 0.25817   -19.33001 7.16891   1.000 38.78907 ? 169 PHE A N   1 
ATOM   1286 C CA  . PHE A 1 169 ? 1.05563   -19.38624 5.93812   1.000 41.32572 ? 169 PHE A CA  1 
ATOM   1287 C C   . PHE A 1 169 ? 1.94396   -18.15800 5.76873   1.000 34.60318 ? 169 PHE A C   1 
ATOM   1288 O O   . PHE A 1 169 ? 2.39547   -17.85426 4.65057   1.000 34.43645 ? 169 PHE A O   1 
ATOM   1289 C CB  . PHE A 1 169 ? 0.17496   -19.53411 4.69800   1.000 45.27501 ? 169 PHE A CB  1 
ATOM   1290 C CG  . PHE A 1 169 ? -0.73371  -20.72028 4.73457   1.000 56.41811 ? 169 PHE A CG  1 
ATOM   1291 C CD1 . PHE A 1 169 ? -1.95103  -20.68029 4.08753   1.000 61.33270 ? 169 PHE A CD1 1 
ATOM   1292 C CD2 . PHE A 1 169 ? -0.36564  -21.87752 5.39901   1.000 59.62639 ? 169 PHE A CD2 1 
ATOM   1293 C CE1 . PHE A 1 169 ? -2.79566  -21.77532 4.10597   1.000 67.59776 ? 169 PHE A CE1 1 
ATOM   1294 C CE2 . PHE A 1 169 ? -1.20488  -22.97305 5.42541   1.000 63.95845 ? 169 PHE A CE2 1 
ATOM   1295 C CZ  . PHE A 1 169 ? -2.42027  -22.92115 4.77737   1.000 66.89184 ? 169 PHE A CZ  1 
ATOM   1296 N N   . ASN A 1 170 ? 2.19955   -17.43884 6.86509   1.000 32.05365 ? 170 ASN A N   1 
ATOM   1297 C CA  . ASN A 1 170 ? 2.93726   -16.19278 6.80285   1.000 30.38252 ? 170 ASN A CA  1 
ATOM   1298 C C   . ASN A 1 170 ? 2.29092   -15.18795 5.85865   1.000 25.04158 ? 170 ASN A C   1 
ATOM   1299 O O   . ASN A 1 170 ? 2.98652   -14.31778 5.33013   1.000 28.45523 ? 170 ASN A O   1 
ATOM   1300 C CB  . ASN A 1 170 ? 4.39757   -16.41881 6.40285   1.000 34.45125 ? 170 ASN A CB  1 
ATOM   1301 C CG  . ASN A 1 170 ? 5.17709   -17.04327 7.52809   1.000 41.71903 ? 170 ASN A CG  1 
ATOM   1302 O OD1 . ASN A 1 170 ? 4.81177   -16.84910 8.68640   1.000 37.96822 ? 170 ASN A OD1 1 
ATOM   1303 N ND2 . ASN A 1 170 ? 6.26978   -17.72340 7.21757   1.000 41.58962 ? 170 ASN A ND2 1 
ATOM   1304 N N   . ASN A 1 171 ? 0.98586   -15.26140 5.69485   1.000 31.43603 ? 171 ASN A N   1 
ATOM   1305 C CA  . ASN A 1 171 ? 0.25734   -14.34011 4.81698   1.000 27.13479 ? 171 ASN A CA  1 
ATOM   1306 C C   . ASN A 1 171 ? -0.56876  -13.41351 5.70920   1.000 20.50801 ? 171 ASN A C   1 
ATOM   1307 O O   . ASN A 1 171 ? -1.58523  -13.82565 6.27888   1.000 25.57597 ? 171 ASN A O   1 
ATOM   1308 C CB  . ASN A 1 171 ? -0.59476  -15.11737 3.81977   1.000 24.37045 ? 171 ASN A CB  1 
ATOM   1309 C CG  . ASN A 1 171 ? -1.37614  -14.23153 2.87113   1.000 32.23482 ? 171 ASN A CG  1 
ATOM   1310 O OD1 . ASN A 1 171 ? -1.58649  -13.02757 3.14840   1.000 28.40242 ? 171 ASN A OD1 1 
ATOM   1311 N ND2 . ASN A 1 171 ? -1.92146  -14.83033 1.80870   1.000 26.37028 ? 171 ASN A ND2 1 
ATOM   1312 N N   . ARG A 1 172 ? -0.13754  -12.14390 5.80152   1.000 21.01407 ? 172 ARG A N   1 
ATOM   1313 C CA  . ARG A 1 172 ? -0.76453  -11.18103 6.70286   1.000 23.65767 ? 172 ARG A CA  1 
ATOM   1314 C C   . ARG A 1 172 ? -2.02241  -10.55011 6.14090   1.000 19.68140 ? 172 ARG A C   1 
ATOM   1315 O O   . ARG A 1 172 ? -2.66004  -9.74280  6.83346   1.000 20.10094 ? 172 ARG A O   1 
ATOM   1316 C CB  . ARG A 1 172 ? 0.24617   -10.08133 6.98120   1.000 20.38534 ? 172 ARG A CB  1 
ATOM   1317 C CG  . ARG A 1 172 ? 0.54051   -9.26573  5.72538   1.000 18.91771 ? 172 ARG A CG  1 
ATOM   1318 C CD  . ARG A 1 172 ? 1.77610   -8.39785  6.01072   1.000 18.39237 ? 172 ARG A CD  1 
ATOM   1319 N NE  . ARG A 1 172 ? 1.45387   -7.32423  6.96999   1.000 17.00826 ? 172 ARG A NE  1 
ATOM   1320 C CZ  . ARG A 1 172 ? 2.34140   -6.45906  7.40458   1.000 18.55095 ? 172 ARG A CZ  1 
ATOM   1321 N NH1 . ARG A 1 172 ? 3.61929   -6.51530  6.97154   1.000 17.47339 ? 172 ARG A NH1 1 
ATOM   1322 N NH2 . ARG A 1 172 ? 1.94092   -5.48679  8.23681   1.000 17.19450 ? 172 ARG A NH2 1 
ATOM   1323 N N   . PHE A 1 173 ? -2.41957  -10.89656 4.92659   1.000 18.07172 ? 173 PHE A N   1 
ATOM   1324 C CA  . PHE A 1 173 ? -3.34398  -9.97506  4.27685   1.000 16.72013 ? 173 PHE A CA  1 
ATOM   1325 C C   . PHE A 1 173 ? -4.79570  -10.25699 4.55117   1.000 19.35801 ? 173 PHE A C   1 
ATOM   1326 O O   . PHE A 1 173 ? -5.61598  -9.34045  4.45957   1.000 16.92189 ? 173 PHE A O   1 
ATOM   1327 C CB  . PHE A 1 173 ? -3.05762  -9.96104  2.77458   1.000 18.19693 ? 173 PHE A CB  1 
ATOM   1328 C CG  . PHE A 1 173 ? -1.79637  -9.22735  2.42758   1.000 16.99428 ? 173 PHE A CG  1 
ATOM   1329 C CD1 . PHE A 1 173 ? -1.71376  -7.85098  2.56757   1.000 17.51723 ? 173 PHE A CD1 1 
ATOM   1330 C CD2 . PHE A 1 173 ? -0.62673  -9.91039  2.06697   1.000 18.64106 ? 173 PHE A CD2 1 
ATOM   1331 C CE1 . PHE A 1 173 ? -0.52998  -7.17228  2.32272   1.000 17.43123 ? 173 PHE A CE1 1 
ATOM   1332 C CE2 . PHE A 1 173 ? 0.55194   -9.21189  1.78171   1.000 17.70059 ? 173 PHE A CE2 1 
ATOM   1333 C CZ  . PHE A 1 173 ? 0.61012   -7.81537  1.90528   1.000 20.24192 ? 173 PHE A CZ  1 
ATOM   1334 N N   . PHE A 1 174 ? -5.16241  -11.49758 4.90463   1.000 19.92382 ? 174 PHE A N   1 
ATOM   1335 C CA  . PHE A 1 174 ? -6.54099  -11.69588 5.34795   1.000 22.27575 ? 174 PHE A CA  1 
ATOM   1336 C C   . PHE A 1 174 ? -6.84157  -10.84406 6.57460   1.000 20.30944 ? 174 PHE A C   1 
ATOM   1337 O O   . PHE A 1 174 ? -7.88885  -10.20194 6.66122   1.000 21.14348 ? 174 PHE A O   1 
ATOM   1338 C CB  . PHE A 1 174 ? -6.80086  -13.17915 5.67540   1.000 24.42309 ? 174 PHE A CB  1 
ATOM   1339 C CG  . PHE A 1 174 ? -8.24675  -13.46839 5.91926   1.000 27.34173 ? 174 PHE A CG  1 
ATOM   1340 C CD1 . PHE A 1 174 ? -9.11804  -13.64720 4.85166   1.000 30.53261 ? 174 PHE A CD1 1 
ATOM   1341 C CD2 . PHE A 1 174 ? -8.75039  -13.50751 7.19288   1.000 31.14250 ? 174 PHE A CD2 1 
ATOM   1342 C CE1 . PHE A 1 174 ? -10.46437 -13.88103 5.05529   1.000 34.33813 ? 174 PHE A CE1 1 
ATOM   1343 C CE2 . PHE A 1 174 ? -10.10041 -13.74980 7.40891   1.000 27.94414 ? 174 PHE A CE2 1 
ATOM   1344 C CZ  . PHE A 1 174 ? -10.96385 -13.92265 6.33072   1.000 35.84863 ? 174 PHE A CZ  1 
ATOM   1345 N N   . ASP A 1 175 ? -5.92347  -10.84836 7.53469   1.000 20.83757 ? 175 ASP A N   1 
ATOM   1346 C CA  . ASP A 1 175 ? -6.09021  -10.02917 8.72601   1.000 18.92002 ? 175 ASP A CA  1 
ATOM   1347 C C   . ASP A 1 175 ? -6.10808  -8.54645  8.36743   1.000 19.25221 ? 175 ASP A C   1 
ATOM   1348 O O   . ASP A 1 175 ? -6.89946  -7.76143  8.90816   1.000 23.03301 ? 175 ASP A O   1 
ATOM   1349 C CB  . ASP A 1 175 ? -4.96124  -10.32960 9.70302   1.000 20.53581 ? 175 ASP A CB  1 
ATOM   1350 C CG  . ASP A 1 175 ? -5.09657  -9.55828  10.96551  1.000 28.47781 ? 175 ASP A CG  1 
ATOM   1351 O OD1 . ASP A 1 175 ? -5.98937  -9.91256  11.79318  1.000 30.11986 ? 175 ASP A OD1 1 
ATOM   1352 O OD2 . ASP A 1 175 ? -4.38629  -8.55601  11.14299  1.000 25.05453 ? 175 ASP A OD2 1 
ATOM   1353 N N   . LEU A 1 176 ? -5.24326  -8.14643  7.44764   1.000 18.99649 ? 176 LEU A N   1 
ATOM   1354 C CA  . LEU A 1 176 ? -5.16037  -6.71786  7.14941   1.000 18.07838 ? 176 LEU A CA  1 
ATOM   1355 C C   . LEU A 1 176 ? -6.37840  -6.21362  6.37509   1.000 19.04839 ? 176 LEU A C   1 
ATOM   1356 O O   . LEU A 1 176 ? -6.81582  -5.07234  6.58762   1.000 19.15778 ? 176 LEU A O   1 
ATOM   1357 C CB  . LEU A 1 176 ? -3.86033  -6.46352  6.38438   1.000 15.86116 ? 176 LEU A CB  1 
ATOM   1358 C CG  . LEU A 1 176 ? -3.52209  -4.98572  6.11768   1.000 15.09601 ? 176 LEU A CG  1 
ATOM   1359 C CD1 . LEU A 1 176 ? -3.31403  -4.25471  7.43836   1.000 17.77560 ? 176 LEU A CD1 1 
ATOM   1360 C CD2 . LEU A 1 176 ? -2.30835  -4.88985  5.26201   1.000 17.08327 ? 176 LEU A CD2 1 
ATOM   1361 N N   . PHE A 1 177 ? -6.93187  -7.02485  5.44111   1.000 17.98139 ? 177 PHE A N   1 
ATOM   1362 C CA  . PHE A 1 177 ? -7.91277  -6.52369  4.48853   1.000 17.74301 ? 177 PHE A CA  1 
ATOM   1363 C C   . PHE A 1 177 ? -9.32885  -7.06874  4.67904   1.000 21.97720 ? 177 PHE A C   1 
ATOM   1364 O O   . PHE A 1 177 ? -10.27321 -6.43524  4.20523   1.000 22.01488 ? 177 PHE A O   1 
ATOM   1365 C CB  . PHE A 1 177 ? -7.50394  -6.88399  3.04591   1.000 16.67851 ? 177 PHE A CB  1 
ATOM   1366 C CG  . PHE A 1 177 ? -6.23686  -6.24623  2.55961   1.000 17.48621 ? 177 PHE A CG  1 
ATOM   1367 C CD1 . PHE A 1 177 ? -5.80063  -5.04593  3.06551   1.000 20.18909 ? 177 PHE A CD1 1 
ATOM   1368 C CD2 . PHE A 1 177 ? -5.49912  -6.84815  1.54715   1.000 18.31687 ? 177 PHE A CD2 1 
ATOM   1369 C CE1 . PHE A 1 177 ? -4.61987  -4.43372  2.53735   1.000 19.83696 ? 177 PHE A CE1 1 
ATOM   1370 C CE2 . PHE A 1 177 ? -4.34301  -6.23653  0.99868   1.000 19.14133 ? 177 PHE A CE2 1 
ATOM   1371 C CZ  . PHE A 1 177 ? -3.90709  -5.01731  1.54465   1.000 22.40139 ? 177 PHE A CZ  1 
ATOM   1372 N N   . ARG A 1 178 ? -9.48321  -8.23110  5.29668   1.000 23.03917 ? 178 ARG A N   1 
ATOM   1373 C CA  . ARG A 1 178 ? -10.77618 -8.89090  5.42749   1.000 26.33498 ? 178 ARG A CA  1 
ATOM   1374 C C   . ARG A 1 178 ? -11.23990 -8.80930  6.88296   1.000 39.87833 ? 178 ARG A C   1 
ATOM   1375 O O   . ARG A 1 178 ? -10.54256 -8.32346  7.78555   1.000 34.97650 ? 178 ARG A O   1 
ATOM   1376 C CB  . ARG A 1 178 ? -10.67624 -10.34577 4.94152   1.000 25.99176 ? 178 ARG A CB  1 
ATOM   1377 C CG  . ARG A 1 178 ? -10.60352 -10.52215 3.43139   1.000 29.52183 ? 178 ARG A CG  1 
ATOM   1378 C CD  . ARG A 1 178 ? -12.03561 -10.55189 2.84170   1.000 43.58678 ? 178 ARG A CD  1 
ATOM   1379 N NE  . ARG A 1 178 ? -12.07305 -10.76674 1.40481   1.000 45.53997 ? 178 ARG A NE  1 
ATOM   1380 C CZ  . ARG A 1 178 ? -13.00832 -10.27614 0.58782   1.000 44.82817 ? 178 ARG A CZ  1 
ATOM   1381 N NH1 . ARG A 1 178 ? -12.96149 -10.51841 -0.71474  1.000 45.96251 ? 178 ARG A NH1 1 
ATOM   1382 N NH2 . ARG A 1 178 ? -13.98445 -9.52840  1.05684   1.000 43.00923 ? 178 ARG A NH2 1 
ATOM   1383 N N   . ASN A 1 179 ? -12.46526 -9.23722  7.12365   1.000 42.47363 ? 179 ASN A N   1 
ATOM   1384 C CA  . ASN A 1 179 ? -12.90572 -9.26910  8.50692   1.000 53.35722 ? 179 ASN A CA  1 
ATOM   1385 C C   . ASN A 1 179 ? -13.34096 -10.69043 8.86901   1.000 64.44172 ? 179 ASN A C   1 
ATOM   1386 O O   . ASN A 1 179 ? -12.57303 -11.41341 9.50591   1.000 69.13374 ? 179 ASN A O   1 
ATOM   1387 C CB  . ASN A 1 179 ? -14.00324 -8.23995  8.73140   1.000 57.24942 ? 179 ASN A CB  1 
ATOM   1388 C CG  . ASN A 1 179 ? -13.49223 -6.80863  8.57938   1.000 54.90791 ? 179 ASN A CG  1 
ATOM   1389 O OD1 . ASN A 1 179 ? -12.92548 -6.23653  9.51382   1.000 60.46839 ? 179 ASN A OD1 1 
ATOM   1390 N ND2 . ASN A 1 179 ? -13.69553 -6.22659  7.40467   1.000 46.22570 ? 179 ASN A ND2 1 
ATOM   1391 O OXT . ASN A 1 179 ? -14.41283 -11.17165 8.50593   1.000 69.15333 ? 179 ASN A OXT 1 
HETATM 1392 C C1  . GOL B 2 .   ? -7.78344  9.98427   4.08785   1.000 38.64274 ? 201 GOL A C1  1 
HETATM 1393 O O1  . GOL B 2 .   ? -7.40103  8.65930   4.32714   1.000 35.20006 ? 201 GOL A O1  1 
HETATM 1394 C C2  . GOL B 2 .   ? -9.29669  9.95401   4.00499   1.000 23.47438 ? 201 GOL A C2  1 
HETATM 1395 O O2  . GOL B 2 .   ? -9.62400  9.55510   2.67737   1.000 22.73032 ? 201 GOL A O2  1 
HETATM 1396 C C3  . GOL B 2 .   ? -9.63157  8.80510   4.94227   1.000 24.28061 ? 201 GOL A C3  1 
HETATM 1397 O O3  . GOL B 2 .   ? -10.98071 8.67050   5.04000   1.000 24.57428 ? 201 GOL A O3  1 
HETATM 1398 C C1  . GOL C 2 .   ? -13.63823 4.75804   -3.69383  1.000 54.10071 ? 202 GOL A C1  1 
HETATM 1399 O O1  . GOL C 2 .   ? -13.55359 5.36841   -4.95631  1.000 60.56342 ? 202 GOL A O1  1 
HETATM 1400 C C2  . GOL C 2 .   ? -12.95222 5.75883   -2.77670  1.000 51.95382 ? 202 GOL A C2  1 
HETATM 1401 O O2  . GOL C 2 .   ? -13.83549 6.79373   -2.40881  1.000 57.03719 ? 202 GOL A O2  1 
HETATM 1402 C C3  . GOL C 2 .   ? -12.35791 5.07926   -1.54476  1.000 37.28941 ? 202 GOL A C3  1 
HETATM 1403 O O3  . GOL C 2 .   ? -11.78943 3.82408   -1.85865  1.000 32.59905 ? 202 GOL A O3  1 
HETATM 1404 C C1  . GOL D 2 .   ? 8.62658   -2.19397  -5.30740  1.000 59.82470 ? 203 GOL A C1  1 
HETATM 1405 O O1  . GOL D 2 .   ? 8.91667   -1.01744  -4.58799  1.000 62.71819 ? 203 GOL A O1  1 
HETATM 1406 C C2  . GOL D 2 .   ? 9.73208   -2.57028  -6.29892  1.000 63.64898 ? 203 GOL A C2  1 
HETATM 1407 O O2  . GOL D 2 .   ? 10.84502  -3.14710  -5.65549  1.000 65.18493 ? 203 GOL A O2  1 
HETATM 1408 C C3  . GOL D 2 .   ? 9.16592   -3.58167  -7.28691  1.000 58.17450 ? 203 GOL A C3  1 
HETATM 1409 O O3  . GOL D 2 .   ? 9.99865   -3.59859  -8.40659  1.000 65.69443 ? 203 GOL A O3  1 
HETATM 1410 C C1  . GOL E 2 .   ? -5.74192  13.98255  0.38468   1.000 54.11353 ? 204 GOL A C1  1 
HETATM 1411 O O1  . GOL E 2 .   ? -6.51839  13.23363  -0.51451  1.000 52.29452 ? 204 GOL A O1  1 
HETATM 1412 C C2  . GOL E 2 .   ? -5.92156  13.44046  1.79994   1.000 54.36089 ? 204 GOL A C2  1 
HETATM 1413 O O2  . GOL E 2 .   ? -7.26695  13.43316  2.18672   1.000 57.11648 ? 204 GOL A O2  1 
HETATM 1414 C C3  . GOL E 2 .   ? -5.63776  11.96746  1.74961   1.000 53.12874 ? 204 GOL A C3  1 
HETATM 1415 O O3  . GOL E 2 .   ? -6.82364  11.35289  1.38218   1.000 52.18168 ? 204 GOL A O3  1 
HETATM 1416 C C1  . GOL F 2 .   ? -6.07367  -16.98670 3.89330   1.000 56.20284 ? 205 GOL A C1  1 
HETATM 1417 O O1  . GOL F 2 .   ? -5.42428  -17.10170 2.65868   1.000 60.20417 ? 205 GOL A O1  1 
HETATM 1418 C C2  . GOL F 2 .   ? -7.34410  -17.82543 3.94132   1.000 53.52950 ? 205 GOL A C2  1 
HETATM 1419 O O2  . GOL F 2 .   ? -7.00907  -19.16944 3.75017   1.000 53.86378 ? 205 GOL A O2  1 
HETATM 1420 C C3  . GOL F 2 .   ? -7.97362  -17.64501 5.31908   1.000 59.69413 ? 205 GOL A C3  1 
HETATM 1421 O O3  . GOL F 2 .   ? -9.33387  -17.97688 5.27403   1.000 59.36089 ? 205 GOL A O3  1 
HETATM 1422 O O   . HOH G 3 .   ? -13.29642 4.30728   -6.82467  1.000 46.33098 ? 301 HOH A O   1 
HETATM 1423 O O   . HOH G 3 .   ? 14.06709  5.85548   7.47716   1.000 44.44654 ? 302 HOH A O   1 
HETATM 1424 O O   . HOH G 3 .   ? 1.83473   15.26569  -4.21495  1.000 31.70679 ? 303 HOH A O   1 
HETATM 1425 O O   . HOH G 3 .   ? -3.27680  4.37851   -16.63892 1.000 36.50612 ? 304 HOH A O   1 
HETATM 1426 O O   . HOH G 3 .   ? 6.14883   -6.25874  21.95501  1.000 51.76321 ? 305 HOH A O   1 
HETATM 1427 O O   . HOH G 3 .   ? 9.67860   0.61186   14.91796  1.000 40.93617 ? 306 HOH A O   1 
HETATM 1428 O O   . HOH G 3 .   ? 3.92977   18.88143  -1.49294  1.000 74.22931 ? 307 HOH A O   1 
HETATM 1429 O O   . HOH G 3 .   ? 10.53206  -2.89983  -10.62942 1.000 45.00901 ? 308 HOH A O   1 
HETATM 1430 O O   . HOH G 3 .   ? -0.74366  11.79007  11.33363  1.000 26.58893 ? 309 HOH A O   1 
HETATM 1431 O O   . HOH G 3 .   ? 8.90286   -12.06380 -7.72303  1.000 39.25908 ? 310 HOH A O   1 
HETATM 1432 O O   . HOH G 3 .   ? -4.69270  -15.58831 -4.38653  1.000 23.00550 ? 311 HOH A O   1 
HETATM 1433 O O   . HOH G 3 .   ? -16.49489 6.19405   11.56777  1.000 26.06659 ? 312 HOH A O   1 
HETATM 1434 O O   . HOH G 3 .   ? 6.34043   -0.72084  -3.91872  1.000 28.13216 ? 313 HOH A O   1 
HETATM 1435 O O   . HOH G 3 .   ? 13.02320  5.77340   12.36662  1.000 37.66941 ? 314 HOH A O   1 
HETATM 1436 O O   . HOH G 3 .   ? -8.44121  1.56035   -20.45848 1.000 41.48839 ? 315 HOH A O   1 
HETATM 1437 O O   . HOH G 3 .   ? 10.95813  -4.97493  -1.67525  1.000 41.52368 ? 316 HOH A O   1 
HETATM 1438 O O   . HOH G 3 .   ? 4.79387   16.47859  -1.55729  1.000 43.98851 ? 317 HOH A O   1 
HETATM 1439 O O   . HOH G 3 .   ? -5.01217  -2.67352  10.51868  1.000 34.63674 ? 318 HOH A O   1 
HETATM 1440 O O   . HOH G 3 .   ? 8.19119   -15.28585 0.73524   1.000 42.89771 ? 319 HOH A O   1 
HETATM 1441 O O   . HOH G 3 .   ? -10.36631 -9.39472  -3.44923  1.000 26.32771 ? 320 HOH A O   1 
HETATM 1442 O O   . HOH G 3 .   ? -10.30721 -4.45050  -20.48079 1.000 51.03392 ? 321 HOH A O   1 
HETATM 1443 O O   . HOH G 3 .   ? 6.98642   -11.67903 13.66001  1.000 43.82805 ? 322 HOH A O   1 
HETATM 1444 O O   . HOH G 3 .   ? 3.08928   12.02019  -11.17823 1.000 36.94564 ? 323 HOH A O   1 
HETATM 1445 O O   . HOH G 3 .   ? -7.93147  -5.84855  11.24152  1.000 51.83690 ? 324 HOH A O   1 
HETATM 1446 O O   . HOH G 3 .   ? 6.91644   13.11736  0.61939   1.000 23.79405 ? 325 HOH A O   1 
HETATM 1447 O O   . HOH G 3 .   ? -10.80588 -1.65484  -6.94708  1.000 16.58607 ? 326 HOH A O   1 
HETATM 1448 O O   . HOH G 3 .   ? -7.05513  6.66108   -16.78840 1.000 46.95737 ? 327 HOH A O   1 
HETATM 1449 O O   . HOH G 3 .   ? 4.34288   -11.65863 10.62371  1.000 34.94687 ? 328 HOH A O   1 
HETATM 1450 O O   . HOH G 3 .   ? 4.35278   -0.72835  21.08104  1.000 49.43673 ? 329 HOH A O   1 
HETATM 1451 O O   . HOH G 3 .   ? 3.94729   16.77219  -8.38381  1.000 23.92566 ? 330 HOH A O   1 
HETATM 1452 O O   . HOH G 3 .   ? -2.55584  14.81073  -4.52961  1.000 33.69489 ? 331 HOH A O   1 
HETATM 1453 O O   . HOH G 3 .   ? 3.64241   -9.32265  9.24952   1.000 20.59576 ? 332 HOH A O   1 
HETATM 1454 O O   . HOH G 3 .   ? 16.68943  5.51249   -0.01732  1.000 37.60301 ? 333 HOH A O   1 
HETATM 1455 O O   . HOH G 3 .   ? -2.97543  8.45909   -15.27450 1.000 48.60289 ? 334 HOH A O   1 
HETATM 1456 O O   . HOH G 3 .   ? 9.44201   16.52214  10.79388  1.000 37.55992 ? 335 HOH A O   1 
HETATM 1457 O O   . HOH G 3 .   ? 1.44523   -18.08172 2.12748   1.000 38.24053 ? 336 HOH A O   1 
HETATM 1458 O O   . HOH G 3 .   ? -12.96391 -6.26522  4.79570   1.000 30.64450 ? 337 HOH A O   1 
HETATM 1459 O O   . HOH G 3 .   ? -13.50487 -8.09225  -4.63670  1.000 32.59200 ? 338 HOH A O   1 
HETATM 1460 O O   . HOH G 3 .   ? 3.35186   -14.37812 9.79326   1.000 49.51294 ? 339 HOH A O   1 
HETATM 1461 O O   . HOH G 3 .   ? 5.08241   17.38332  8.71937   1.000 96.70544 ? 340 HOH A O   1 
HETATM 1462 O O   . HOH G 3 .   ? -17.85096 11.64789  6.91170   1.000 29.04351 ? 341 HOH A O   1 
HETATM 1463 O O   . HOH G 3 .   ? -15.14369 -4.50494  4.47944   1.000 28.98295 ? 342 HOH A O   1 
HETATM 1464 O O   . HOH G 3 .   ? -9.11618  -1.07809  -22.08540 1.000 51.22048 ? 343 HOH A O   1 
HETATM 1465 O O   . HOH G 3 .   ? 6.40745   -12.94544 -15.02293 1.000 41.99362 ? 344 HOH A O   1 
HETATM 1466 O O   . HOH G 3 .   ? 16.22952  10.53437  5.20607   1.000 37.70889 ? 345 HOH A O   1 
HETATM 1467 O O   . HOH G 3 .   ? -6.43383  12.93469  5.51495   1.000 22.08835 ? 346 HOH A O   1 
HETATM 1468 O O   . HOH G 3 .   ? -3.29248  -12.61510 -4.92518  1.000 20.73555 ? 347 HOH A O   1 
HETATM 1469 O O   . HOH G 3 .   ? 10.38600  -11.30073 3.63433   1.000 27.61106 ? 348 HOH A O   1 
HETATM 1470 O O   . HOH G 3 .   ? 9.85502   -2.81895  6.96923   1.000 24.90841 ? 349 HOH A O   1 
HETATM 1471 O O   . HOH G 3 .   ? 12.51227  -2.26243  0.70072   1.000 47.98118 ? 350 HOH A O   1 
HETATM 1472 O O   . HOH G 3 .   ? 5.77311   13.55337  10.77063  1.000 31.30040 ? 351 HOH A O   1 
HETATM 1473 O O   . HOH G 3 .   ? 11.48180  6.82823   -4.78481  1.000 37.47024 ? 352 HOH A O   1 
HETATM 1474 O O   . HOH G 3 .   ? -7.94372  -9.76426  -5.14134  1.000 33.04371 ? 353 HOH A O   1 
HETATM 1475 O O   . HOH G 3 .   ? 16.44330  7.81863   5.16239   1.000 45.97833 ? 354 HOH A O   1 
HETATM 1476 O O   . HOH G 3 .   ? -10.24875 -4.20011  -18.24782 1.000 35.84551 ? 355 HOH A O   1 
HETATM 1477 O O   . HOH G 3 .   ? 10.36611  -12.30618 8.43407   1.000 26.41061 ? 356 HOH A O   1 
HETATM 1478 O O   . HOH G 3 .   ? 5.24143   -2.00410  -10.62076 1.000 27.51499 ? 357 HOH A O   1 
HETATM 1479 O O   . HOH G 3 .   ? 8.13738   -0.21603  -2.03609  1.000 32.20714 ? 358 HOH A O   1 
HETATM 1480 O O   . HOH G 3 .   ? -14.27094 -1.15908  -13.46823 1.000 37.34512 ? 359 HOH A O   1 
HETATM 1481 O O   . HOH G 3 .   ? 16.97635  6.76179   3.30171   1.000 43.01686 ? 360 HOH A O   1 
HETATM 1482 O O   . HOH G 3 .   ? 14.09164  12.02763  14.00233  1.000 34.40305 ? 361 HOH A O   1 
HETATM 1483 O O   . HOH G 3 .   ? -3.82326  -12.85123 7.68955   1.000 24.88097 ? 362 HOH A O   1 
HETATM 1484 O O   . HOH G 3 .   ? -14.30365 -8.18825  3.53159   1.000 36.09041 ? 363 HOH A O   1 
HETATM 1485 O O   . HOH G 3 .   ? 7.62325   11.99168  16.42396  1.000 44.48092 ? 364 HOH A O   1 
HETATM 1486 O O   . HOH G 3 .   ? -13.19253 1.87379   -10.35105 1.000 36.69924 ? 365 HOH A O   1 
HETATM 1487 O O   . HOH G 3 .   ? -7.54827  -15.81646 -3.90406  1.000 20.77622 ? 366 HOH A O   1 
HETATM 1488 O O   . HOH G 3 .   ? 10.71877  -5.51429  10.99660  1.000 26.98890 ? 367 HOH A O   1 
HETATM 1489 O O   . HOH G 3 .   ? -4.03518  -14.17625 4.04596   1.000 51.97113 ? 368 HOH A O   1 
HETATM 1490 O O   . HOH G 3 .   ? 8.87064   11.59653  -8.48415  1.000 37.57466 ? 369 HOH A O   1 
HETATM 1491 O O   . HOH G 3 .   ? -3.53224  17.25248  -8.99211  1.000 43.22027 ? 370 HOH A O   1 
HETATM 1492 O O   . HOH G 3 .   ? -2.67012  14.57084  -12.58573 1.000 34.15112 ? 371 HOH A O   1 
HETATM 1493 O O   . HOH G 3 .   ? -9.39848  13.18744  -11.79171 1.000 36.32518 ? 372 HOH A O   1 
HETATM 1494 O O   . HOH G 3 .   ? 8.33419   5.99095   -14.82359 1.000 43.96842 ? 373 HOH A O   1 
HETATM 1495 O O   . HOH G 3 .   ? -3.93755  -5.75105  -21.64512 1.000 39.36662 ? 374 HOH A O   1 
HETATM 1496 O O   . HOH G 3 .   ? 0.83556   15.90313  -11.63580 1.000 30.09061 ? 375 HOH A O   1 
HETATM 1497 O O   . HOH G 3 .   ? 3.68366   -12.18600 19.62917  1.000 61.48720 ? 376 HOH A O   1 
HETATM 1498 O O   . HOH G 3 .   ? -1.55302  -0.40923  -20.48779 1.000 47.03132 ? 377 HOH A O   1 
HETATM 1499 O O   . HOH G 3 .   ? 2.50642   -11.58625 4.56585   1.000 24.24948 ? 378 HOH A O   1 
HETATM 1500 O O   . HOH G 3 .   ? -13.52015 -1.88453  10.38372  1.000 45.88841 ? 379 HOH A O   1 
HETATM 1501 O O   . HOH G 3 .   ? -8.61751  -10.87607 -9.15329  1.000 23.78220 ? 380 HOH A O   1 
HETATM 1502 O O   . HOH G 3 .   ? 5.04951   -9.00991  12.95382  1.000 28.74000 ? 381 HOH A O   1 
HETATM 1503 O O   . HOH G 3 .   ? -16.94397 -5.05453  -9.49096  1.000 37.73395 ? 382 HOH A O   1 
HETATM 1504 O O   . HOH G 3 .   ? -5.67782  11.14853  -14.24810 1.000 33.56315 ? 383 HOH A O   1 
HETATM 1505 O O   . HOH G 3 .   ? 14.28176  -7.55521  0.43737   1.000 48.11381 ? 384 HOH A O   1 
HETATM 1506 O O   . HOH G 3 .   ? -4.58934  11.38500  4.51669   1.000 21.51944 ? 385 HOH A O   1 
HETATM 1507 O O   . HOH G 3 .   ? -4.42869  8.77886   4.01786   1.000 19.44617 ? 386 HOH A O   1 
HETATM 1508 O O   . HOH G 3 .   ? 11.57545  -3.92389  3.90839   1.000 31.09115 ? 387 HOH A O   1 
HETATM 1509 O O   . HOH G 3 .   ? -9.71310  -10.74604 9.30782   1.000 49.58731 ? 388 HOH A O   1 
HETATM 1510 O O   . HOH G 3 .   ? -11.98652 10.27204  -4.29649  1.000 32.60434 ? 389 HOH A O   1 
HETATM 1511 O O   . HOH G 3 .   ? -16.69673 8.84589   0.78906   1.000 59.36938 ? 390 HOH A O   1 
HETATM 1512 O O   . HOH G 3 .   ? 3.96102   -4.08687  15.02584  1.000 20.71943 ? 391 HOH A O   1 
HETATM 1513 O O   . HOH G 3 .   ? 13.55456  -8.49289  2.54252   1.000 32.99071 ? 392 HOH A O   1 
HETATM 1514 O O   . HOH G 3 .   ? -8.37913  14.30959  -3.31620  1.000 48.86833 ? 393 HOH A O   1 
HETATM 1515 O O   . HOH G 3 .   ? -5.36072  10.34728  12.25743  1.000 28.05695 ? 394 HOH A O   1 
HETATM 1516 O O   . HOH G 3 .   ? 5.51316   1.77822   21.34768  1.000 35.75603 ? 395 HOH A O   1 
HETATM 1517 O O   . HOH G 3 .   ? -7.74164  -13.38480 -3.09867  1.000 27.69396 ? 396 HOH A O   1 
HETATM 1518 O O   . HOH G 3 .   ? -0.78394  -8.97579  -18.28811 1.000 54.69738 ? 397 HOH A O   1 
HETATM 1519 O O   . HOH G 3 .   ? 2.04467   -16.23386 0.33927   1.000 32.58973 ? 398 HOH A O   1 
HETATM 1520 O O   . HOH G 3 .   ? 2.03824   21.97832  2.81196   1.000 45.21221 ? 399 HOH A O   1 
HETATM 1521 O O   . HOH G 3 .   ? 12.90528  2.92575   6.27328   1.000 26.62766 ? 400 HOH A O   1 
HETATM 1522 O O   . HOH G 3 .   ? 7.31495   7.32032   -10.60278 1.000 36.79406 ? 401 HOH A O   1 
HETATM 1523 O O   . HOH G 3 .   ? 9.42798   5.08156   -5.12521  1.000 43.17270 ? 402 HOH A O   1 
HETATM 1524 O O   . HOH G 3 .   ? -15.54794 3.85908   1.98502   1.000 43.22797 ? 403 HOH A O   1 
HETATM 1525 O O   . HOH G 3 .   ? 8.13869   -14.67107 -4.54354  1.000 32.58161 ? 404 HOH A O   1 
HETATM 1526 O O   . HOH G 3 .   ? 4.19019   -9.05400  -19.05821 1.000 45.80986 ? 405 HOH A O   1 
HETATM 1527 O O   . HOH G 3 .   ? -14.69509 -10.32812 5.32210   1.000 48.32398 ? 406 HOH A O   1 
HETATM 1528 O O   . HOH G 3 .   ? -5.69868  -5.78663  11.52175  1.000 42.34428 ? 407 HOH A O   1 
HETATM 1529 O O   . HOH G 3 .   ? 10.30142  16.75852  5.82479   1.000 36.89564 ? 408 HOH A O   1 
HETATM 1530 O O   . HOH G 3 .   ? 11.57799  17.05988  8.81529   1.000 31.45288 ? 409 HOH A O   1 
HETATM 1531 O O   . HOH G 3 .   ? 8.14240   10.35882  18.50349  1.000 46.25491 ? 410 HOH A O   1 
HETATM 1532 O O   . HOH G 3 .   ? 8.67988   2.09256   -4.32817  1.000 41.03386 ? 411 HOH A O   1 
HETATM 1533 O O   . HOH G 3 .   ? 11.20905  -8.11323  -5.71455  1.000 48.80987 ? 412 HOH A O   1 
HETATM 1534 O O   . HOH G 3 .   ? 14.10683  3.74346   -1.58579  1.000 38.88775 ? 413 HOH A O   1 
HETATM 1535 O O   . HOH G 3 .   ? -18.96751 -2.88061  -5.83228  1.000 41.85156 ? 414 HOH A O   1 
HETATM 1536 O O   . HOH G 3 .   ? 5.73993   6.38001   18.66615  1.000 52.80429 ? 415 HOH A O   1 
HETATM 1537 O O   . HOH G 3 .   ? -14.76267 -12.07262 -3.86777  1.000 48.02592 ? 416 HOH A O   1 
HETATM 1538 O O   . HOH G 3 .   ? -15.69119 -3.66662  6.92883   1.000 45.29928 ? 417 HOH A O   1 
HETATM 1539 O O   . HOH G 3 .   ? 15.68239  3.40815   6.64190   1.000 45.50191 ? 418 HOH A O   1 
HETATM 1540 O O   . HOH G 3 .   ? -4.96073  15.14217  -2.79377  1.000 33.21984 ? 419 HOH A O   1 
HETATM 1541 O O   . HOH G 3 .   ? -8.63018  9.23921   -17.44752 1.000 50.92655 ? 420 HOH A O   1 
HETATM 1542 O O   . HOH G 3 .   ? -3.70034  12.82535  -14.60894 1.000 44.10520 ? 421 HOH A O   1 
HETATM 1543 O O   . HOH G 3 .   ? 7.75047   -15.60381 -7.24700  1.000 55.06574 ? 422 HOH A O   1 
HETATM 1544 O O   . HOH G 3 .   ? 0.48134   -13.68972 17.45094  1.000 67.35896 ? 423 HOH A O   1 
HETATM 1545 O O   . HOH G 3 .   ? 14.58998  9.02795   -7.67262  1.000 49.89183 ? 424 HOH A O   1 
HETATM 1546 O O   . HOH G 3 .   ? -13.48671 -13.44809 3.35676   1.000 42.51736 ? 425 HOH A O   1 
HETATM 1547 O O   . HOH G 3 .   ? -0.19318  19.30219  -9.99679  1.000 37.33822 ? 426 HOH A O   1 
HETATM 1548 O O   . HOH G 3 .   ? -4.67121  -15.03565 9.65506   1.000 47.55680 ? 427 HOH A O   1 
HETATM 1549 O O   . HOH G 3 .   ? -10.79420 11.07200  -6.70005  1.000 49.30994 ? 428 HOH A O   1 
HETATM 1550 O O   . HOH G 3 .   ? 15.64608  6.46097   -8.04290  1.000 51.51452 ? 429 HOH A O   1 
HETATM 1551 O O   . HOH G 3 .   ? 1.81063   1.51439   -21.02715 1.000 49.99595 ? 430 HOH A O   1 
HETATM 1552 O O   . HOH G 3 .   ? 12.43308  5.19788   9.59578   1.000 32.73492 ? 431 HOH A O   1 
HETATM 1553 O O   . HOH G 3 .   ? 14.88700  9.40033   14.84507  1.000 41.50030 ? 432 HOH A O   1 
HETATM 1554 O O   . HOH G 3 .   ? -1.09587  20.90085  0.45820   1.000 60.40215 ? 433 HOH A O   1 
HETATM 1555 O O   . HOH G 3 .   ? -17.65021 3.14148   6.43806   1.000 76.33326 ? 434 HOH A O   1 
HETATM 1556 O O   . HOH G 3 .   ? -16.67303 3.73908   4.01730   1.000 57.71392 ? 435 HOH A O   1 
HETATM 1557 O O   . HOH G 3 .   ? 11.16904  11.17734  -6.52868  1.000 47.71339 ? 436 HOH A O   1 
HETATM 1558 O O   . HOH G 3 .   ? 0.18123   -22.77522 0.67017   1.000 49.47519 ? 437 HOH A O   1 
HETATM 1559 O O   . HOH G 3 .   ? 12.08249  8.21455   -6.92674  1.000 44.82001 ? 438 HOH A O   1 
HETATM 1560 O O   . HOH G 3 .   ? 11.03718  11.29134  -10.04898 1.000 36.05078 ? 439 HOH A O   1 
HETATM 1561 O O   . HOH G 3 .   ? -17.41069 7.90671   3.11381   1.000 50.54743 ? 440 HOH A O   1 
HETATM 1562 O O   . HOH G 3 .   ? -17.27053 -5.04441  2.77597   1.000 40.50172 ? 441 HOH A O   1 
HETATM 1563 O O   . HOH G 3 .   ? 9.41710   -13.92083 -1.44957  1.000 53.77357 ? 442 HOH A O   1 
HETATM 1564 O O   . HOH G 3 .   ? 13.54188  4.66112   -3.99564  1.000 44.17123 ? 443 HOH A O   1 
HETATM 1565 O O   . HOH G 3 .   ? 16.02285  8.18284   13.14828  1.000 56.53215 ? 444 HOH A O   1 
HETATM 1566 O O   . HOH G 3 .   ? 17.80540  5.57739   5.05058   1.000 65.75088 ? 445 HOH A O   1 
HETATM 1567 O O   . HOH G 3 .   ? 4.82022   -9.82309  21.70547  1.000 59.74681 ? 446 HOH A O   1 
HETATM 1568 O O   . HOH G 3 .   ? -3.83332  -8.45903  -21.08363 1.000 48.23818 ? 447 HOH A O   1 
HETATM 1569 O O   . HOH G 3 .   ? 11.54451  2.46690   8.37481   1.000 43.43428 ? 448 HOH A O   1 
HETATM 1570 O O   . HOH G 3 .   ? 12.01423  0.56571   10.05103  1.000 49.12821 ? 449 HOH A O   1 
# 
